data_9JOW
#
_entry.id   9JOW
#
_cell.length_a   1.00
_cell.length_b   1.00
_cell.length_c   1.00
_cell.angle_alpha   90.00
_cell.angle_beta   90.00
_cell.angle_gamma   90.00
#
_symmetry.space_group_name_H-M   'P 1'
#
loop_
_entity.id
_entity.type
_entity.pdbx_description
1 polymer 'Chloride pumping rhodopsin'
2 non-polymer RETINAL
3 non-polymer (3~{S},4~{Z},6~{E},8~{Z},10~{E},12~{E},14~{E},16~{E},18~{E},20~{E},22~{E},24~{E})-2,6,10,14,19,23-hexamethyl-25-[(4~{R})-2,6,6-trimethyl-4-oxidanyl-cyclohexen-1-yl]pentacosa-4,6,8,10,12,14,16,18,20,22,24-undecaene-2,3-diol
4 non-polymer 'CHLORIDE ION'
5 non-polymer 1,2-DIACYL-SN-GLYCERO-3-PHOSPHOCHOLINE
6 non-polymer 'DIUNDECYL PHOSPHATIDYL CHOLINE'
7 non-polymer HEXADECANE
8 non-polymer Octadecane
9 non-polymer DODECANE
10 non-polymer TETRADECANE
11 non-polymer DECANE
12 water water
#
_entity_poly.entity_id   1
_entity_poly.type   'polypeptide(L)'
_entity_poly.pdbx_seq_one_letter_code
;GSSGSSGMKNIESLFDYSAGQFEFIDHLLTMGVGVHFAALIFFLVVSQFVAPKYRIATALSCIVMVSAGLILNSQAVMWT
DAYAYVDGSYQLQDLTFSNGYRYVNWMATIPCLLLQLLIVLNLKGKELFSTATWLILAAWGMIITGYVGQLYEVDDIAQL
MIWGAVSTAFFVVMNWIVGTKIFKNRATMLGGTDSTITKVFWLMMFAWTLYPIAYLVPAFMNNADGVVLRQLLFTIADIS
SKVIYGLMITYIAIQQSAAAGYVPAQQALGRIGMDSKAA
;
_entity_poly.pdbx_strand_id   A,B,C,D,E
#
loop_
_chem_comp.id
_chem_comp.type
_chem_comp.name
_chem_comp.formula
8K6 non-polymer Octadecane 'C18 H38'
A1L4O non-polymer (3~{S},4~{Z},6~{E},8~{Z},10~{E},12~{E},14~{E},16~{E},18~{E},20~{E},22~{E},24~{E})-2,6,10,14,19,23-hexamethyl-25-[(4~{R})-2,6,6-trimethyl-4-oxidanyl-cyclohexen-1-yl]pentacosa-4,6,8,10,12,14,16,18,20,22,24-undecaene-2,3-diol 'C40 H56 O3'
C14 non-polymer TETRADECANE 'C14 H30'
CL non-polymer 'CHLORIDE ION' 'Cl -1'
D10 non-polymer DECANE 'C10 H22'
D12 non-polymer DODECANE 'C12 H26'
PC1 non-polymer 1,2-DIACYL-SN-GLYCERO-3-PHOSPHOCHOLINE 'C44 H88 N O8 P'
PLC non-polymer 'DIUNDECYL PHOSPHATIDYL CHOLINE' 'C32 H65 N O8 P 1'
R16 non-polymer HEXADECANE 'C16 H34'
RET non-polymer RETINAL 'C20 H28 O'
#
# COMPACT_ATOMS: atom_id res chain seq x y z
N GLY A 7 0.61 -35.57 -14.57
CA GLY A 7 0.00 -34.26 -14.83
C GLY A 7 0.79 -33.11 -14.19
N MET A 8 1.05 -33.22 -12.88
CA MET A 8 1.73 -32.21 -12.09
C MET A 8 3.23 -32.10 -12.43
N LYS A 9 3.76 -30.89 -12.23
CA LYS A 9 5.15 -30.60 -12.47
C LYS A 9 5.99 -30.62 -11.19
N ASN A 10 5.40 -30.30 -10.04
CA ASN A 10 6.18 -30.17 -8.82
C ASN A 10 5.65 -31.18 -7.81
N ILE A 11 6.53 -31.67 -6.95
CA ILE A 11 6.13 -32.67 -5.98
C ILE A 11 5.29 -32.08 -4.86
N GLU A 12 5.36 -30.79 -4.59
CA GLU A 12 4.43 -30.19 -3.63
C GLU A 12 3.02 -30.70 -3.89
N SER A 13 2.63 -30.76 -5.17
CA SER A 13 1.25 -31.09 -5.55
C SER A 13 0.96 -32.60 -5.48
N LEU A 14 1.95 -33.44 -5.20
CA LEU A 14 1.69 -34.87 -5.13
C LEU A 14 1.20 -35.36 -3.77
N PHE A 15 1.46 -34.61 -2.69
CA PHE A 15 1.23 -35.16 -1.36
C PHE A 15 0.04 -34.52 -0.63
N ASP A 16 -0.37 -35.23 0.42
CA ASP A 16 -1.20 -34.74 1.50
C ASP A 16 -0.28 -34.34 2.64
N TYR A 17 -0.77 -33.43 3.49
CA TYR A 17 0.07 -32.92 4.55
C TYR A 17 -0.74 -33.02 5.83
N SER A 18 -0.07 -33.39 6.93
CA SER A 18 -0.61 -33.22 8.26
C SER A 18 -0.83 -31.75 8.53
N ALA A 19 -1.74 -31.45 9.48
CA ALA A 19 -1.96 -30.09 9.94
C ALA A 19 -0.66 -29.42 10.40
N GLY A 20 0.21 -30.18 11.04
CA GLY A 20 1.48 -29.65 11.50
C GLY A 20 2.44 -29.33 10.37
N GLN A 21 2.57 -30.23 9.41
CA GLN A 21 3.39 -29.92 8.25
C GLN A 21 2.80 -28.75 7.47
N PHE A 22 1.51 -28.83 7.20
CA PHE A 22 0.89 -27.80 6.41
C PHE A 22 1.01 -26.46 7.13
N GLU A 23 0.88 -26.44 8.46
CA GLU A 23 0.88 -25.16 9.14
C GLU A 23 2.31 -24.59 9.22
N PHE A 24 3.29 -25.46 9.40
CA PHE A 24 4.67 -25.01 9.47
C PHE A 24 5.04 -24.31 8.18
N ILE A 25 4.67 -24.89 7.03
CA ILE A 25 4.99 -24.25 5.77
C ILE A 25 4.28 -22.91 5.66
N ASP A 26 3.01 -22.80 6.06
CA ASP A 26 2.37 -21.50 5.99
C ASP A 26 3.04 -20.48 6.93
N HIS A 27 3.47 -20.93 8.12
CA HIS A 27 4.22 -20.06 9.01
C HIS A 27 5.48 -19.50 8.32
N LEU A 28 6.29 -20.34 7.69
CA LEU A 28 7.49 -19.91 7.01
C LEU A 28 7.18 -18.93 5.88
N LEU A 29 6.27 -19.27 4.98
CA LEU A 29 5.93 -18.37 3.89
C LEU A 29 5.44 -17.04 4.44
N THR A 30 4.64 -17.04 5.49
CA THR A 30 4.07 -15.79 5.91
C THR A 30 5.16 -14.89 6.52
N MET A 31 6.09 -15.44 7.22
CA MET A 31 7.13 -14.66 7.86
C MET A 31 8.01 -14.01 6.79
N GLY A 32 8.44 -14.79 5.83
CA GLY A 32 9.18 -14.28 4.68
C GLY A 32 8.56 -13.03 4.05
N VAL A 33 7.26 -12.98 3.84
CA VAL A 33 6.66 -11.79 3.28
C VAL A 33 6.96 -10.54 4.10
N GLY A 34 6.83 -10.63 5.41
CA GLY A 34 6.93 -9.43 6.22
C GLY A 34 8.37 -9.00 6.48
N VAL A 35 9.29 -9.96 6.60
CA VAL A 35 10.67 -9.58 6.72
C VAL A 35 11.08 -8.79 5.46
N HIS A 36 10.69 -9.22 4.24
CA HIS A 36 11.09 -8.49 3.06
C HIS A 36 10.48 -7.09 3.03
N PHE A 37 9.19 -6.93 3.30
CA PHE A 37 8.62 -5.57 3.32
C PHE A 37 9.14 -4.75 4.47
N ALA A 38 9.49 -5.35 5.59
CA ALA A 38 10.01 -4.56 6.68
C ALA A 38 11.40 -4.05 6.33
N ALA A 39 12.28 -4.92 5.90
CA ALA A 39 13.58 -4.48 5.43
C ALA A 39 13.46 -3.32 4.41
N LEU A 40 12.49 -3.34 3.52
CA LEU A 40 12.29 -2.21 2.65
C LEU A 40 12.27 -0.87 3.43
N ILE A 41 11.40 -0.70 4.40
CA ILE A 41 11.32 0.59 5.11
C ILE A 41 12.71 0.91 5.70
N PHE A 42 13.38 -0.06 6.29
CA PHE A 42 14.67 0.22 6.87
C PHE A 42 15.64 0.78 5.85
N PHE A 43 15.75 0.14 4.67
CA PHE A 43 16.63 0.64 3.62
C PHE A 43 16.27 2.06 3.20
N LEU A 44 15.00 2.41 3.14
CA LEU A 44 14.67 3.78 2.76
C LEU A 44 15.13 4.76 3.83
N VAL A 45 14.81 4.51 5.10
CA VAL A 45 15.25 5.41 6.16
C VAL A 45 16.78 5.58 6.25
N VAL A 46 17.60 4.55 6.11
CA VAL A 46 19.03 4.74 6.31
C VAL A 46 19.72 5.15 5.01
N SER A 47 19.03 5.11 3.87
CA SER A 47 19.67 5.57 2.63
C SER A 47 20.21 7.01 2.74
N GLN A 48 19.65 7.85 3.60
CA GLN A 48 20.15 9.21 3.70
C GLN A 48 21.58 9.30 4.28
N PHE A 49 22.03 8.27 4.95
CA PHE A 49 23.39 8.25 5.45
C PHE A 49 24.37 7.65 4.47
N VAL A 50 23.97 7.32 3.25
CA VAL A 50 24.95 6.79 2.32
C VAL A 50 25.33 7.90 1.39
N ALA A 51 26.60 8.06 1.04
CA ALA A 51 26.94 9.07 0.03
C ALA A 51 26.35 8.73 -1.34
N PRO A 52 25.93 9.71 -2.14
CA PRO A 52 25.35 9.50 -3.47
C PRO A 52 26.08 8.53 -4.40
N LYS A 53 27.41 8.55 -4.37
CA LYS A 53 28.26 7.63 -5.12
C LYS A 53 27.93 6.15 -4.81
N TYR A 54 27.39 5.85 -3.63
CA TYR A 54 27.03 4.49 -3.25
C TYR A 54 25.54 4.30 -3.08
N ARG A 55 24.73 5.33 -3.17
CA ARG A 55 23.33 5.20 -2.82
C ARG A 55 22.57 4.28 -3.80
N ILE A 56 23.07 4.06 -4.99
CA ILE A 56 22.47 3.12 -5.91
C ILE A 56 22.45 1.75 -5.23
N ALA A 57 23.51 1.38 -4.52
CA ALA A 57 23.58 0.08 -3.88
C ALA A 57 22.40 -0.07 -2.92
N THR A 58 22.10 0.95 -2.15
CA THR A 58 20.98 0.84 -1.24
C THR A 58 19.65 0.83 -2.01
N ALA A 59 19.53 1.57 -3.10
CA ALA A 59 18.31 1.54 -3.91
C ALA A 59 18.07 0.15 -4.50
N LEU A 60 19.13 -0.52 -4.96
CA LEU A 60 19.01 -1.85 -5.50
C LEU A 60 18.47 -2.82 -4.42
N SER A 61 18.81 -2.64 -3.15
CA SER A 61 18.20 -3.46 -2.14
C SER A 61 16.69 -3.21 -2.07
N CYS A 62 16.25 -1.98 -2.16
CA CYS A 62 14.81 -1.74 -2.18
C CYS A 62 14.17 -2.50 -3.34
N ILE A 63 14.76 -2.53 -4.54
CA ILE A 63 14.18 -3.33 -5.59
C ILE A 63 13.97 -4.76 -5.14
N VAL A 64 15.07 -5.41 -4.72
CA VAL A 64 15.02 -6.79 -4.30
C VAL A 64 13.98 -6.99 -3.18
N MET A 65 13.90 -6.10 -2.21
CA MET A 65 12.94 -6.37 -1.17
C MET A 65 11.51 -6.37 -1.75
N VAL A 66 11.10 -5.38 -2.55
CA VAL A 66 9.73 -5.33 -3.03
C VAL A 66 9.42 -6.55 -3.90
N SER A 67 10.29 -6.84 -4.85
CA SER A 67 10.09 -7.92 -5.82
C SER A 67 9.96 -9.27 -5.09
N ALA A 68 10.92 -9.64 -4.26
CA ALA A 68 10.85 -10.86 -3.49
C ALA A 68 9.69 -10.86 -2.48
N GLY A 69 9.45 -9.78 -1.81
CA GLY A 69 8.29 -9.73 -0.95
C GLY A 69 6.97 -10.04 -1.65
N LEU A 70 6.75 -9.48 -2.85
CA LEU A 70 5.50 -9.78 -3.56
C LEU A 70 5.42 -11.22 -4.09
N ILE A 71 6.49 -11.86 -4.48
CA ILE A 71 6.46 -13.26 -4.86
C ILE A 71 6.09 -14.05 -3.62
N LEU A 72 6.77 -13.83 -2.50
CA LEU A 72 6.41 -14.61 -1.33
C LEU A 72 4.94 -14.42 -1.04
N ASN A 73 4.45 -13.22 -1.23
CA ASN A 73 3.08 -13.02 -0.81
C ASN A 73 2.14 -13.84 -1.72
N SER A 74 2.47 -13.93 -3.00
CA SER A 74 1.74 -14.78 -3.92
C SER A 74 1.81 -16.24 -3.46
N GLN A 75 3.00 -16.76 -3.20
CA GLN A 75 3.10 -18.16 -2.87
C GLN A 75 2.27 -18.41 -1.62
N ALA A 76 2.28 -17.47 -0.68
CA ALA A 76 1.67 -17.75 0.62
C ALA A 76 0.17 -17.84 0.44
N VAL A 77 -0.38 -17.03 -0.46
CA VAL A 77 -1.81 -17.11 -0.78
C VAL A 77 -2.16 -18.38 -1.54
N MET A 78 -1.31 -18.76 -2.50
CA MET A 78 -1.52 -19.94 -3.28
C MET A 78 -1.53 -21.17 -2.37
N TRP A 79 -0.71 -21.19 -1.32
CA TRP A 79 -0.60 -22.38 -0.48
C TRP A 79 -1.90 -22.64 0.21
N THR A 80 -2.51 -21.58 0.71
CA THR A 80 -3.73 -21.75 1.47
C THR A 80 -4.91 -22.00 0.52
N ASP A 81 -4.79 -21.54 -0.74
CA ASP A 81 -5.84 -21.69 -1.75
C ASP A 81 -5.84 -23.05 -2.43
N ALA A 82 -4.68 -23.62 -2.64
CA ALA A 82 -4.56 -24.91 -3.29
C ALA A 82 -5.03 -26.08 -2.42
N TYR A 83 -4.95 -25.95 -1.06
CA TYR A 83 -5.27 -27.09 -0.21
C TYR A 83 -6.43 -26.84 0.74
N ALA A 84 -7.11 -27.93 1.13
CA ALA A 84 -8.16 -27.84 2.14
C ALA A 84 -8.02 -28.96 3.14
N TYR A 85 -8.46 -28.70 4.37
CA TYR A 85 -8.41 -29.72 5.40
C TYR A 85 -9.63 -30.61 5.25
N VAL A 86 -9.41 -31.92 5.08
CA VAL A 86 -10.47 -32.85 4.70
C VAL A 86 -10.12 -34.26 5.13
N ASP A 87 -10.90 -34.83 6.05
CA ASP A 87 -10.59 -36.15 6.60
C ASP A 87 -9.21 -36.13 7.25
N GLY A 88 -8.98 -35.12 8.09
CA GLY A 88 -7.80 -35.03 8.93
C GLY A 88 -6.46 -34.90 8.18
N SER A 89 -6.50 -34.40 6.94
CA SER A 89 -5.30 -34.04 6.23
C SER A 89 -5.61 -32.91 5.27
N TYR A 90 -4.58 -32.14 4.96
CA TYR A 90 -4.70 -31.15 3.91
C TYR A 90 -4.51 -31.88 2.59
N GLN A 91 -5.42 -31.63 1.64
CA GLN A 91 -5.37 -32.25 0.33
C GLN A 91 -5.57 -31.23 -0.78
N LEU A 92 -4.92 -31.46 -1.92
CA LEU A 92 -5.03 -30.54 -3.04
C LEU A 92 -6.48 -30.45 -3.50
N GLN A 93 -6.83 -29.29 -4.09
CA GLN A 93 -8.18 -28.93 -4.51
C GLN A 93 -8.25 -27.96 -5.70
N ASP A 94 -8.29 -28.38 -6.95
CA ASP A 94 -8.70 -27.45 -8.03
C ASP A 94 -7.76 -26.25 -8.39
N LEU A 95 -6.66 -26.10 -7.69
CA LEU A 95 -5.51 -25.33 -8.12
C LEU A 95 -4.27 -26.16 -7.85
N THR A 96 -3.11 -25.79 -8.35
CA THR A 96 -1.88 -26.52 -8.10
C THR A 96 -0.84 -25.55 -7.52
N PHE A 97 0.11 -26.07 -6.78
CA PHE A 97 1.15 -25.27 -6.17
C PHE A 97 2.45 -25.57 -6.91
N SER A 98 3.31 -24.55 -7.13
CA SER A 98 4.57 -24.70 -7.83
C SER A 98 5.59 -23.69 -7.29
N ASN A 99 6.87 -23.97 -7.53
CA ASN A 99 7.92 -23.09 -7.07
C ASN A 99 8.40 -22.16 -8.17
N GLY A 100 7.98 -22.41 -9.40
CA GLY A 100 8.51 -21.66 -10.54
C GLY A 100 8.34 -20.15 -10.37
N TYR A 101 7.39 -19.68 -9.58
CA TYR A 101 7.34 -18.28 -9.26
C TYR A 101 8.70 -17.73 -8.84
N ARG A 102 9.40 -18.43 -7.96
CA ARG A 102 10.71 -17.98 -7.56
C ARG A 102 11.64 -17.96 -8.75
N TYR A 103 11.69 -19.04 -9.52
CA TYR A 103 12.71 -19.11 -10.57
C TYR A 103 12.57 -17.88 -11.48
N VAL A 104 11.37 -17.53 -11.86
CA VAL A 104 11.19 -16.47 -12.86
C VAL A 104 11.56 -15.14 -12.21
N ASN A 105 11.21 -14.98 -10.94
CA ASN A 105 11.61 -13.78 -10.23
C ASN A 105 13.13 -13.57 -10.10
N TRP A 106 13.93 -14.62 -9.87
CA TRP A 106 15.40 -14.48 -9.92
C TRP A 106 15.88 -13.81 -11.21
N MET A 107 15.15 -13.88 -12.33
CA MET A 107 15.66 -13.20 -13.51
C MET A 107 15.87 -11.71 -13.24
N ALA A 108 15.10 -11.15 -12.32
CA ALA A 108 15.24 -9.74 -12.01
C ALA A 108 16.14 -9.51 -10.79
N THR A 109 15.98 -10.33 -9.75
CA THR A 109 16.64 -10.02 -8.49
C THR A 109 18.11 -10.44 -8.49
N ILE A 110 18.52 -11.52 -9.15
CA ILE A 110 19.92 -11.91 -9.04
C ILE A 110 20.80 -10.83 -9.65
N PRO A 111 20.47 -10.23 -10.81
CA PRO A 111 21.18 -9.06 -11.28
C PRO A 111 21.33 -7.94 -10.26
N CYS A 112 20.23 -7.54 -9.60
CA CYS A 112 20.30 -6.52 -8.58
C CYS A 112 21.28 -6.88 -7.45
N LEU A 113 21.20 -8.09 -6.88
CA LEU A 113 22.17 -8.50 -5.88
C LEU A 113 23.59 -8.39 -6.42
N LEU A 114 23.83 -8.80 -7.66
CA LEU A 114 25.21 -8.81 -8.13
C LEU A 114 25.70 -7.36 -8.36
N LEU A 115 24.85 -6.51 -8.91
CA LEU A 115 25.29 -5.16 -9.20
C LEU A 115 25.59 -4.42 -7.90
N GLN A 116 24.79 -4.59 -6.85
CA GLN A 116 25.08 -3.86 -5.62
C GLN A 116 26.43 -4.26 -5.01
N LEU A 117 26.88 -5.50 -5.16
CA LEU A 117 28.27 -5.82 -4.80
C LEU A 117 29.32 -5.06 -5.61
N LEU A 118 29.18 -5.03 -6.93
CA LEU A 118 30.16 -4.34 -7.75
C LEU A 118 30.29 -2.86 -7.34
N ILE A 119 29.17 -2.22 -6.99
CA ILE A 119 29.23 -0.81 -6.65
C ILE A 119 30.08 -0.58 -5.39
N VAL A 120 29.87 -1.34 -4.31
CA VAL A 120 30.65 -1.10 -3.10
C VAL A 120 32.09 -1.63 -3.27
N LEU A 121 32.38 -2.48 -4.22
CA LEU A 121 33.78 -2.81 -4.49
C LEU A 121 34.47 -1.63 -5.17
N ASN A 122 33.73 -0.58 -5.45
CA ASN A 122 34.26 0.60 -6.10
C ASN A 122 34.68 0.36 -7.55
N LEU A 123 34.05 -0.60 -8.27
CA LEU A 123 34.41 -0.74 -9.68
C LEU A 123 33.76 0.45 -10.37
N LYS A 124 34.36 0.88 -11.49
CA LYS A 124 33.86 2.02 -12.22
C LYS A 124 34.04 1.82 -13.71
N GLY A 125 33.15 2.46 -14.49
CA GLY A 125 33.31 2.60 -15.94
C GLY A 125 33.29 1.28 -16.70
N LYS A 126 34.19 1.17 -17.68
CA LYS A 126 34.30 -0.03 -18.49
C LYS A 126 34.27 -1.26 -17.59
N GLU A 127 35.09 -1.27 -16.54
CA GLU A 127 35.20 -2.45 -15.70
C GLU A 127 33.83 -2.72 -15.06
N LEU A 128 33.15 -1.69 -14.58
CA LEU A 128 31.84 -1.90 -14.01
C LEU A 128 30.91 -2.52 -15.07
N PHE A 129 30.80 -1.90 -16.24
CA PHE A 129 29.81 -2.34 -17.22
C PHE A 129 30.15 -3.72 -17.79
N SER A 130 31.43 -4.00 -18.06
CA SER A 130 31.82 -5.30 -18.56
C SER A 130 31.43 -6.39 -17.56
N THR A 131 31.85 -6.20 -16.30
CA THR A 131 31.62 -7.23 -15.31
C THR A 131 30.10 -7.43 -15.20
N ALA A 132 29.35 -6.34 -15.14
CA ALA A 132 27.91 -6.46 -14.95
C ALA A 132 27.30 -7.28 -16.07
N THR A 133 27.62 -6.96 -17.33
CA THR A 133 27.13 -7.77 -18.43
C THR A 133 27.45 -9.27 -18.28
N TRP A 134 28.72 -9.63 -18.11
CA TRP A 134 29.02 -11.04 -18.00
C TRP A 134 28.27 -11.68 -16.84
N LEU A 135 28.14 -10.99 -15.71
CA LEU A 135 27.45 -11.58 -14.57
C LEU A 135 25.98 -11.81 -14.89
N ILE A 136 25.34 -10.85 -15.56
CA ILE A 136 23.94 -11.00 -15.85
C ILE A 136 23.70 -12.13 -16.85
N LEU A 137 24.52 -12.28 -17.88
CA LEU A 137 24.32 -13.41 -18.78
C LEU A 137 24.62 -14.73 -18.09
N ALA A 138 25.71 -14.81 -17.33
CA ALA A 138 25.87 -16.04 -16.57
C ALA A 138 24.61 -16.34 -15.72
N ALA A 139 24.03 -15.32 -15.05
CA ALA A 139 22.90 -15.61 -14.16
C ALA A 139 21.66 -16.04 -14.95
N TRP A 140 21.32 -15.34 -16.03
CA TRP A 140 20.18 -15.77 -16.82
C TRP A 140 20.40 -17.20 -17.34
N GLY A 141 21.61 -17.51 -17.75
CA GLY A 141 21.94 -18.86 -18.12
C GLY A 141 21.61 -19.86 -17.03
N MET A 142 22.13 -19.63 -15.82
CA MET A 142 21.83 -20.47 -14.68
C MET A 142 20.33 -20.62 -14.43
N ILE A 143 19.55 -19.54 -14.54
CA ILE A 143 18.18 -19.59 -14.06
C ILE A 143 17.29 -20.29 -15.09
N ILE A 144 17.40 -19.91 -16.34
CA ILE A 144 16.61 -20.52 -17.39
C ILE A 144 16.86 -22.02 -17.38
N THR A 145 18.13 -22.46 -17.38
CA THR A 145 18.36 -23.88 -17.41
C THR A 145 17.81 -24.54 -16.16
N GLY A 146 17.91 -23.87 -15.01
CA GLY A 146 17.28 -24.42 -13.82
C GLY A 146 15.77 -24.58 -13.95
N TYR A 147 15.09 -23.58 -14.53
CA TYR A 147 13.64 -23.63 -14.64
C TYR A 147 13.22 -24.84 -15.49
N VAL A 148 13.79 -24.98 -16.68
CA VAL A 148 13.51 -26.16 -17.48
C VAL A 148 13.80 -27.44 -16.68
N GLY A 149 14.97 -27.56 -16.08
CA GLY A 149 15.22 -28.73 -15.27
C GLY A 149 14.09 -29.05 -14.28
N GLN A 150 13.47 -28.06 -13.62
CA GLN A 150 12.58 -28.41 -12.51
C GLN A 150 11.18 -28.72 -13.02
N LEU A 151 11.01 -28.65 -14.35
CA LEU A 151 9.86 -29.22 -15.02
C LEU A 151 9.92 -30.75 -15.03
N TYR A 152 11.08 -31.37 -14.71
CA TYR A 152 11.13 -32.83 -14.72
C TYR A 152 11.09 -33.45 -13.34
N GLU A 153 10.68 -32.71 -12.32
CA GLU A 153 10.95 -33.21 -10.97
C GLU A 153 10.03 -34.36 -10.56
N VAL A 154 8.87 -34.49 -11.20
CA VAL A 154 7.92 -35.55 -10.90
C VAL A 154 8.03 -36.69 -11.93
N ASP A 155 8.38 -36.33 -13.15
CA ASP A 155 8.49 -37.24 -14.26
C ASP A 155 9.87 -37.91 -14.28
N ASP A 156 10.96 -37.14 -14.45
CA ASP A 156 12.22 -37.69 -14.94
C ASP A 156 13.47 -37.15 -14.23
N ILE A 157 13.86 -37.77 -13.11
CA ILE A 157 14.99 -37.28 -12.35
C ILE A 157 16.25 -37.19 -13.23
N ALA A 158 16.41 -38.11 -14.18
CA ALA A 158 17.52 -38.04 -15.09
C ALA A 158 17.61 -36.65 -15.69
N GLN A 159 16.50 -36.17 -16.27
CA GLN A 159 16.47 -34.86 -16.91
C GLN A 159 16.70 -33.77 -15.86
N LEU A 160 16.09 -33.90 -14.69
CA LEU A 160 16.35 -32.95 -13.63
C LEU A 160 17.86 -32.81 -13.43
N MET A 161 18.59 -33.91 -13.29
CA MET A 161 20.03 -33.89 -13.04
C MET A 161 20.80 -33.33 -14.25
N ILE A 162 20.34 -33.58 -15.45
CA ILE A 162 21.14 -33.12 -16.57
C ILE A 162 21.04 -31.60 -16.64
N TRP A 163 19.83 -31.04 -16.66
CA TRP A 163 19.71 -29.59 -16.66
C TRP A 163 20.32 -28.97 -15.40
N GLY A 164 20.23 -29.67 -14.28
CA GLY A 164 20.96 -29.23 -13.10
C GLY A 164 22.44 -28.98 -13.37
N ALA A 165 23.07 -29.93 -14.06
CA ALA A 165 24.50 -29.88 -14.29
C ALA A 165 24.87 -28.69 -15.16
N VAL A 166 24.13 -28.50 -16.23
CA VAL A 166 24.28 -27.29 -17.03
C VAL A 166 24.08 -26.03 -16.18
N SER A 167 23.03 -25.98 -15.36
CA SER A 167 22.82 -24.81 -14.55
C SER A 167 24.05 -24.59 -13.69
N THR A 168 24.50 -25.65 -13.03
CA THR A 168 25.67 -25.55 -12.15
C THR A 168 26.90 -25.02 -12.88
N ALA A 169 27.07 -25.36 -14.16
CA ALA A 169 28.17 -24.77 -14.90
C ALA A 169 28.10 -23.25 -14.82
N PHE A 170 26.97 -22.66 -15.21
CA PHE A 170 26.83 -21.20 -15.09
C PHE A 170 27.09 -20.70 -13.67
N PHE A 171 26.57 -21.40 -12.67
CA PHE A 171 26.80 -20.95 -11.32
C PHE A 171 28.30 -20.78 -11.06
N VAL A 172 29.08 -21.79 -11.43
CA VAL A 172 30.48 -21.79 -11.09
C VAL A 172 31.21 -20.64 -11.78
N VAL A 173 30.93 -20.46 -13.06
CA VAL A 173 31.46 -19.28 -13.73
C VAL A 173 31.11 -18.01 -12.94
N MET A 174 29.84 -17.87 -12.55
CA MET A 174 29.45 -16.65 -11.88
C MET A 174 30.19 -16.55 -10.57
N ASN A 175 30.30 -17.61 -9.76
CA ASN A 175 31.00 -17.50 -8.49
C ASN A 175 32.47 -17.16 -8.70
N TRP A 176 33.03 -17.59 -9.81
CA TRP A 176 34.43 -17.34 -10.09
C TRP A 176 34.66 -15.85 -10.33
N ILE A 177 33.95 -15.25 -11.29
CA ILE A 177 33.96 -13.81 -11.48
C ILE A 177 33.79 -13.05 -10.13
N VAL A 178 32.77 -13.38 -9.36
CA VAL A 178 32.53 -12.64 -8.13
C VAL A 178 33.76 -12.78 -7.24
N GLY A 179 34.16 -14.01 -6.96
CA GLY A 179 35.24 -14.25 -6.01
C GLY A 179 36.52 -13.53 -6.45
N THR A 180 36.80 -13.54 -7.75
CA THR A 180 37.95 -12.82 -8.27
C THR A 180 37.83 -11.34 -7.93
N LYS A 181 36.75 -10.66 -8.39
CA LYS A 181 36.62 -9.22 -8.18
C LYS A 181 36.70 -8.87 -6.70
N ILE A 182 36.13 -9.68 -5.83
CA ILE A 182 36.20 -9.38 -4.42
C ILE A 182 37.66 -9.41 -3.98
N PHE A 183 38.36 -10.49 -4.26
CA PHE A 183 39.68 -10.65 -3.66
C PHE A 183 40.68 -9.71 -4.33
N LYS A 184 40.46 -9.33 -5.58
CA LYS A 184 41.28 -8.32 -6.20
C LYS A 184 41.03 -6.92 -5.62
N ASN A 185 39.80 -6.62 -5.18
CA ASN A 185 39.46 -5.24 -4.85
C ASN A 185 39.39 -5.01 -3.33
N ARG A 186 39.64 -6.05 -2.56
CA ARG A 186 39.49 -5.98 -1.13
C ARG A 186 40.44 -4.93 -0.55
N ALA A 187 41.60 -4.76 -1.17
CA ALA A 187 42.66 -3.95 -0.58
C ALA A 187 42.33 -2.47 -0.67
N THR A 188 41.66 -2.07 -1.74
CA THR A 188 41.29 -0.69 -1.99
C THR A 188 40.01 -0.28 -1.23
N MET A 189 39.35 -1.20 -0.50
CA MET A 189 38.17 -0.86 0.27
C MET A 189 38.53 0.18 1.33
N LEU A 190 37.59 1.08 1.65
CA LEU A 190 37.78 2.14 2.65
C LEU A 190 37.10 1.80 3.97
N GLY A 191 37.50 2.53 5.01
CA GLY A 191 36.88 2.44 6.32
C GLY A 191 37.06 1.10 7.04
N GLY A 192 38.04 0.28 6.65
CA GLY A 192 38.21 -1.04 7.26
C GLY A 192 37.17 -2.08 6.81
N THR A 193 36.73 -1.96 5.56
CA THR A 193 35.65 -2.78 5.08
C THR A 193 36.19 -3.99 4.32
N ASP A 194 37.51 -4.04 4.12
CA ASP A 194 38.20 -5.24 3.65
C ASP A 194 37.83 -6.46 4.50
N SER A 195 37.78 -6.30 5.82
CA SER A 195 37.31 -7.39 6.67
C SER A 195 35.85 -7.69 6.36
N THR A 196 35.01 -6.66 6.22
CA THR A 196 33.60 -6.95 6.13
C THR A 196 33.32 -7.61 4.77
N ILE A 197 34.00 -7.20 3.71
CA ILE A 197 33.61 -7.73 2.41
C ILE A 197 33.93 -9.22 2.35
N THR A 198 34.89 -9.67 3.16
CA THR A 198 35.25 -11.07 3.15
C THR A 198 34.13 -11.90 3.76
N LYS A 199 33.60 -11.44 4.90
CA LYS A 199 32.38 -12.01 5.46
C LYS A 199 31.26 -12.06 4.42
N VAL A 200 31.05 -11.01 3.66
CA VAL A 200 30.03 -11.08 2.64
C VAL A 200 30.27 -12.24 1.69
N PHE A 201 31.49 -12.39 1.17
CA PHE A 201 31.78 -13.51 0.27
C PHE A 201 31.43 -14.86 0.90
N TRP A 202 31.73 -15.07 2.17
CA TRP A 202 31.35 -16.35 2.75
C TRP A 202 29.85 -16.48 2.88
N LEU A 203 29.16 -15.39 3.30
CA LEU A 203 27.70 -15.40 3.38
C LEU A 203 27.14 -15.85 2.04
N MET A 204 27.61 -15.23 0.94
CA MET A 204 27.09 -15.60 -0.37
C MET A 204 27.34 -17.09 -0.67
N MET A 205 28.57 -17.60 -0.47
CA MET A 205 28.86 -19.03 -0.66
C MET A 205 27.89 -19.94 0.11
N PHE A 206 27.65 -19.68 1.40
CA PHE A 206 26.66 -20.44 2.13
C PHE A 206 25.24 -20.16 1.58
N ALA A 207 24.75 -18.93 1.61
CA ALA A 207 23.35 -18.78 1.29
C ALA A 207 23.07 -19.27 -0.15
N TRP A 208 23.90 -18.94 -1.12
CA TRP A 208 23.55 -19.22 -2.50
C TRP A 208 23.53 -20.72 -2.72
N THR A 209 24.30 -21.46 -1.94
CA THR A 209 24.38 -22.89 -2.15
C THR A 209 23.14 -23.63 -1.65
N LEU A 210 22.40 -23.04 -0.72
CA LEU A 210 21.14 -23.65 -0.33
C LEU A 210 20.21 -23.87 -1.54
N TYR A 211 20.27 -22.99 -2.57
CA TYR A 211 19.31 -23.13 -3.64
C TYR A 211 19.49 -24.45 -4.38
N PRO A 212 20.67 -24.79 -4.94
CA PRO A 212 20.85 -26.09 -5.59
C PRO A 212 20.52 -27.30 -4.70
N ILE A 213 20.73 -27.17 -3.39
CA ILE A 213 20.28 -28.24 -2.54
C ILE A 213 18.76 -28.35 -2.57
N ALA A 214 18.03 -27.25 -2.36
CA ALA A 214 16.57 -27.34 -2.48
C ALA A 214 16.19 -27.95 -3.83
N TYR A 215 16.91 -27.61 -4.89
CA TYR A 215 16.54 -28.14 -6.20
C TYR A 215 16.63 -29.66 -6.24
N LEU A 216 17.59 -30.26 -5.49
CA LEU A 216 17.77 -31.69 -5.53
C LEU A 216 16.88 -32.51 -4.60
N VAL A 217 16.13 -31.89 -3.72
CA VAL A 217 15.28 -32.67 -2.81
C VAL A 217 14.45 -33.75 -3.52
N PRO A 218 13.76 -33.51 -4.65
CA PRO A 218 13.03 -34.58 -5.32
C PRO A 218 13.88 -35.80 -5.62
N ALA A 219 15.17 -35.60 -5.77
CA ALA A 219 16.09 -36.67 -6.11
C ALA A 219 16.52 -37.46 -4.87
N PHE A 220 16.33 -36.92 -3.66
CA PHE A 220 16.79 -37.62 -2.46
C PHE A 220 15.79 -37.62 -1.29
N MET A 221 14.63 -36.95 -1.39
CA MET A 221 13.61 -37.06 -0.33
C MET A 221 12.22 -36.73 -0.87
N ASN A 222 11.74 -37.56 -1.81
CA ASN A 222 10.47 -37.38 -2.49
C ASN A 222 9.34 -37.83 -1.55
N ASN A 223 8.86 -36.87 -0.75
CA ASN A 223 7.74 -37.04 0.14
C ASN A 223 7.49 -35.74 0.90
N ALA A 224 6.44 -35.73 1.73
CA ALA A 224 5.99 -34.50 2.33
C ALA A 224 7.04 -33.92 3.27
N ASP A 225 7.90 -34.76 3.83
CA ASP A 225 8.98 -34.26 4.66
C ASP A 225 10.01 -33.53 3.82
N GLY A 226 10.27 -34.02 2.61
CA GLY A 226 11.16 -33.30 1.71
C GLY A 226 10.57 -31.96 1.33
N VAL A 227 9.25 -31.92 1.10
CA VAL A 227 8.60 -30.67 0.77
C VAL A 227 8.79 -29.71 1.92
N VAL A 228 8.71 -30.18 3.14
CA VAL A 228 8.89 -29.26 4.26
C VAL A 228 10.33 -28.75 4.29
N LEU A 229 11.27 -29.64 4.08
CA LEU A 229 12.67 -29.26 4.05
C LEU A 229 12.92 -28.23 2.94
N ARG A 230 12.44 -28.49 1.75
CA ARG A 230 12.64 -27.55 0.68
C ARG A 230 12.05 -26.18 1.01
N GLN A 231 10.87 -26.08 1.60
CA GLN A 231 10.37 -24.75 1.90
C GLN A 231 11.21 -24.09 3.01
N LEU A 232 11.72 -24.86 3.95
CA LEU A 232 12.61 -24.28 4.94
C LEU A 232 13.92 -23.77 4.30
N LEU A 233 14.54 -24.57 3.44
CA LEU A 233 15.73 -24.13 2.74
C LEU A 233 15.49 -22.83 1.95
N PHE A 234 14.42 -22.75 1.18
CA PHE A 234 14.13 -21.50 0.49
C PHE A 234 13.96 -20.33 1.46
N THR A 235 13.39 -20.53 2.65
CA THR A 235 13.20 -19.38 3.52
C THR A 235 14.52 -18.85 4.08
N ILE A 236 15.33 -19.73 4.62
CA ILE A 236 16.62 -19.34 5.13
C ILE A 236 17.44 -18.71 4.00
N ALA A 237 17.45 -19.34 2.84
CA ALA A 237 18.23 -18.81 1.75
C ALA A 237 17.73 -17.43 1.34
N ASP A 238 16.41 -17.15 1.36
CA ASP A 238 15.92 -15.83 0.96
C ASP A 238 16.31 -14.76 1.96
N ILE A 239 16.20 -15.06 3.25
CA ILE A 239 16.55 -14.08 4.26
C ILE A 239 18.06 -13.85 4.27
N SER A 240 18.87 -14.92 4.21
CA SER A 240 20.31 -14.78 4.14
C SER A 240 20.76 -14.08 2.86
N SER A 241 20.27 -14.51 1.71
CA SER A 241 20.85 -14.02 0.48
C SER A 241 20.32 -12.64 0.11
N LYS A 242 19.21 -12.18 0.70
CA LYS A 242 18.68 -10.90 0.24
C LYS A 242 18.66 -9.86 1.36
N VAL A 243 18.06 -10.21 2.49
CA VAL A 243 17.92 -9.27 3.58
C VAL A 243 19.24 -9.13 4.36
N ILE A 244 19.84 -10.21 4.84
CA ILE A 244 21.06 -10.05 5.60
C ILE A 244 22.18 -9.56 4.70
N TYR A 245 22.32 -10.13 3.51
CA TYR A 245 23.27 -9.56 2.55
C TYR A 245 23.02 -8.06 2.30
N GLY A 246 21.77 -7.68 2.13
CA GLY A 246 21.46 -6.27 1.99
C GLY A 246 21.96 -5.41 3.14
N LEU A 247 21.70 -5.83 4.39
CA LEU A 247 22.22 -5.11 5.56
C LEU A 247 23.75 -5.05 5.59
N MET A 248 24.43 -6.08 5.19
CA MET A 248 25.88 -6.00 5.14
C MET A 248 26.38 -5.06 4.04
N ILE A 249 25.80 -5.09 2.83
CA ILE A 249 26.18 -4.13 1.78
C ILE A 249 25.93 -2.68 2.24
N THR A 250 24.84 -2.41 2.95
CA THR A 250 24.54 -1.07 3.36
C THR A 250 25.52 -0.62 4.43
N TYR A 251 25.82 -1.51 5.36
CA TYR A 251 26.83 -1.23 6.35
C TYR A 251 28.16 -0.91 5.72
N ILE A 252 28.60 -1.70 4.75
CA ILE A 252 29.83 -1.36 4.06
C ILE A 252 29.75 0.00 3.36
N ALA A 253 28.65 0.30 2.66
CA ALA A 253 28.45 1.61 2.03
C ALA A 253 28.54 2.79 3.02
N ILE A 254 27.99 2.63 4.22
CA ILE A 254 28.05 3.69 5.20
C ILE A 254 29.48 3.92 5.69
N GLN A 255 30.18 2.84 6.02
CA GLN A 255 31.56 2.94 6.47
C GLN A 255 32.46 3.60 5.43
N GLN A 256 32.31 3.22 4.15
CA GLN A 256 33.12 3.83 3.11
C GLN A 256 32.70 5.28 2.85
N SER A 257 31.41 5.59 2.98
CA SER A 257 30.98 6.96 2.82
C SER A 257 31.66 7.84 3.87
N ALA A 258 31.72 7.35 5.09
CA ALA A 258 32.23 8.17 6.17
C ALA A 258 33.71 8.38 5.94
N ALA A 259 34.38 7.31 5.52
CA ALA A 259 35.80 7.38 5.24
C ALA A 259 36.11 8.37 4.11
N ALA A 260 35.20 8.50 3.16
CA ALA A 260 35.38 9.43 2.06
C ALA A 260 34.96 10.85 2.43
N GLY A 261 34.39 11.04 3.61
CA GLY A 261 34.13 12.38 4.11
C GLY A 261 32.69 12.87 4.00
N TYR A 262 31.73 11.95 3.80
CA TYR A 262 30.34 12.33 3.78
C TYR A 262 29.85 12.52 5.21
N VAL A 263 29.31 13.69 5.50
CA VAL A 263 29.11 14.05 6.87
C VAL A 263 27.96 13.28 7.48
N PRO A 264 26.79 13.21 6.83
CA PRO A 264 25.69 12.37 7.33
C PRO A 264 26.14 10.96 7.74
N ALA A 265 27.08 10.38 6.97
CA ALA A 265 27.61 9.09 7.34
C ALA A 265 28.47 9.22 8.58
N GLN A 266 29.27 10.28 8.69
CA GLN A 266 30.13 10.42 9.85
C GLN A 266 29.26 10.59 11.09
N GLN A 267 28.24 11.45 11.01
CA GLN A 267 27.24 11.58 12.05
C GLN A 267 26.59 10.24 12.38
N ALA A 268 26.17 9.47 11.37
CA ALA A 268 25.50 8.21 11.67
C ALA A 268 26.41 7.29 12.47
N LEU A 269 27.72 7.44 12.34
CA LEU A 269 28.64 6.59 13.08
C LEU A 269 29.14 7.28 14.35
N GLY A 270 28.63 8.47 14.69
CA GLY A 270 29.13 9.21 15.84
C GLY A 270 30.25 10.18 15.45
N GLY B 7 -19.39 -16.49 -28.83
CA GLY B 7 -19.57 -15.68 -27.61
C GLY B 7 -18.29 -14.95 -27.20
N MET B 8 -17.19 -15.69 -27.12
CA MET B 8 -15.89 -15.23 -26.65
C MET B 8 -15.21 -14.28 -27.64
N LYS B 9 -14.42 -13.36 -27.08
CA LYS B 9 -13.72 -12.35 -27.86
C LYS B 9 -12.24 -12.69 -28.02
N ASN B 10 -11.64 -13.39 -27.06
CA ASN B 10 -10.21 -13.64 -27.10
C ASN B 10 -9.98 -15.13 -27.12
N ILE B 11 -8.90 -15.57 -27.76
CA ILE B 11 -8.65 -16.99 -27.85
C ILE B 11 -8.16 -17.58 -26.53
N GLU B 12 -7.60 -16.77 -25.62
CA GLU B 12 -7.29 -17.29 -24.30
C GLU B 12 -8.46 -18.11 -23.76
N SER B 13 -9.68 -17.63 -23.97
CA SER B 13 -10.87 -18.25 -23.40
C SER B 13 -11.33 -19.49 -24.15
N LEU B 14 -10.73 -19.82 -25.29
CA LEU B 14 -11.16 -20.99 -26.04
C LEU B 14 -10.50 -22.29 -25.60
N PHE B 15 -9.34 -22.24 -24.93
CA PHE B 15 -8.58 -23.47 -24.72
C PHE B 15 -8.57 -23.97 -23.27
N ASP B 16 -8.17 -25.22 -23.14
CA ASP B 16 -7.72 -25.83 -21.91
C ASP B 16 -6.19 -25.76 -21.88
N TYR B 17 -5.63 -25.76 -20.68
CA TYR B 17 -4.19 -25.65 -20.56
C TYR B 17 -3.70 -26.80 -19.69
N SER B 18 -2.56 -27.38 -20.07
CA SER B 18 -1.82 -28.25 -19.17
C SER B 18 -1.38 -27.45 -17.94
N ALA B 19 -1.12 -28.13 -16.84
CA ALA B 19 -0.59 -27.53 -15.64
C ALA B 19 0.70 -26.75 -15.94
N GLY B 20 1.53 -27.26 -16.82
CA GLY B 20 2.78 -26.58 -17.15
C GLY B 20 2.55 -25.33 -17.96
N GLN B 21 1.68 -25.38 -18.97
CA GLN B 21 1.31 -24.17 -19.67
C GLN B 21 0.63 -23.17 -18.73
N PHE B 22 -0.35 -23.63 -18.00
CA PHE B 22 -1.09 -22.74 -17.14
C PHE B 22 -0.14 -22.14 -16.12
N GLU B 23 0.81 -22.92 -15.59
CA GLU B 23 1.65 -22.40 -14.50
C GLU B 23 2.69 -21.43 -15.06
N PHE B 24 3.20 -21.70 -16.25
CA PHE B 24 4.18 -20.81 -16.85
C PHE B 24 3.56 -19.42 -17.03
N ILE B 25 2.32 -19.36 -17.51
CA ILE B 25 1.65 -18.09 -17.67
C ILE B 25 1.49 -17.39 -16.34
N ASP B 26 1.10 -18.11 -15.31
CA ASP B 26 0.96 -17.43 -14.02
C ASP B 26 2.32 -16.95 -13.49
N HIS B 27 3.38 -17.72 -13.72
CA HIS B 27 4.72 -17.28 -13.34
C HIS B 27 5.08 -15.95 -14.03
N LEU B 28 4.85 -15.82 -15.33
CA LEU B 28 5.17 -14.62 -16.05
C LEU B 28 4.34 -13.44 -15.51
N LEU B 29 3.03 -13.58 -15.42
CA LEU B 29 2.22 -12.49 -14.94
C LEU B 29 2.69 -12.08 -13.56
N THR B 30 3.00 -13.02 -12.69
CA THR B 30 3.30 -12.63 -11.33
C THR B 30 4.61 -11.84 -11.26
N MET B 31 5.59 -12.24 -12.04
CA MET B 31 6.86 -11.54 -12.06
C MET B 31 6.70 -10.11 -12.55
N GLY B 32 6.01 -9.93 -13.65
CA GLY B 32 5.72 -8.62 -14.19
C GLY B 32 5.14 -7.65 -13.18
N VAL B 33 4.21 -8.09 -12.32
CA VAL B 33 3.68 -7.13 -11.36
C VAL B 33 4.77 -6.60 -10.45
N GLY B 34 5.66 -7.45 -9.97
CA GLY B 34 6.62 -7.02 -8.97
C GLY B 34 7.79 -6.25 -9.57
N VAL B 35 8.22 -6.59 -10.77
CA VAL B 35 9.23 -5.76 -11.41
C VAL B 35 8.69 -4.34 -11.56
N HIS B 36 7.44 -4.14 -11.97
CA HIS B 36 6.93 -2.79 -12.12
C HIS B 36 6.89 -2.06 -10.79
N PHE B 37 6.35 -2.64 -9.73
CA PHE B 37 6.34 -1.94 -8.44
C PHE B 37 7.75 -1.80 -7.84
N ALA B 38 8.65 -2.71 -8.12
CA ALA B 38 10.00 -2.53 -7.63
C ALA B 38 10.70 -1.36 -8.34
N ALA B 39 10.65 -1.32 -9.64
CA ALA B 39 11.18 -0.18 -10.37
C ALA B 39 10.61 1.13 -9.83
N LEU B 40 9.33 1.19 -9.49
CA LEU B 40 8.82 2.40 -8.88
C LEU B 40 9.71 2.89 -7.71
N ILE B 41 9.99 2.08 -6.69
CA ILE B 41 10.78 2.58 -5.57
C ILE B 41 12.14 3.09 -6.08
N PHE B 42 12.77 2.38 -7.00
CA PHE B 42 14.05 2.83 -7.48
C PHE B 42 13.96 4.21 -8.10
N PHE B 43 12.98 4.45 -8.98
CA PHE B 43 12.80 5.76 -9.59
C PHE B 43 12.60 6.84 -8.53
N LEU B 44 11.89 6.57 -7.46
CA LEU B 44 11.72 7.61 -6.47
C LEU B 44 13.06 7.92 -5.79
N VAL B 45 13.79 6.90 -5.35
CA VAL B 45 15.07 7.12 -4.70
C VAL B 45 16.08 7.87 -5.58
N VAL B 46 16.22 7.56 -6.86
CA VAL B 46 17.27 8.22 -7.64
C VAL B 46 16.77 9.54 -8.24
N SER B 47 15.48 9.86 -8.16
CA SER B 47 15.02 11.14 -8.66
C SER B 47 15.78 12.33 -8.07
N GLN B 48 16.30 12.21 -6.86
CA GLN B 48 16.98 13.35 -6.25
C GLN B 48 18.29 13.69 -6.93
N PHE B 49 18.84 12.77 -7.72
CA PHE B 49 20.04 13.08 -8.47
C PHE B 49 19.74 13.69 -9.83
N VAL B 50 18.49 13.96 -10.18
CA VAL B 50 18.22 14.50 -11.49
C VAL B 50 17.95 15.97 -11.28
N ALA B 51 18.45 16.84 -12.15
CA ALA B 51 18.13 18.26 -11.98
C ALA B 51 16.65 18.51 -12.25
N PRO B 52 16.04 19.48 -11.55
CA PRO B 52 14.62 19.83 -11.71
C PRO B 52 14.09 19.99 -13.13
N LYS B 53 14.89 20.57 -14.03
CA LYS B 53 14.48 20.73 -15.41
C LYS B 53 14.22 19.37 -16.09
N TYR B 54 14.80 18.27 -15.58
CA TYR B 54 14.56 16.96 -16.15
C TYR B 54 13.80 16.02 -15.20
N ARG B 55 13.47 16.46 -14.00
CA ARG B 55 12.85 15.56 -13.04
C ARG B 55 11.45 15.12 -13.47
N ILE B 56 10.80 15.84 -14.37
CA ILE B 56 9.50 15.41 -14.89
C ILE B 56 9.69 14.07 -15.58
N ALA B 57 10.79 13.89 -16.30
CA ALA B 57 11.02 12.63 -17.02
C ALA B 57 11.01 11.48 -16.02
N THR B 58 11.64 11.65 -14.87
CA THR B 58 11.66 10.57 -13.91
C THR B 58 10.28 10.38 -13.30
N ALA B 59 9.55 11.46 -13.06
CA ALA B 59 8.20 11.35 -12.54
C ALA B 59 7.28 10.59 -13.51
N LEU B 60 7.41 10.83 -14.80
CA LEU B 60 6.63 10.12 -15.79
C LEU B 60 6.91 8.61 -15.74
N SER B 61 8.12 8.18 -15.46
CA SER B 61 8.34 6.75 -15.23
C SER B 61 7.54 6.24 -14.04
N CYS B 62 7.50 6.98 -12.95
CA CYS B 62 6.70 6.56 -11.83
C CYS B 62 5.23 6.39 -12.25
N ILE B 63 4.66 7.29 -13.04
CA ILE B 63 3.29 7.05 -13.51
C ILE B 63 3.18 5.68 -14.18
N VAL B 64 4.00 5.46 -15.20
CA VAL B 64 3.95 4.25 -15.95
C VAL B 64 4.17 3.03 -15.04
N MET B 65 5.07 3.09 -14.09
CA MET B 65 5.24 1.91 -13.27
C MET B 65 3.95 1.59 -12.51
N VAL B 66 3.33 2.54 -11.85
CA VAL B 66 2.15 2.25 -11.05
C VAL B 66 1.01 1.73 -11.93
N SER B 67 0.72 2.47 -13.00
CA SER B 67 -0.38 2.14 -13.89
C SER B 67 -0.21 0.72 -14.48
N ALA B 68 0.91 0.43 -15.10
CA ALA B 68 1.17 -0.90 -15.64
C ALA B 68 1.25 -1.97 -14.55
N GLY B 69 1.88 -1.69 -13.45
CA GLY B 69 1.85 -2.64 -12.36
C GLY B 69 0.46 -3.05 -11.90
N LEU B 70 -0.46 -2.10 -11.75
CA LEU B 70 -1.81 -2.48 -11.38
C LEU B 70 -2.59 -3.24 -12.47
N ILE B 71 -2.40 -2.99 -13.74
CA ILE B 71 -3.02 -3.79 -14.78
C ILE B 71 -2.46 -5.21 -14.67
N LEU B 72 -1.16 -5.36 -14.63
CA LEU B 72 -0.65 -6.70 -14.52
C LEU B 72 -1.25 -7.38 -13.30
N ASN B 73 -1.41 -6.64 -12.22
CA ASN B 73 -1.89 -7.31 -11.04
C ASN B 73 -3.32 -7.83 -11.25
N SER B 74 -4.13 -7.06 -11.92
CA SER B 74 -5.46 -7.49 -12.29
C SER B 74 -5.41 -8.71 -13.19
N GLN B 75 -4.61 -8.70 -14.25
CA GLN B 75 -4.60 -9.83 -15.14
C GLN B 75 -4.19 -11.07 -14.36
N ALA B 76 -3.27 -10.92 -13.42
CA ALA B 76 -2.73 -12.09 -12.76
C ALA B 76 -3.80 -12.73 -11.89
N VAL B 77 -4.61 -11.90 -11.27
CA VAL B 77 -5.72 -12.39 -10.47
C VAL B 77 -6.85 -13.00 -11.33
N MET B 78 -7.15 -12.37 -12.45
CA MET B 78 -8.15 -12.89 -13.35
C MET B 78 -7.74 -14.27 -13.87
N TRP B 79 -6.44 -14.49 -14.11
CA TRP B 79 -6.02 -15.75 -14.70
C TRP B 79 -6.33 -16.90 -13.77
N THR B 80 -6.06 -16.69 -12.51
CA THR B 80 -6.24 -17.77 -11.56
C THR B 80 -7.73 -17.92 -11.22
N ASP B 81 -8.53 -16.86 -11.39
CA ASP B 81 -9.97 -16.87 -11.10
C ASP B 81 -10.82 -17.43 -12.23
N ALA B 82 -10.40 -17.23 -13.47
CA ALA B 82 -11.13 -17.72 -14.60
C ALA B 82 -11.00 -19.23 -14.79
N TYR B 83 -9.88 -19.85 -14.35
CA TYR B 83 -9.65 -21.26 -14.63
C TYR B 83 -9.51 -22.12 -13.38
N ALA B 84 -9.92 -23.40 -13.48
CA ALA B 84 -9.75 -24.37 -12.39
C ALA B 84 -9.19 -25.66 -12.91
N TYR B 85 -8.44 -26.37 -12.05
CA TYR B 85 -7.85 -27.63 -12.44
C TYR B 85 -8.91 -28.73 -12.28
N VAL B 86 -9.21 -29.43 -13.38
CA VAL B 86 -10.36 -30.32 -13.44
C VAL B 86 -10.14 -31.41 -14.46
N ASP B 87 -10.03 -32.66 -14.01
CA ASP B 87 -9.72 -33.78 -14.90
C ASP B 87 -8.38 -33.51 -15.61
N GLY B 88 -7.37 -33.14 -14.80
CA GLY B 88 -6.01 -33.06 -15.28
C GLY B 88 -5.74 -31.97 -16.33
N SER B 89 -6.59 -30.93 -16.37
CA SER B 89 -6.31 -29.75 -17.16
C SER B 89 -6.99 -28.57 -16.49
N TYR B 90 -6.45 -27.40 -16.77
CA TYR B 90 -7.11 -26.17 -16.36
C TYR B 90 -8.16 -25.84 -17.41
N GLN B 91 -9.36 -25.52 -16.94
CA GLN B 91 -10.49 -25.24 -17.82
C GLN B 91 -11.26 -24.00 -17.36
N LEU B 92 -11.81 -23.27 -18.30
CA LEU B 92 -12.55 -22.06 -18.00
C LEU B 92 -13.73 -22.36 -17.10
N GLN B 93 -14.08 -21.37 -16.26
CA GLN B 93 -15.10 -21.47 -15.23
C GLN B 93 -15.81 -20.14 -14.94
N ASP B 94 -16.87 -19.77 -15.61
CA ASP B 94 -17.76 -18.72 -15.05
C ASP B 94 -17.23 -17.26 -15.08
N LEU B 95 -16.01 -17.04 -15.53
CA LEU B 95 -15.50 -15.73 -15.88
C LEU B 95 -14.73 -15.91 -17.18
N THR B 96 -14.36 -14.83 -17.85
CA THR B 96 -13.63 -14.94 -19.11
C THR B 96 -12.34 -14.12 -18.99
N PHE B 97 -11.30 -14.55 -19.67
CA PHE B 97 -10.02 -13.86 -19.62
C PHE B 97 -9.85 -13.10 -20.95
N SER B 98 -9.31 -11.88 -20.90
CA SER B 98 -9.12 -11.02 -22.05
C SER B 98 -7.87 -10.15 -21.89
N ASN B 99 -7.35 -9.68 -23.00
CA ASN B 99 -6.17 -8.83 -22.99
C ASN B 99 -6.53 -7.36 -23.11
N GLY B 100 -7.80 -7.05 -23.33
CA GLY B 100 -8.20 -5.67 -23.52
C GLY B 100 -7.85 -4.76 -22.35
N TYR B 101 -7.70 -5.29 -21.15
CA TYR B 101 -7.16 -4.46 -20.08
C TYR B 101 -5.87 -3.73 -20.49
N ARG B 102 -4.94 -4.43 -21.13
CA ARG B 102 -3.75 -3.79 -21.59
C ARG B 102 -4.07 -2.68 -22.59
N TYR B 103 -4.91 -2.97 -23.58
CA TYR B 103 -5.09 -1.99 -24.65
C TYR B 103 -5.57 -0.68 -24.05
N VAL B 104 -6.52 -0.75 -23.13
CA VAL B 104 -7.12 0.49 -22.65
C VAL B 104 -6.11 1.23 -21.80
N ASN B 105 -5.31 0.49 -21.05
CA ASN B 105 -4.26 1.13 -20.27
C ASN B 105 -3.21 1.88 -21.10
N TRP B 106 -2.78 1.35 -22.26
CA TRP B 106 -1.94 2.11 -23.17
C TRP B 106 -2.48 3.52 -23.47
N MET B 107 -3.77 3.77 -23.41
CA MET B 107 -4.23 5.14 -23.65
C MET B 107 -3.55 6.13 -22.72
N ALA B 108 -3.19 5.70 -21.51
CA ALA B 108 -2.54 6.60 -20.57
C ALA B 108 -1.02 6.48 -20.61
N THR B 109 -0.50 5.26 -20.73
CA THR B 109 0.92 5.06 -20.59
C THR B 109 1.70 5.41 -21.85
N ILE B 110 1.17 5.20 -23.06
CA ILE B 110 1.99 5.49 -24.23
C ILE B 110 2.34 6.98 -24.29
N PRO B 111 1.40 7.88 -24.03
CA PRO B 111 1.76 9.30 -23.87
C PRO B 111 2.89 9.58 -22.88
N CYS B 112 2.82 8.99 -21.67
CA CYS B 112 3.91 9.14 -20.70
C CYS B 112 5.28 8.68 -21.23
N LEU B 113 5.36 7.51 -21.82
CA LEU B 113 6.62 7.10 -22.40
C LEU B 113 7.07 8.10 -23.47
N LEU B 114 6.15 8.62 -24.29
CA LEU B 114 6.64 9.47 -25.37
C LEU B 114 7.09 10.81 -24.81
N LEU B 115 6.36 11.35 -23.83
CA LEU B 115 6.72 12.66 -23.32
C LEU B 115 8.08 12.59 -22.64
N GLN B 116 8.38 11.52 -21.89
CA GLN B 116 9.67 11.48 -21.20
C GLN B 116 10.82 11.47 -22.19
N LEU B 117 10.68 10.86 -23.37
CA LEU B 117 11.71 11.02 -24.40
C LEU B 117 11.89 12.47 -24.85
N LEU B 118 10.80 13.18 -25.16
CA LEU B 118 10.93 14.56 -25.62
C LEU B 118 11.64 15.45 -24.59
N ILE B 119 11.38 15.23 -23.29
CA ILE B 119 12.01 16.06 -22.27
C ILE B 119 13.55 15.89 -22.28
N VAL B 120 14.06 14.64 -22.30
CA VAL B 120 15.50 14.49 -22.27
C VAL B 120 16.12 14.83 -23.62
N LEU B 121 15.37 14.86 -24.72
CA LEU B 121 15.93 15.38 -25.95
C LEU B 121 16.12 16.90 -25.87
N ASN B 122 15.67 17.48 -24.78
CA ASN B 122 15.78 18.90 -24.60
C ASN B 122 14.89 19.72 -25.54
N LEU B 123 13.74 19.18 -25.97
CA LEU B 123 12.82 20.03 -26.71
C LEU B 123 12.18 20.95 -25.66
N LYS B 124 11.77 22.14 -26.12
CA LYS B 124 11.18 23.12 -25.25
C LYS B 124 10.11 23.91 -26.00
N GLY B 125 9.15 24.44 -25.24
CA GLY B 125 8.19 25.43 -25.72
C GLY B 125 7.25 24.90 -26.81
N LYS B 126 7.02 25.75 -27.82
CA LYS B 126 6.11 25.41 -28.90
C LYS B 126 6.49 24.03 -29.45
N GLU B 127 7.78 23.80 -29.68
CA GLU B 127 8.21 22.55 -30.27
C GLU B 127 7.81 21.41 -29.33
N LEU B 128 8.03 21.58 -28.03
CA LEU B 128 7.65 20.54 -27.10
C LEU B 128 6.14 20.28 -27.25
N PHE B 129 5.33 21.32 -27.12
CA PHE B 129 3.88 21.10 -27.06
C PHE B 129 3.30 20.60 -28.38
N SER B 130 3.76 21.12 -29.52
CA SER B 130 3.31 20.62 -30.81
C SER B 130 3.63 19.14 -30.96
N THR B 131 4.89 18.76 -30.72
CA THR B 131 5.30 17.38 -30.93
C THR B 131 4.43 16.49 -30.02
N ALA B 132 4.29 16.91 -28.76
CA ALA B 132 3.52 16.12 -27.82
C ALA B 132 2.12 15.88 -28.34
N THR B 133 1.42 16.93 -28.75
CA THR B 133 0.08 16.76 -29.32
C THR B 133 0.04 15.76 -30.45
N TRP B 134 0.84 15.95 -31.49
CA TRP B 134 0.77 15.02 -32.59
C TRP B 134 1.07 13.59 -32.16
N LEU B 135 2.03 13.38 -31.24
CA LEU B 135 2.36 12.04 -30.84
C LEU B 135 1.17 11.42 -30.09
N ILE B 136 0.51 12.20 -29.24
CA ILE B 136 -0.59 11.63 -28.46
C ILE B 136 -1.78 11.29 -29.35
N LEU B 137 -2.10 12.11 -30.35
CA LEU B 137 -3.18 11.72 -31.25
C LEU B 137 -2.76 10.52 -32.10
N ALA B 138 -1.55 10.52 -32.65
CA ALA B 138 -1.15 9.32 -33.35
C ALA B 138 -1.33 8.09 -32.45
N ALA B 139 -0.94 8.18 -31.15
CA ALA B 139 -1.00 6.99 -30.30
C ALA B 139 -2.44 6.56 -30.03
N TRP B 140 -3.30 7.50 -29.69
CA TRP B 140 -4.72 7.16 -29.51
C TRP B 140 -5.30 6.54 -30.76
N GLY B 141 -4.93 7.06 -31.91
CA GLY B 141 -5.32 6.47 -33.17
C GLY B 141 -4.93 5.01 -33.28
N MET B 142 -3.64 4.73 -33.07
CA MET B 142 -3.13 3.36 -33.03
C MET B 142 -3.90 2.47 -32.04
N ILE B 143 -4.23 2.98 -30.86
CA ILE B 143 -4.66 2.09 -29.81
C ILE B 143 -6.15 1.75 -30.01
N ILE B 144 -6.96 2.77 -30.25
CA ILE B 144 -8.38 2.55 -30.46
C ILE B 144 -8.57 1.61 -31.63
N THR B 145 -7.91 1.85 -32.77
CA THR B 145 -8.12 0.93 -33.87
C THR B 145 -7.63 -0.47 -33.52
N GLY B 146 -6.55 -0.59 -32.77
CA GLY B 146 -6.12 -1.91 -32.34
C GLY B 146 -7.17 -2.60 -31.45
N TYR B 147 -7.76 -1.87 -30.51
CA TYR B 147 -8.73 -2.48 -29.63
C TYR B 147 -9.92 -3.05 -30.40
N VAL B 148 -10.51 -2.26 -31.29
CA VAL B 148 -11.57 -2.77 -32.13
C VAL B 148 -11.10 -3.99 -32.90
N GLY B 149 -9.98 -3.90 -33.59
CA GLY B 149 -9.45 -5.06 -34.26
C GLY B 149 -9.46 -6.34 -33.43
N GLN B 150 -9.08 -6.28 -32.15
CA GLN B 150 -8.84 -7.54 -31.44
C GLN B 150 -10.12 -8.08 -30.85
N LEU B 151 -11.22 -7.38 -31.10
CA LEU B 151 -12.55 -7.94 -30.94
C LEU B 151 -12.88 -8.98 -32.00
N TYR B 152 -12.11 -9.08 -33.09
CA TYR B 152 -12.41 -10.06 -34.11
C TYR B 152 -11.50 -11.27 -34.07
N GLU B 153 -10.77 -11.49 -32.98
CA GLU B 153 -9.71 -12.48 -33.06
C GLU B 153 -10.25 -13.92 -33.04
N VAL B 154 -11.49 -14.11 -32.59
CA VAL B 154 -12.12 -15.43 -32.62
C VAL B 154 -13.08 -15.55 -33.81
N ASP B 155 -13.78 -14.47 -34.09
CA ASP B 155 -14.79 -14.42 -35.13
C ASP B 155 -14.17 -14.29 -36.53
N ASP B 156 -13.46 -13.17 -36.79
CA ASP B 156 -13.16 -12.78 -38.16
C ASP B 156 -11.73 -12.30 -38.41
N ILE B 157 -10.80 -13.22 -38.73
CA ILE B 157 -9.41 -12.81 -38.90
C ILE B 157 -9.29 -11.72 -39.96
N ALA B 158 -10.13 -11.76 -40.99
CA ALA B 158 -10.15 -10.73 -42.00
C ALA B 158 -10.21 -9.36 -41.33
N GLN B 159 -11.21 -9.18 -40.46
CA GLN B 159 -11.39 -7.92 -39.75
C GLN B 159 -10.20 -7.64 -38.84
N LEU B 160 -9.69 -8.67 -38.14
CA LEU B 160 -8.49 -8.48 -37.36
C LEU B 160 -7.41 -7.79 -38.21
N MET B 161 -7.14 -8.34 -39.40
CA MET B 161 -6.08 -7.83 -40.26
C MET B 161 -6.40 -6.44 -40.80
N ILE B 162 -7.66 -6.14 -41.03
CA ILE B 162 -7.93 -4.85 -41.62
C ILE B 162 -7.69 -3.77 -40.59
N TRP B 163 -8.31 -3.89 -39.39
CA TRP B 163 -8.06 -2.90 -38.35
C TRP B 163 -6.57 -2.89 -37.97
N GLY B 164 -5.92 -4.05 -38.00
CA GLY B 164 -4.49 -4.08 -37.79
C GLY B 164 -3.76 -3.08 -38.68
N ALA B 165 -4.10 -3.11 -39.97
CA ALA B 165 -3.39 -2.33 -40.97
C ALA B 165 -3.57 -0.84 -40.69
N VAL B 166 -4.79 -0.42 -40.43
CA VAL B 166 -5.01 0.94 -39.99
C VAL B 166 -4.23 1.27 -38.72
N SER B 167 -4.25 0.41 -37.71
CA SER B 167 -3.49 0.70 -36.52
C SER B 167 -2.01 0.89 -36.90
N THR B 168 -1.47 -0.03 -37.69
CA THR B 168 -0.08 0.06 -38.11
C THR B 168 0.24 1.36 -38.86
N ALA B 169 -0.72 1.91 -39.61
CA ALA B 169 -0.50 3.22 -40.19
C ALA B 169 -0.13 4.23 -39.11
N PHE B 170 -0.96 4.36 -38.08
CA PHE B 170 -0.63 5.28 -36.99
C PHE B 170 0.71 4.96 -36.34
N PHE B 171 1.03 3.69 -36.16
CA PHE B 171 2.33 3.35 -35.60
C PHE B 171 3.45 3.98 -36.40
N VAL B 172 3.38 3.81 -37.72
CA VAL B 172 4.45 4.25 -38.59
C VAL B 172 4.63 5.77 -38.48
N VAL B 173 3.54 6.49 -38.55
CA VAL B 173 3.62 7.92 -38.34
C VAL B 173 4.29 8.23 -37.01
N MET B 174 3.87 7.56 -35.95
CA MET B 174 4.43 7.88 -34.65
C MET B 174 5.92 7.54 -34.66
N ASN B 175 6.34 6.39 -35.21
CA ASN B 175 7.77 6.07 -35.19
C ASN B 175 8.57 7.07 -36.00
N TRP B 176 7.94 7.63 -37.02
CA TRP B 176 8.61 8.57 -37.88
C TRP B 176 8.92 9.86 -37.14
N ILE B 177 7.89 10.50 -36.55
CA ILE B 177 8.12 11.63 -35.65
C ILE B 177 9.22 11.36 -34.61
N VAL B 178 9.15 10.24 -33.89
CA VAL B 178 10.13 9.99 -32.86
C VAL B 178 11.50 9.94 -33.51
N GLY B 179 11.66 9.09 -34.52
CA GLY B 179 12.98 8.86 -35.11
C GLY B 179 13.57 10.17 -35.61
N THR B 180 12.73 11.01 -36.22
CA THR B 180 13.19 12.30 -36.67
C THR B 180 13.74 13.12 -35.51
N LYS B 181 12.91 13.37 -34.47
CA LYS B 181 13.33 14.21 -33.35
C LYS B 181 14.60 13.67 -32.70
N ILE B 182 14.72 12.35 -32.57
CA ILE B 182 15.93 11.81 -32.00
C ILE B 182 17.11 12.20 -32.86
N PHE B 183 17.07 11.89 -34.16
CA PHE B 183 18.28 12.02 -34.96
C PHE B 183 18.60 13.49 -35.18
N LYS B 184 17.59 14.37 -35.18
CA LYS B 184 17.87 15.80 -35.25
C LYS B 184 18.48 16.34 -33.96
N ASN B 185 18.15 15.77 -32.80
CA ASN B 185 18.52 16.40 -31.53
C ASN B 185 19.65 15.66 -30.81
N ARG B 186 20.13 14.59 -31.42
CA ARG B 186 21.15 13.77 -30.80
C ARG B 186 22.40 14.62 -30.57
N ALA B 187 22.66 15.60 -31.44
CA ALA B 187 23.95 16.29 -31.44
C ALA B 187 24.05 17.24 -30.26
N THR B 188 22.92 17.85 -29.91
CA THR B 188 22.84 18.79 -28.80
C THR B 188 22.73 18.11 -27.42
N MET B 189 22.68 16.76 -27.36
CA MET B 189 22.64 16.07 -26.08
C MET B 189 23.92 16.37 -25.31
N LEU B 190 23.83 16.43 -23.97
CA LEU B 190 24.95 16.69 -23.08
C LEU B 190 25.49 15.41 -22.45
N GLY B 191 26.70 15.52 -21.89
CA GLY B 191 27.28 14.45 -21.08
C GLY B 191 27.59 13.16 -21.84
N GLY B 192 27.75 13.23 -23.17
CA GLY B 192 28.02 12.04 -23.96
C GLY B 192 26.80 11.13 -24.15
N THR B 193 25.61 11.72 -24.18
CA THR B 193 24.39 10.96 -24.16
C THR B 193 23.86 10.77 -25.58
N ASP B 194 24.48 11.44 -26.56
CA ASP B 194 24.28 11.14 -27.98
C ASP B 194 24.42 9.63 -28.29
N SER B 195 25.43 8.99 -27.71
CA SER B 195 25.55 7.55 -27.83
C SER B 195 24.37 6.88 -27.15
N THR B 196 24.00 7.34 -25.95
CA THR B 196 23.02 6.59 -25.21
C THR B 196 21.66 6.70 -25.89
N ILE B 197 21.35 7.87 -26.43
CA ILE B 197 19.99 8.04 -26.93
C ILE B 197 19.80 7.16 -28.15
N THR B 198 20.87 6.82 -28.84
CA THR B 198 20.74 5.99 -30.02
C THR B 198 20.34 4.56 -29.61
N LYS B 199 21.02 4.02 -28.61
CA LYS B 199 20.58 2.78 -27.98
C LYS B 199 19.11 2.83 -27.57
N VAL B 200 18.66 3.90 -26.95
CA VAL B 200 17.24 3.97 -26.64
C VAL B 200 16.35 3.81 -27.89
N PHE B 201 16.64 4.54 -28.98
CA PHE B 201 15.87 4.39 -30.21
C PHE B 201 15.81 2.92 -30.68
N TRP B 202 16.93 2.19 -30.61
CA TRP B 202 16.86 0.81 -31.05
C TRP B 202 16.02 0.00 -30.07
N LEU B 203 16.17 0.23 -28.76
CA LEU B 203 15.38 -0.46 -27.76
C LEU B 203 13.92 -0.30 -28.10
N MET B 204 13.48 0.93 -28.37
CA MET B 204 12.09 1.17 -28.72
C MET B 204 11.67 0.39 -29.96
N MET B 205 12.43 0.45 -31.06
CA MET B 205 12.14 -0.32 -32.28
C MET B 205 11.94 -1.82 -31.97
N PHE B 206 12.85 -2.44 -31.21
CA PHE B 206 12.65 -3.84 -30.85
C PHE B 206 11.46 -3.96 -29.89
N ALA B 207 11.47 -3.34 -28.72
CA ALA B 207 10.41 -3.68 -27.79
C ALA B 207 9.05 -3.33 -28.39
N TRP B 208 8.88 -2.17 -29.06
CA TRP B 208 7.54 -1.77 -29.43
C TRP B 208 6.99 -2.71 -30.49
N THR B 209 7.87 -3.32 -31.26
CA THR B 209 7.41 -4.16 -32.35
C THR B 209 6.87 -5.50 -31.84
N LEU B 210 7.29 -5.94 -30.65
CA LEU B 210 6.70 -7.15 -30.10
C LEU B 210 5.17 -7.01 -30.00
N TYR B 211 4.62 -5.81 -29.75
CA TYR B 211 3.18 -5.73 -29.54
C TYR B 211 2.39 -6.14 -30.78
N PRO B 212 2.58 -5.56 -31.97
CA PRO B 212 1.92 -6.07 -33.18
C PRO B 212 2.15 -7.55 -33.47
N ILE B 213 3.31 -8.08 -33.13
CA ILE B 213 3.46 -9.54 -33.27
C ILE B 213 2.50 -10.27 -32.33
N ALA B 214 2.46 -9.91 -31.03
CA ALA B 214 1.50 -10.52 -30.16
C ALA B 214 0.08 -10.40 -30.74
N TYR B 215 -0.22 -9.27 -31.35
CA TYR B 215 -1.57 -9.09 -31.87
C TYR B 215 -1.88 -10.09 -32.96
N LEU B 216 -0.89 -10.50 -33.75
CA LEU B 216 -1.16 -11.40 -34.87
C LEU B 216 -1.17 -12.89 -34.50
N VAL B 217 -0.79 -13.27 -33.30
CA VAL B 217 -0.77 -14.68 -32.96
C VAL B 217 -2.06 -15.42 -33.36
N PRO B 218 -3.28 -14.94 -33.08
CA PRO B 218 -4.47 -15.65 -33.51
C PRO B 218 -4.49 -15.99 -34.99
N ALA B 219 -3.80 -15.16 -35.78
CA ALA B 219 -3.79 -15.35 -37.22
C ALA B 219 -2.76 -16.41 -37.65
N PHE B 220 -1.79 -16.76 -36.81
CA PHE B 220 -0.77 -17.72 -37.19
C PHE B 220 -0.46 -18.80 -36.15
N MET B 221 -1.07 -18.77 -34.95
CA MET B 221 -0.86 -19.82 -33.96
C MET B 221 -2.04 -19.93 -32.99
N ASN B 222 -3.23 -20.23 -33.52
CA ASN B 222 -4.48 -20.32 -32.77
C ASN B 222 -4.53 -21.65 -32.00
N ASN B 223 -3.99 -21.63 -30.79
CA ASN B 223 -4.02 -22.76 -29.87
C ASN B 223 -3.29 -22.36 -28.59
N ALA B 224 -3.26 -23.28 -27.61
CA ALA B 224 -2.79 -22.93 -26.30
C ALA B 224 -1.30 -22.61 -26.30
N ASP B 225 -0.56 -23.15 -27.24
CA ASP B 225 0.85 -22.78 -27.38
C ASP B 225 0.98 -21.33 -27.87
N GLY B 226 0.09 -20.91 -28.76
CA GLY B 226 0.06 -19.51 -29.16
C GLY B 226 -0.23 -18.60 -27.98
N VAL B 227 -1.18 -19.01 -27.15
CA VAL B 227 -1.52 -18.23 -25.98
C VAL B 227 -0.31 -18.13 -25.08
N VAL B 228 0.49 -19.20 -24.98
CA VAL B 228 1.68 -19.08 -24.15
C VAL B 228 2.66 -18.08 -24.74
N LEU B 229 2.85 -18.18 -26.03
CA LEU B 229 3.74 -17.29 -26.74
C LEU B 229 3.30 -15.85 -26.56
N ARG B 230 2.03 -15.58 -26.82
CA ARG B 230 1.55 -14.21 -26.67
C ARG B 230 1.78 -13.67 -25.24
N GLN B 231 1.54 -14.43 -24.19
CA GLN B 231 1.75 -13.82 -22.89
C GLN B 231 3.26 -13.65 -22.65
N LEU B 232 4.12 -14.53 -23.16
CA LEU B 232 5.55 -14.27 -23.00
C LEU B 232 5.96 -13.01 -23.79
N LEU B 233 5.50 -12.82 -25.03
CA LEU B 233 5.78 -11.59 -25.76
C LEU B 233 5.35 -10.36 -24.98
N PHE B 234 4.13 -10.32 -24.47
CA PHE B 234 3.73 -9.18 -23.66
C PHE B 234 4.64 -8.98 -22.46
N THR B 235 5.17 -10.01 -21.83
CA THR B 235 5.98 -9.81 -20.64
C THR B 235 7.30 -9.15 -20.99
N ILE B 236 8.02 -9.73 -21.92
CA ILE B 236 9.27 -9.16 -22.37
C ILE B 236 9.04 -7.73 -22.88
N ALA B 237 8.00 -7.52 -23.68
CA ALA B 237 7.74 -6.20 -24.20
C ALA B 237 7.45 -5.21 -23.07
N ASP B 238 6.75 -5.60 -21.99
CA ASP B 238 6.46 -4.65 -20.91
C ASP B 238 7.71 -4.30 -20.12
N ILE B 239 8.57 -5.28 -19.87
CA ILE B 239 9.79 -5.01 -19.13
C ILE B 239 10.75 -4.18 -20.00
N SER B 240 10.94 -4.54 -21.25
CA SER B 240 11.75 -3.76 -22.17
C SER B 240 11.19 -2.36 -22.38
N SER B 241 9.93 -2.25 -22.71
CA SER B 241 9.45 -0.96 -23.18
C SER B 241 9.18 -0.01 -22.02
N LYS B 242 9.06 -0.50 -20.78
CA LYS B 242 8.69 0.41 -19.72
C LYS B 242 9.78 0.50 -18.67
N VAL B 243 10.23 -0.62 -18.13
CA VAL B 243 11.21 -0.61 -17.05
C VAL B 243 12.61 -0.36 -17.62
N ILE B 244 13.10 -1.14 -18.57
CA ILE B 244 14.45 -0.91 -19.04
C ILE B 244 14.54 0.43 -19.77
N TYR B 245 13.59 0.75 -20.63
CA TYR B 245 13.53 2.10 -21.18
C TYR B 245 13.51 3.19 -20.10
N GLY B 246 12.73 3.01 -19.06
CA GLY B 246 12.77 3.94 -17.95
C GLY B 246 14.15 4.14 -17.33
N LEU B 247 14.87 3.05 -17.06
CA LEU B 247 16.22 3.11 -16.54
C LEU B 247 17.16 3.83 -17.49
N MET B 248 17.01 3.64 -18.79
CA MET B 248 17.85 4.36 -19.72
C MET B 248 17.54 5.84 -19.75
N ILE B 249 16.26 6.24 -19.76
CA ILE B 249 15.93 7.67 -19.73
C ILE B 249 16.46 8.33 -18.45
N THR B 250 16.42 7.64 -17.31
CA THR B 250 16.88 8.24 -16.07
C THR B 250 18.39 8.38 -16.09
N TYR B 251 19.09 7.37 -16.58
CA TYR B 251 20.52 7.47 -16.72
C TYR B 251 20.89 8.61 -17.67
N ILE B 252 20.23 8.78 -18.80
CA ILE B 252 20.51 9.95 -19.62
C ILE B 252 20.24 11.27 -18.87
N ALA B 253 19.12 11.37 -18.14
CA ALA B 253 18.83 12.56 -17.34
C ALA B 253 19.93 12.89 -16.32
N ILE B 254 20.50 11.87 -15.66
CA ILE B 254 21.53 12.11 -14.68
C ILE B 254 22.80 12.60 -15.36
N GLN B 255 23.23 11.96 -16.45
CA GLN B 255 24.42 12.39 -17.15
C GLN B 255 24.28 13.84 -17.66
N GLN B 256 23.13 14.21 -18.20
CA GLN B 256 22.92 15.58 -18.66
C GLN B 256 22.79 16.56 -17.53
N SER B 257 22.22 16.13 -16.39
CA SER B 257 22.15 17.03 -15.24
C SER B 257 23.57 17.38 -14.78
N ALA B 258 24.43 16.37 -14.78
CA ALA B 258 25.75 16.57 -14.23
C ALA B 258 26.47 17.52 -15.15
N ALA B 259 26.31 17.29 -16.46
CA ALA B 259 26.97 18.12 -17.45
C ALA B 259 26.51 19.57 -17.36
N ALA B 260 25.27 19.79 -16.95
CA ALA B 260 24.74 21.14 -16.78
C ALA B 260 25.13 21.74 -15.43
N GLY B 261 25.78 20.96 -14.56
CA GLY B 261 26.32 21.50 -13.33
C GLY B 261 25.48 21.27 -12.07
N TYR B 262 24.54 20.32 -12.08
CA TYR B 262 23.78 19.99 -10.89
C TYR B 262 24.64 19.10 -10.00
N VAL B 263 24.80 19.51 -8.76
CA VAL B 263 25.86 18.92 -7.97
C VAL B 263 25.46 17.53 -7.50
N PRO B 264 24.25 17.34 -6.96
CA PRO B 264 23.79 15.99 -6.64
C PRO B 264 24.04 14.97 -7.74
N ALA B 265 23.84 15.37 -8.99
CA ALA B 265 24.14 14.50 -10.12
C ALA B 265 25.63 14.27 -10.22
N GLN B 266 26.44 15.32 -10.03
CA GLN B 266 27.88 15.15 -10.14
C GLN B 266 28.36 14.20 -9.07
N GLN B 267 27.90 14.42 -7.83
CA GLN B 267 28.17 13.49 -6.72
C GLN B 267 27.74 12.08 -7.08
N ALA B 268 26.52 11.90 -7.60
CA ALA B 268 26.05 10.55 -7.85
C ALA B 268 27.00 9.84 -8.79
N LEU B 269 27.67 10.58 -9.67
CA LEU B 269 28.55 9.95 -10.64
C LEU B 269 30.01 9.98 -10.17
N GLY B 270 30.28 10.39 -8.92
CA GLY B 270 31.65 10.49 -8.44
C GLY B 270 32.22 11.90 -8.62
N GLY C 7 -37.76 -3.61 -6.04
CA GLY C 7 -36.49 -4.37 -6.27
C GLY C 7 -35.30 -3.42 -6.46
N MET C 8 -34.75 -3.44 -7.68
CA MET C 8 -33.49 -2.78 -8.02
C MET C 8 -33.65 -1.27 -8.11
N LYS C 9 -32.56 -0.57 -7.86
CA LYS C 9 -32.50 0.87 -7.96
C LYS C 9 -31.83 1.31 -9.26
N ASN C 10 -30.88 0.52 -9.79
CA ASN C 10 -30.13 0.99 -10.95
C ASN C 10 -30.35 0.04 -12.10
N ILE C 11 -30.34 0.56 -13.30
CA ILE C 11 -30.58 -0.28 -14.45
C ILE C 11 -29.39 -1.20 -14.77
N GLU C 12 -28.18 -0.88 -14.32
CA GLU C 12 -27.09 -1.84 -14.44
C GLU C 12 -27.58 -3.24 -14.06
N SER C 13 -28.34 -3.33 -12.97
CA SER C 13 -28.75 -4.61 -12.41
C SER C 13 -29.93 -5.26 -13.15
N LEU C 14 -30.50 -4.59 -14.16
CA LEU C 14 -31.60 -5.18 -14.89
C LEU C 14 -31.16 -6.06 -16.07
N PHE C 15 -29.95 -5.91 -16.58
CA PHE C 15 -29.61 -6.56 -17.84
C PHE C 15 -28.60 -7.69 -17.70
N ASP C 16 -28.57 -8.48 -18.78
CA ASP C 16 -27.50 -9.40 -19.09
C ASP C 16 -26.57 -8.70 -20.07
N TYR C 17 -25.31 -9.15 -20.10
CA TYR C 17 -24.34 -8.49 -20.93
C TYR C 17 -23.65 -9.55 -21.75
N SER C 18 -23.38 -9.20 -23.03
CA SER C 18 -22.46 -10.00 -23.82
C SER C 18 -21.07 -9.96 -23.18
N ALA C 19 -20.25 -10.97 -23.47
CA ALA C 19 -18.86 -11.00 -23.04
C ALA C 19 -18.13 -9.73 -23.43
N GLY C 20 -18.41 -9.22 -24.64
CA GLY C 20 -17.78 -8.01 -25.12
C GLY C 20 -18.22 -6.77 -24.36
N GLN C 21 -19.52 -6.61 -24.13
CA GLN C 21 -19.98 -5.51 -23.30
C GLN C 21 -19.44 -5.63 -21.88
N PHE C 22 -19.59 -6.80 -21.30
CA PHE C 22 -19.16 -6.98 -19.94
C PHE C 22 -17.66 -6.70 -19.84
N GLU C 23 -16.86 -7.14 -20.82
CA GLU C 23 -15.42 -7.00 -20.66
C GLU C 23 -15.01 -5.54 -20.89
N PHE C 24 -15.69 -4.84 -21.80
CA PHE C 24 -15.37 -3.46 -22.07
C PHE C 24 -15.54 -2.64 -20.80
N ILE C 25 -16.62 -2.84 -20.09
CA ILE C 25 -16.85 -2.14 -18.85
C ILE C 25 -15.77 -2.48 -17.84
N ASP C 26 -15.37 -3.75 -17.72
CA ASP C 26 -14.31 -4.06 -16.79
C ASP C 26 -12.97 -3.41 -17.20
N HIS C 27 -12.68 -3.36 -18.49
CA HIS C 27 -11.53 -2.64 -18.97
C HIS C 27 -11.55 -1.17 -18.57
N LEU C 28 -12.67 -0.47 -18.74
CA LEU C 28 -12.76 0.93 -18.35
C LEU C 28 -12.57 1.11 -16.85
N LEU C 29 -13.32 0.38 -16.04
CA LEU C 29 -13.15 0.51 -14.60
C LEU C 29 -11.71 0.20 -14.17
N THR C 30 -11.08 -0.79 -14.78
CA THR C 30 -9.74 -1.13 -14.30
C THR C 30 -8.73 -0.03 -14.62
N MET C 31 -8.86 0.58 -15.75
CA MET C 31 -7.94 1.62 -16.17
C MET C 31 -8.08 2.84 -15.26
N GLY C 32 -9.31 3.26 -15.05
CA GLY C 32 -9.58 4.36 -14.13
C GLY C 32 -8.90 4.21 -12.77
N VAL C 33 -8.91 3.04 -12.17
CA VAL C 33 -8.23 2.90 -10.89
C VAL C 33 -6.76 3.27 -10.97
N GLY C 34 -6.06 2.81 -11.99
CA GLY C 34 -4.63 3.02 -12.03
C GLY C 34 -4.23 4.42 -12.50
N VAL C 35 -4.99 5.03 -13.39
CA VAL C 35 -4.70 6.42 -13.71
C VAL C 35 -4.78 7.26 -12.44
N HIS C 36 -5.79 7.07 -11.59
CA HIS C 36 -5.88 7.90 -10.39
C HIS C 36 -4.71 7.62 -9.45
N PHE C 37 -4.35 6.36 -9.17
CA PHE C 37 -3.17 6.10 -8.31
C PHE C 37 -1.88 6.53 -8.95
N ALA C 38 -1.76 6.44 -10.26
CA ALA C 38 -0.53 6.89 -10.89
C ALA C 38 -0.39 8.41 -10.79
N ALA C 39 -1.42 9.15 -11.18
CA ALA C 39 -1.41 10.57 -10.97
C ALA C 39 -1.02 10.95 -9.53
N LEU C 40 -1.50 10.23 -8.52
CA LEU C 40 -1.05 10.55 -7.18
C LEU C 40 0.48 10.63 -7.06
N ILE C 41 1.23 9.60 -7.46
CA ILE C 41 2.68 9.67 -7.30
C ILE C 41 3.22 10.91 -8.02
N PHE C 42 2.74 11.18 -9.23
CA PHE C 42 3.26 12.33 -9.94
C PHE C 42 3.02 13.65 -9.17
N PHE C 43 1.83 13.87 -8.64
CA PHE C 43 1.56 15.06 -7.83
C PHE C 43 2.50 15.14 -6.62
N LEU C 44 2.84 14.02 -5.99
CA LEU C 44 3.74 14.13 -4.84
C LEU C 44 5.14 14.54 -5.28
N VAL C 45 5.66 13.92 -6.32
CA VAL C 45 6.96 14.29 -6.82
C VAL C 45 7.06 15.76 -7.28
N VAL C 46 6.07 16.31 -7.99
CA VAL C 46 6.27 17.65 -8.54
C VAL C 46 5.81 18.71 -7.54
N SER C 47 5.20 18.32 -6.42
CA SER C 47 4.83 19.31 -5.43
C SER C 47 6.02 20.14 -4.97
N GLN C 48 7.24 19.60 -5.00
CA GLN C 48 8.38 20.35 -4.52
C GLN C 48 8.71 21.57 -5.36
N PHE C 49 8.22 21.61 -6.60
CA PHE C 49 8.42 22.78 -7.42
C PHE C 49 7.32 23.82 -7.27
N VAL C 50 6.36 23.64 -6.36
CA VAL C 50 5.34 24.64 -6.22
C VAL C 50 5.70 25.47 -5.01
N ALA C 51 5.53 26.79 -5.06
CA ALA C 51 5.78 27.57 -3.85
C ALA C 51 4.76 27.26 -2.77
N PRO C 52 5.14 27.27 -1.48
CA PRO C 52 4.25 26.98 -0.37
C PRO C 52 2.89 27.66 -0.39
N LYS C 53 2.86 28.93 -0.83
CA LYS C 53 1.62 29.70 -0.96
C LYS C 53 0.60 28.99 -1.85
N TYR C 54 1.02 28.13 -2.77
CA TYR C 54 0.14 27.40 -3.67
C TYR C 54 0.19 25.90 -3.45
N ARG C 55 1.02 25.39 -2.56
CA ARG C 55 1.20 23.95 -2.45
C ARG C 55 -0.06 23.25 -1.93
N ILE C 56 -0.98 23.94 -1.30
CA ILE C 56 -2.24 23.37 -0.88
C ILE C 56 -2.96 22.89 -2.16
N ALA C 57 -2.90 23.64 -3.25
CA ALA C 57 -3.58 23.24 -4.46
C ALA C 57 -3.09 21.88 -4.91
N THR C 58 -1.79 21.66 -4.86
CA THR C 58 -1.26 20.36 -5.27
C THR C 58 -1.66 19.28 -4.26
N ALA C 59 -1.67 19.59 -2.98
CA ALA C 59 -2.11 18.64 -1.97
C ALA C 59 -3.56 18.22 -2.21
N LEU C 60 -4.43 19.17 -2.53
CA LEU C 60 -5.83 18.85 -2.75
C LEU C 60 -5.98 17.88 -3.93
N SER C 61 -5.16 17.98 -4.97
CA SER C 61 -5.21 16.94 -5.98
C SER C 61 -4.86 15.55 -5.41
N CYS C 62 -3.85 15.46 -4.57
CA CYS C 62 -3.57 14.18 -3.96
C CYS C 62 -4.82 13.64 -3.22
N ILE C 63 -5.55 14.47 -2.49
CA ILE C 63 -6.76 13.97 -1.86
C ILE C 63 -7.68 13.33 -2.91
N VAL C 64 -8.05 14.10 -3.91
CA VAL C 64 -8.97 13.64 -4.93
C VAL C 64 -8.40 12.37 -5.62
N MET C 65 -7.11 12.28 -5.88
CA MET C 65 -6.68 11.07 -6.53
C MET C 65 -6.91 9.84 -5.63
N VAL C 66 -6.57 9.88 -4.35
CA VAL C 66 -6.71 8.69 -3.51
C VAL C 66 -8.19 8.33 -3.38
N SER C 67 -9.01 9.33 -3.04
CA SER C 67 -10.42 9.13 -2.79
C SER C 67 -11.13 8.52 -4.02
N ALA C 68 -11.01 9.14 -5.18
CA ALA C 68 -11.57 8.62 -6.42
C ALA C 68 -10.93 7.31 -6.84
N GLY C 69 -9.65 7.17 -6.74
CA GLY C 69 -9.06 5.87 -7.01
C GLY C 69 -9.62 4.72 -6.19
N LEU C 70 -9.85 4.90 -4.90
CA LEU C 70 -10.43 3.80 -4.11
C LEU C 70 -11.90 3.53 -4.41
N ILE C 71 -12.71 4.52 -4.76
CA ILE C 71 -14.08 4.25 -5.20
C ILE C 71 -14.01 3.43 -6.49
N LEU C 72 -13.22 3.88 -7.45
CA LEU C 72 -13.16 3.10 -8.66
C LEU C 72 -12.74 1.67 -8.33
N ASN C 73 -11.85 1.52 -7.39
CA ASN C 73 -11.37 0.18 -7.17
C ASN C 73 -12.49 -0.70 -6.61
N SER C 74 -13.29 -0.13 -5.74
CA SER C 74 -14.48 -0.81 -5.25
C SER C 74 -15.43 -1.19 -6.39
N GLN C 75 -15.76 -0.23 -7.25
CA GLN C 75 -16.72 -0.53 -8.29
C GLN C 75 -16.17 -1.65 -9.16
N ALA C 76 -14.87 -1.65 -9.40
CA ALA C 76 -14.32 -2.58 -10.38
C ALA C 76 -14.41 -3.98 -9.82
N VAL C 77 -14.22 -4.12 -8.51
CA VAL C 77 -14.38 -5.41 -7.87
C VAL C 77 -15.85 -5.85 -7.82
N MET C 78 -16.75 -4.94 -7.50
CA MET C 78 -18.16 -5.25 -7.45
C MET C 78 -18.62 -5.74 -8.81
N TRP C 79 -18.09 -5.19 -9.90
CA TRP C 79 -18.60 -5.56 -11.22
C TRP C 79 -18.32 -7.02 -11.50
N THR C 80 -17.13 -7.47 -11.14
CA THR C 80 -16.76 -8.84 -11.41
C THR C 80 -17.43 -9.78 -10.40
N ASP C 81 -17.79 -9.28 -9.23
CA ASP C 81 -18.44 -10.06 -8.17
C ASP C 81 -19.95 -10.21 -8.35
N ALA C 82 -20.60 -9.19 -8.89
CA ALA C 82 -22.03 -9.21 -9.08
C ALA C 82 -22.47 -10.12 -10.24
N TYR C 83 -21.61 -10.34 -11.24
CA TYR C 83 -22.02 -11.09 -12.42
C TYR C 83 -21.17 -12.33 -12.69
N ALA C 84 -21.79 -13.33 -13.32
CA ALA C 84 -21.08 -14.54 -13.73
C ALA C 84 -21.44 -14.92 -15.14
N TYR C 85 -20.50 -15.55 -15.83
CA TYR C 85 -20.75 -15.97 -17.19
C TYR C 85 -21.49 -17.32 -17.15
N VAL C 86 -22.67 -17.36 -17.78
CA VAL C 86 -23.59 -18.49 -17.64
C VAL C 86 -24.51 -18.57 -18.83
N ASP C 87 -24.41 -19.66 -19.60
CA ASP C 87 -25.18 -19.81 -20.84
C ASP C 87 -24.86 -18.65 -21.78
N GLY C 88 -23.55 -18.39 -21.96
CA GLY C 88 -23.09 -17.46 -22.98
C GLY C 88 -23.48 -16.00 -22.76
N SER C 89 -23.78 -15.62 -21.50
CA SER C 89 -23.95 -14.22 -21.14
C SER C 89 -23.56 -14.04 -19.69
N TYR C 90 -23.18 -12.82 -19.36
CA TYR C 90 -22.98 -12.46 -17.98
C TYR C 90 -24.33 -12.12 -17.37
N GLN C 91 -24.61 -12.67 -16.21
CA GLN C 91 -25.90 -12.48 -15.53
C GLN C 91 -25.70 -12.19 -14.04
N LEU C 92 -26.57 -11.38 -13.47
CA LEU C 92 -26.48 -11.02 -12.07
C LEU C 92 -26.59 -12.25 -11.18
N GLN C 93 -25.93 -12.18 -10.02
CA GLN C 93 -25.76 -13.28 -9.07
C GLN C 93 -25.63 -12.83 -7.61
N ASP C 94 -26.69 -12.71 -6.82
CA ASP C 94 -26.50 -12.65 -5.35
C ASP C 94 -25.85 -11.37 -4.77
N LEU C 95 -25.43 -10.42 -5.58
CA LEU C 95 -25.13 -9.07 -5.18
C LEU C 95 -25.75 -8.15 -6.21
N THR C 96 -25.79 -6.84 -5.97
CA THR C 96 -26.32 -5.90 -6.95
C THR C 96 -25.25 -4.86 -7.21
N PHE C 97 -25.24 -4.30 -8.41
CA PHE C 97 -24.30 -3.26 -8.77
C PHE C 97 -25.03 -1.91 -8.79
N SER C 98 -24.37 -0.84 -8.31
CA SER C 98 -24.96 0.49 -8.25
C SER C 98 -23.91 1.57 -8.50
N ASN C 99 -24.36 2.77 -8.91
CA ASN C 99 -23.44 3.86 -9.13
C ASN C 99 -23.35 4.81 -7.94
N GLY C 100 -24.24 4.62 -6.97
CA GLY C 100 -24.31 5.53 -5.84
C GLY C 100 -22.99 5.70 -5.10
N TYR C 101 -22.08 4.73 -5.22
CA TYR C 101 -20.75 4.92 -4.68
C TYR C 101 -20.14 6.23 -5.16
N ARG C 102 -20.24 6.52 -6.43
CA ARG C 102 -19.71 7.77 -6.94
C ARG C 102 -20.41 8.94 -6.30
N TYR C 103 -21.75 8.93 -6.25
CA TYR C 103 -22.44 10.13 -5.81
C TYR C 103 -21.97 10.50 -4.42
N VAL C 104 -21.84 9.52 -3.54
CA VAL C 104 -21.54 9.83 -2.14
C VAL C 104 -20.10 10.33 -2.05
N ASN C 105 -19.23 9.78 -2.86
CA ASN C 105 -17.86 10.24 -2.89
C ASN C 105 -17.70 11.70 -3.36
N TRP C 106 -18.48 12.16 -4.34
CA TRP C 106 -18.46 13.58 -4.70
C TRP C 106 -18.69 14.49 -3.49
N MET C 107 -19.35 14.05 -2.41
CA MET C 107 -19.50 14.96 -1.29
C MET C 107 -18.14 15.43 -0.78
N ALA C 108 -17.11 14.61 -0.94
CA ALA C 108 -15.76 14.98 -0.50
C ALA C 108 -14.95 15.64 -1.64
N THR C 109 -15.03 15.07 -2.83
CA THR C 109 -14.09 15.47 -3.87
C THR C 109 -14.52 16.75 -4.57
N ILE C 110 -15.82 17.02 -4.76
CA ILE C 110 -16.17 18.24 -5.48
C ILE C 110 -15.68 19.48 -4.72
N PRO C 111 -15.82 19.56 -3.40
CA PRO C 111 -15.18 20.63 -2.64
C PRO C 111 -13.69 20.78 -2.89
N CYS C 112 -12.92 19.68 -2.87
CA CYS C 112 -11.50 19.74 -3.15
C CYS C 112 -11.22 20.32 -4.53
N LEU C 113 -11.89 19.87 -5.58
CA LEU C 113 -11.68 20.45 -6.89
C LEU C 113 -11.97 21.93 -6.88
N LEU C 114 -13.03 22.34 -6.18
CA LEU C 114 -13.37 23.74 -6.25
C LEU C 114 -12.36 24.59 -5.46
N LEU C 115 -11.93 24.13 -4.31
CA LEU C 115 -11.01 24.92 -3.51
C LEU C 115 -9.67 25.08 -4.27
N GLN C 116 -9.18 24.04 -4.95
CA GLN C 116 -7.89 24.18 -5.62
C GLN C 116 -7.96 25.23 -6.72
N LEU C 117 -9.09 25.41 -7.40
CA LEU C 117 -9.22 26.56 -8.30
C LEU C 117 -9.12 27.91 -7.60
N LEU C 118 -9.83 28.09 -6.48
CA LEU C 118 -9.79 29.37 -5.79
C LEU C 118 -8.37 29.75 -5.39
N ILE C 119 -7.57 28.75 -4.97
CA ILE C 119 -6.22 29.04 -4.52
C ILE C 119 -5.37 29.60 -5.66
N VAL C 120 -5.36 28.96 -6.83
CA VAL C 120 -4.54 29.49 -7.92
C VAL C 120 -5.15 30.75 -8.54
N LEU C 121 -6.41 31.07 -8.31
CA LEU C 121 -6.91 32.37 -8.72
C LEU C 121 -6.38 33.46 -7.79
N ASN C 122 -5.65 33.06 -6.77
CA ASN C 122 -5.10 34.00 -5.80
C ASN C 122 -6.17 34.70 -4.97
N LEU C 123 -7.31 34.05 -4.68
CA LEU C 123 -8.24 34.68 -3.74
C LEU C 123 -7.60 34.47 -2.37
N LYS C 124 -7.89 35.39 -1.44
CA LYS C 124 -7.36 35.30 -0.11
C LYS C 124 -8.37 35.82 0.90
N GLY C 125 -8.25 35.29 2.14
CA GLY C 125 -8.95 35.82 3.30
C GLY C 125 -10.47 35.67 3.21
N LYS C 126 -11.19 36.72 3.62
CA LYS C 126 -12.63 36.70 3.63
C LYS C 126 -13.15 36.22 2.29
N GLU C 127 -12.59 36.75 1.20
CA GLU C 127 -13.09 36.39 -0.12
C GLU C 127 -12.89 34.89 -0.32
N LEU C 128 -11.71 34.37 0.05
CA LEU C 128 -11.50 32.94 -0.12
C LEU C 128 -12.56 32.19 0.69
N PHE C 129 -12.69 32.49 1.99
CA PHE C 129 -13.55 31.67 2.85
C PHE C 129 -15.03 31.79 2.47
N SER C 130 -15.50 33.01 2.15
CA SER C 130 -16.89 33.17 1.73
C SER C 130 -17.17 32.34 0.48
N THR C 131 -16.32 32.49 -0.55
CA THR C 131 -16.59 31.82 -1.82
C THR C 131 -16.59 30.32 -1.55
N ALA C 132 -15.62 29.83 -0.78
CA ALA C 132 -15.54 28.41 -0.51
C ALA C 132 -16.80 27.91 0.15
N THR C 133 -17.28 28.58 1.20
CA THR C 133 -18.56 28.21 1.79
C THR C 133 -19.72 28.11 0.77
N TRP C 134 -19.99 29.17 0.02
CA TRP C 134 -21.10 29.11 -0.89
C TRP C 134 -20.91 27.99 -1.90
N LEU C 135 -19.68 27.76 -2.36
CA LEU C 135 -19.48 26.71 -3.36
C LEU C 135 -19.76 25.34 -2.74
N ILE C 136 -19.32 25.13 -1.51
CA ILE C 136 -19.52 23.84 -0.89
C ILE C 136 -20.99 23.57 -0.65
N LEU C 137 -21.77 24.55 -0.20
CA LEU C 137 -23.20 24.32 -0.01
C LEU C 137 -23.87 24.12 -1.37
N ALA C 138 -23.57 24.93 -2.37
CA ALA C 138 -24.16 24.64 -3.65
C ALA C 138 -23.84 23.20 -4.08
N ALA C 139 -22.60 22.73 -3.87
CA ALA C 139 -22.26 21.39 -4.37
C ALA C 139 -22.99 20.30 -3.59
N TRP C 140 -23.02 20.39 -2.26
CA TRP C 140 -23.76 19.41 -1.50
C TRP C 140 -25.22 19.40 -1.92
N GLY C 141 -25.79 20.58 -2.17
CA GLY C 141 -27.15 20.68 -2.69
C GLY C 141 -27.33 19.88 -3.95
N MET C 142 -26.47 20.14 -4.95
CA MET C 142 -26.48 19.40 -6.19
C MET C 142 -26.38 17.88 -5.97
N ILE C 143 -25.53 17.43 -5.07
CA ILE C 143 -25.19 16.02 -5.03
C ILE C 143 -26.30 15.25 -4.32
N ILE C 144 -26.73 15.73 -3.18
CA ILE C 144 -27.78 15.09 -2.43
C ILE C 144 -29.02 15.00 -3.29
N THR C 145 -29.45 16.09 -3.92
CA THR C 145 -30.65 15.98 -4.74
C THR C 145 -30.42 15.01 -5.90
N GLY C 146 -29.22 14.99 -6.47
CA GLY C 146 -28.95 14.00 -7.52
C GLY C 146 -29.05 12.56 -7.02
N TYR C 147 -28.53 12.28 -5.83
CA TYR C 147 -28.55 10.95 -5.28
C TYR C 147 -29.99 10.47 -5.15
N VAL C 148 -30.82 11.25 -4.50
CA VAL C 148 -32.22 10.89 -4.39
C VAL C 148 -32.83 10.66 -5.77
N GLY C 149 -32.66 11.61 -6.68
CA GLY C 149 -33.15 11.40 -8.03
C GLY C 149 -32.81 10.01 -8.61
N GLN C 150 -31.59 9.50 -8.41
CA GLN C 150 -31.21 8.33 -9.19
C GLN C 150 -31.66 7.04 -8.49
N LEU C 151 -32.33 7.19 -7.36
CA LEU C 151 -33.11 6.13 -6.77
C LEU C 151 -34.38 5.83 -7.58
N TYR C 152 -34.79 6.71 -8.49
CA TYR C 152 -35.99 6.46 -9.27
C TYR C 152 -35.68 6.02 -10.70
N GLU C 153 -34.47 5.56 -10.98
CA GLU C 153 -34.13 5.37 -12.39
C GLU C 153 -34.76 4.11 -12.96
N VAL C 154 -35.19 3.17 -12.11
CA VAL C 154 -35.89 1.97 -12.56
C VAL C 154 -37.39 2.13 -12.35
N ASP C 155 -37.76 2.72 -11.21
CA ASP C 155 -39.15 2.93 -10.85
C ASP C 155 -39.79 4.04 -11.68
N ASP C 156 -39.40 5.30 -11.43
CA ASP C 156 -40.20 6.45 -11.84
C ASP C 156 -39.43 7.57 -12.56
N ILE C 157 -39.31 7.49 -13.89
CA ILE C 157 -38.54 8.48 -14.62
C ILE C 157 -39.02 9.90 -14.34
N ALA C 158 -40.33 10.07 -14.13
CA ALA C 158 -40.85 11.37 -13.75
C ALA C 158 -40.05 11.93 -12.58
N GLN C 159 -39.92 11.14 -11.51
CA GLN C 159 -39.21 11.57 -10.31
C GLN C 159 -37.73 11.77 -10.65
N LEU C 160 -37.14 10.87 -11.44
CA LEU C 160 -35.79 11.11 -11.91
C LEU C 160 -35.64 12.54 -12.42
N MET C 161 -36.52 12.92 -13.35
CA MET C 161 -36.42 14.23 -14.01
C MET C 161 -36.69 15.36 -13.01
N ILE C 162 -37.55 15.16 -12.05
CA ILE C 162 -37.86 16.28 -11.19
C ILE C 162 -36.66 16.57 -10.31
N TRP C 163 -36.15 15.56 -9.58
CA TRP C 163 -34.96 15.78 -8.78
C TRP C 163 -33.77 16.22 -9.65
N GLY C 164 -33.69 15.70 -10.87
CA GLY C 164 -32.69 16.21 -11.80
C GLY C 164 -32.72 17.74 -11.92
N ALA C 165 -33.93 18.27 -12.10
CA ALA C 165 -34.10 19.69 -12.38
C ALA C 165 -33.66 20.52 -11.18
N VAL C 166 -34.09 20.13 -9.99
CA VAL C 166 -33.57 20.73 -8.77
C VAL C 166 -32.05 20.63 -8.70
N SER C 167 -31.47 19.46 -8.95
CA SER C 167 -30.03 19.33 -8.87
C SER C 167 -29.41 20.34 -9.84
N THR C 168 -29.92 20.35 -11.08
CA THR C 168 -29.39 21.27 -12.09
C THR C 168 -29.46 22.73 -11.64
N ALA C 169 -30.48 23.11 -10.87
CA ALA C 169 -30.50 24.46 -10.33
C ALA C 169 -29.23 24.74 -9.55
N PHE C 170 -28.89 23.91 -8.57
CA PHE C 170 -27.63 24.07 -7.84
C PHE C 170 -26.41 24.08 -8.77
N PHE C 171 -26.40 23.22 -9.78
CA PHE C 171 -25.26 23.21 -10.68
C PHE C 171 -25.07 24.62 -11.28
N VAL C 172 -26.14 25.20 -11.75
CA VAL C 172 -26.06 26.47 -12.45
C VAL C 172 -25.53 27.56 -11.53
N VAL C 173 -26.09 27.63 -10.33
CA VAL C 173 -25.53 28.54 -9.34
C VAL C 173 -24.03 28.32 -9.17
N MET C 174 -23.61 27.06 -9.03
CA MET C 174 -22.22 26.80 -8.80
C MET C 174 -21.42 27.23 -10.02
N ASN C 175 -21.86 26.92 -11.24
CA ASN C 175 -21.07 27.33 -12.42
C ASN C 175 -20.99 28.83 -12.55
N TRP C 176 -22.03 29.51 -12.06
CA TRP C 176 -22.06 30.96 -12.15
C TRP C 176 -20.99 31.58 -11.26
N ILE C 177 -21.00 31.26 -9.97
CA ILE C 177 -19.93 31.66 -9.06
C ILE C 177 -18.54 31.36 -9.66
N VAL C 178 -18.31 30.13 -10.11
CA VAL C 178 -16.98 29.81 -10.60
C VAL C 178 -16.65 30.73 -11.77
N GLY C 179 -17.53 30.77 -12.77
CA GLY C 179 -17.26 31.52 -13.98
C GLY C 179 -16.99 33.00 -13.66
N THR C 180 -17.75 33.55 -12.73
CA THR C 180 -17.52 34.92 -12.31
C THR C 180 -16.10 35.09 -11.77
N LYS C 181 -15.75 34.35 -10.71
CA LYS C 181 -14.45 34.52 -10.07
C LYS C 181 -13.30 34.31 -11.09
N ILE C 182 -13.45 33.36 -12.00
CA ILE C 182 -12.41 33.18 -12.99
C ILE C 182 -12.26 34.43 -13.81
N PHE C 183 -13.36 34.92 -14.39
CA PHE C 183 -13.22 36.00 -15.37
C PHE C 183 -12.87 37.31 -14.67
N LYS C 184 -13.27 37.48 -13.42
CA LYS C 184 -12.84 38.64 -12.66
C LYS C 184 -11.36 38.60 -12.29
N ASN C 185 -10.78 37.41 -12.08
CA ASN C 185 -9.44 37.33 -11.51
C ASN C 185 -8.38 36.93 -12.57
N ARG C 186 -8.82 36.76 -13.81
CA ARG C 186 -7.93 36.28 -14.83
C ARG C 186 -6.78 37.26 -15.03
N ALA C 187 -7.05 38.56 -14.84
CA ALA C 187 -6.11 39.59 -15.26
C ALA C 187 -4.91 39.64 -14.30
N THR C 188 -5.18 39.37 -13.02
CA THR C 188 -4.17 39.37 -11.99
C THR C 188 -3.31 38.10 -11.97
N MET C 189 -3.60 37.10 -12.81
CA MET C 189 -2.81 35.88 -12.84
C MET C 189 -1.38 36.21 -13.26
N LEU C 190 -0.40 35.46 -12.71
CA LEU C 190 1.01 35.64 -13.01
C LEU C 190 1.54 34.62 -14.01
N GLY C 191 2.70 34.92 -14.59
CA GLY C 191 3.42 33.98 -15.44
C GLY C 191 2.71 33.63 -16.77
N GLY C 192 1.79 34.48 -17.24
CA GLY C 192 1.06 34.18 -18.46
C GLY C 192 -0.04 33.11 -18.29
N THR C 193 -0.64 33.04 -17.10
CA THR C 193 -1.51 31.94 -16.80
C THR C 193 -2.96 32.35 -17.02
N ASP C 194 -3.19 33.64 -17.29
CA ASP C 194 -4.48 34.13 -17.79
C ASP C 194 -4.98 33.32 -19.00
N SER C 195 -4.09 32.98 -19.93
CA SER C 195 -4.46 32.10 -21.02
C SER C 195 -4.82 30.73 -20.47
N THR C 196 -4.00 30.21 -19.54
CA THR C 196 -4.21 28.83 -19.17
C THR C 196 -5.49 28.70 -18.38
N ILE C 197 -5.81 29.68 -17.54
CA ILE C 197 -6.96 29.50 -16.68
C ILE C 197 -8.23 29.49 -17.52
N THR C 198 -8.20 30.10 -18.69
CA THR C 198 -9.37 30.12 -19.55
C THR C 198 -9.65 28.71 -20.09
N LYS C 199 -8.60 28.07 -20.58
CA LYS C 199 -8.67 26.66 -20.91
C LYS C 199 -9.23 25.84 -19.75
N VAL C 200 -8.78 26.06 -18.52
CA VAL C 200 -9.35 25.29 -17.42
C VAL C 200 -10.86 25.48 -17.34
N PHE C 201 -11.35 26.71 -17.39
CA PHE C 201 -12.80 26.94 -17.39
C PHE C 201 -13.51 26.14 -18.48
N TRP C 202 -12.97 26.08 -19.71
CA TRP C 202 -13.66 25.29 -20.72
C TRP C 202 -13.60 23.82 -20.40
N LEU C 203 -12.44 23.32 -19.93
CA LEU C 203 -12.32 21.92 -19.55
C LEU C 203 -13.43 21.61 -18.55
N MET C 204 -13.59 22.42 -17.52
CA MET C 204 -14.64 22.20 -16.51
C MET C 204 -16.02 22.14 -17.14
N MET C 205 -16.38 23.14 -17.98
CA MET C 205 -17.68 23.14 -18.67
C MET C 205 -17.92 21.84 -19.45
N PHE C 206 -16.97 21.38 -20.24
CA PHE C 206 -17.12 20.09 -20.90
C PHE C 206 -17.13 18.95 -19.87
N ALA C 207 -16.08 18.75 -19.09
CA ALA C 207 -16.07 17.54 -18.30
C ALA C 207 -17.29 17.50 -17.37
N TRP C 208 -17.62 18.61 -16.71
CA TRP C 208 -18.61 18.51 -15.64
C TRP C 208 -19.98 18.20 -16.24
N THR C 209 -20.18 18.59 -17.49
CA THR C 209 -21.48 18.38 -18.10
C THR C 209 -21.72 16.92 -18.49
N LEU C 210 -20.66 16.13 -18.67
CA LEU C 210 -20.84 14.71 -18.90
C LEU C 210 -21.64 14.07 -17.77
N TYR C 211 -21.53 14.56 -16.53
CA TYR C 211 -22.20 13.86 -15.45
C TYR C 211 -23.70 13.89 -15.63
N PRO C 212 -24.38 15.04 -15.74
CA PRO C 212 -25.82 15.07 -16.00
C PRO C 212 -26.25 14.29 -17.25
N ILE C 213 -25.41 14.22 -18.27
CA ILE C 213 -25.77 13.33 -19.36
C ILE C 213 -25.79 11.86 -18.92
N ALA C 214 -24.73 11.38 -18.26
CA ALA C 214 -24.80 10.01 -17.73
C ALA C 214 -26.05 9.85 -16.85
N TYR C 215 -26.42 10.85 -16.09
CA TYR C 215 -27.58 10.71 -15.24
C TYR C 215 -28.86 10.47 -16.02
N LEU C 216 -28.95 11.02 -17.24
CA LEU C 216 -30.18 10.89 -18.01
C LEU C 216 -30.27 9.63 -18.87
N VAL C 217 -29.19 8.86 -19.01
CA VAL C 217 -29.26 7.68 -19.85
C VAL C 217 -30.51 6.82 -19.60
N PRO C 218 -30.92 6.48 -18.36
CA PRO C 218 -32.11 5.69 -18.16
C PRO C 218 -33.35 6.27 -18.83
N ALA C 219 -33.35 7.58 -19.03
CA ALA C 219 -34.48 8.26 -19.62
C ALA C 219 -34.45 8.19 -21.14
N PHE C 220 -33.31 7.89 -21.76
CA PHE C 220 -33.23 7.89 -23.21
C PHE C 220 -32.47 6.68 -23.81
N MET C 221 -31.91 5.77 -23.00
CA MET C 221 -31.26 4.57 -23.52
C MET C 221 -31.26 3.42 -22.50
N ASN C 222 -32.46 2.99 -22.10
CA ASN C 222 -32.67 1.95 -21.10
C ASN C 222 -32.39 0.56 -21.69
N ASN C 223 -31.13 0.15 -21.65
CA ASN C 223 -30.69 -1.17 -22.10
C ASN C 223 -29.20 -1.29 -21.93
N ALA C 224 -28.65 -2.47 -22.26
CA ALA C 224 -27.27 -2.75 -21.92
C ALA C 224 -26.31 -1.85 -22.69
N ASP C 225 -26.72 -1.38 -23.86
CA ASP C 225 -25.90 -0.42 -24.57
C ASP C 225 -25.86 0.93 -23.85
N GLY C 226 -26.97 1.33 -23.24
CA GLY C 226 -26.96 2.53 -22.41
C GLY C 226 -26.04 2.37 -21.21
N VAL C 227 -26.07 1.19 -20.60
CA VAL C 227 -25.19 0.94 -19.48
C VAL C 227 -23.73 1.07 -19.95
N VAL C 228 -23.43 0.61 -21.15
CA VAL C 228 -22.06 0.75 -21.61
C VAL C 228 -21.71 2.22 -21.81
N LEU C 229 -22.62 2.95 -22.40
CA LEU C 229 -22.42 4.37 -22.62
C LEU C 229 -22.22 5.10 -21.30
N ARG C 230 -23.08 4.85 -20.34
CA ARG C 230 -22.92 5.52 -19.07
C ARG C 230 -21.58 5.20 -18.41
N GLN C 231 -21.09 3.98 -18.45
CA GLN C 231 -19.81 3.76 -17.82
C GLN C 231 -18.69 4.44 -18.61
N LEU C 232 -18.80 4.51 -19.92
CA LEU C 232 -17.78 5.25 -20.68
C LEU C 232 -17.82 6.74 -20.33
N LEU C 233 -19.00 7.35 -20.24
CA LEU C 233 -19.09 8.75 -19.88
C LEU C 233 -18.48 9.00 -18.52
N PHE C 234 -18.81 8.20 -17.51
CA PHE C 234 -18.18 8.38 -16.22
C PHE C 234 -16.66 8.25 -16.30
N THR C 235 -16.11 7.40 -17.15
CA THR C 235 -14.65 7.26 -17.16
C THR C 235 -13.97 8.50 -17.75
N ILE C 236 -14.42 8.93 -18.90
CA ILE C 236 -13.89 10.13 -19.51
C ILE C 236 -14.08 11.31 -18.55
N ALA C 237 -15.27 11.44 -17.98
CA ALA C 237 -15.51 12.56 -17.09
C ALA C 237 -14.59 12.51 -15.85
N ASP C 238 -14.26 11.33 -15.32
CA ASP C 238 -13.38 11.26 -14.14
C ASP C 238 -11.95 11.63 -14.48
N ILE C 239 -11.46 11.19 -15.63
CA ILE C 239 -10.11 11.50 -16.03
C ILE C 239 -10.02 12.97 -16.38
N SER C 240 -10.97 13.51 -17.13
CA SER C 240 -10.98 14.93 -17.46
C SER C 240 -11.16 15.79 -16.21
N SER C 241 -12.14 15.49 -15.39
CA SER C 241 -12.46 16.43 -14.35
C SER C 241 -11.50 16.34 -13.17
N LYS C 242 -10.72 15.26 -13.05
CA LYS C 242 -9.91 15.14 -11.84
C LYS C 242 -8.43 15.10 -12.19
N VAL C 243 -8.03 14.20 -13.07
CA VAL C 243 -6.62 14.04 -13.38
C VAL C 243 -6.16 15.14 -14.33
N ILE C 244 -6.80 15.33 -15.48
CA ILE C 244 -6.31 16.35 -16.39
C ILE C 244 -6.48 17.74 -15.78
N TYR C 245 -7.63 18.02 -15.18
CA TYR C 245 -7.78 19.25 -14.43
C TYR C 245 -6.70 19.42 -13.38
N GLY C 246 -6.40 18.36 -12.63
CA GLY C 246 -5.29 18.41 -11.69
C GLY C 246 -3.97 18.82 -12.31
N LEU C 247 -3.59 18.22 -13.42
CA LEU C 247 -2.36 18.59 -14.15
C LEU C 247 -2.36 20.03 -14.62
N MET C 248 -3.49 20.55 -15.03
CA MET C 248 -3.54 21.94 -15.41
C MET C 248 -3.42 22.89 -14.21
N ILE C 249 -4.09 22.59 -13.09
CA ILE C 249 -3.93 23.42 -11.89
C ILE C 249 -2.47 23.42 -11.40
N THR C 250 -1.79 22.28 -11.48
CA THR C 250 -0.43 22.19 -10.99
C THR C 250 0.48 22.98 -11.93
N TYR C 251 0.28 22.85 -13.23
CA TYR C 251 1.04 23.63 -14.18
C TYR C 251 0.85 25.13 -13.95
N ILE C 252 -0.39 25.58 -13.74
CA ILE C 252 -0.56 26.99 -13.43
C ILE C 252 0.16 27.38 -12.13
N ALA C 253 0.06 26.55 -11.07
CA ALA C 253 0.75 26.84 -9.81
C ALA C 253 2.27 26.98 -9.99
N ILE C 254 2.88 26.14 -10.83
CA ILE C 254 4.30 26.22 -11.06
C ILE C 254 4.66 27.51 -11.81
N GLN C 255 3.90 27.86 -12.84
CA GLN C 255 4.17 29.07 -13.59
C GLN C 255 4.06 30.32 -12.71
N GLN C 256 3.04 30.38 -11.87
CA GLN C 256 2.91 31.52 -10.97
C GLN C 256 3.96 31.50 -9.85
N SER C 257 4.38 30.33 -9.40
CA SER C 257 5.44 30.25 -8.43
C SER C 257 6.72 30.86 -8.99
N ALA C 258 7.00 30.53 -10.24
CA ALA C 258 8.25 30.95 -10.83
C ALA C 258 8.19 32.45 -11.01
N ALA C 259 7.04 32.95 -11.44
CA ALA C 259 6.85 34.39 -11.62
C ALA C 259 6.99 35.15 -10.31
N ALA C 260 6.63 34.53 -9.20
CA ALA C 260 6.77 35.16 -7.90
C ALA C 260 8.19 35.01 -7.34
N GLY C 261 9.05 34.25 -8.01
CA GLY C 261 10.44 34.19 -7.64
C GLY C 261 10.86 32.97 -6.83
N TYR C 262 10.06 31.90 -6.82
CA TYR C 262 10.42 30.69 -6.11
C TYR C 262 11.42 29.92 -6.98
N VAL C 263 12.57 29.61 -6.42
CA VAL C 263 13.66 29.20 -7.27
C VAL C 263 13.47 27.78 -7.77
N PRO C 264 13.12 26.81 -6.91
CA PRO C 264 12.78 25.47 -7.39
C PRO C 264 11.83 25.48 -8.60
N ALA C 265 10.85 26.39 -8.60
CA ALA C 265 9.97 26.52 -9.75
C ALA C 265 10.74 27.07 -10.92
N GLN C 266 11.62 28.05 -10.71
CA GLN C 266 12.37 28.62 -11.82
C GLN C 266 13.26 27.56 -12.42
N GLN C 267 13.97 26.82 -11.58
CA GLN C 267 14.75 25.65 -12.02
C GLN C 267 13.88 24.67 -12.78
N ALA C 268 12.70 24.31 -12.25
CA ALA C 268 11.88 23.32 -12.93
C ALA C 268 11.55 23.77 -14.35
N LEU C 269 11.50 25.08 -14.58
CA LEU C 269 11.17 25.57 -15.90
C LEU C 269 12.40 25.94 -16.70
N GLY C 270 13.61 25.66 -16.19
CA GLY C 270 14.83 26.06 -16.89
C GLY C 270 15.35 27.43 -16.41
N GLY D 7 -28.00 -15.82 20.99
CA GLY D 7 -27.59 -15.70 19.58
C GLY D 7 -26.78 -14.42 19.32
N MET D 8 -27.40 -13.49 18.58
CA MET D 8 -26.77 -12.29 18.06
C MET D 8 -26.50 -11.27 19.15
N LYS D 9 -25.49 -10.44 18.91
CA LYS D 9 -25.15 -9.33 19.78
C LYS D 9 -25.69 -8.00 19.24
N ASN D 10 -25.76 -7.84 17.94
CA ASN D 10 -26.07 -6.54 17.37
C ASN D 10 -27.33 -6.66 16.53
N ILE D 11 -28.10 -5.59 16.47
CA ILE D 11 -29.33 -5.63 15.71
C ILE D 11 -29.09 -5.59 14.21
N GLU D 12 -27.93 -5.12 13.75
CA GLU D 12 -27.60 -5.24 12.33
C GLU D 12 -27.94 -6.63 11.85
N SER D 13 -27.59 -7.66 12.65
CA SER D 13 -27.71 -9.05 12.23
C SER D 13 -29.14 -9.60 12.34
N LEU D 14 -30.08 -8.84 12.87
CA LEU D 14 -31.45 -9.31 12.97
C LEU D 14 -32.29 -9.07 11.73
N PHE D 15 -31.93 -8.13 10.85
CA PHE D 15 -32.86 -7.73 9.80
C PHE D 15 -32.43 -8.16 8.40
N ASP D 16 -33.43 -8.11 7.52
CA ASP D 16 -33.25 -8.11 6.08
C ASP D 16 -33.26 -6.66 5.61
N TYR D 17 -32.61 -6.41 4.47
CA TYR D 17 -32.54 -5.05 3.99
C TYR D 17 -33.00 -5.03 2.54
N SER D 18 -33.76 -3.99 2.17
CA SER D 18 -34.00 -3.71 0.76
C SER D 18 -32.68 -3.42 0.07
N ALA D 19 -32.62 -3.63 -1.25
CA ALA D 19 -31.46 -3.25 -2.05
C ALA D 19 -31.07 -1.79 -1.83
N GLY D 20 -32.05 -0.90 -1.69
CA GLY D 20 -31.76 0.50 -1.47
C GLY D 20 -31.17 0.77 -0.09
N GLN D 21 -31.74 0.19 0.96
CA GLN D 21 -31.13 0.30 2.26
C GLN D 21 -29.74 -0.33 2.27
N PHE D 22 -29.65 -1.56 1.79
CA PHE D 22 -28.39 -2.25 1.81
C PHE D 22 -27.35 -1.46 1.00
N GLU D 23 -27.73 -0.86 -0.12
CA GLU D 23 -26.74 -0.20 -0.95
C GLU D 23 -26.32 1.15 -0.34
N PHE D 24 -27.25 1.84 0.30
CA PHE D 24 -26.94 3.09 0.94
C PHE D 24 -25.86 2.86 2.00
N ILE D 25 -26.02 1.82 2.81
CA ILE D 25 -25.05 1.54 3.83
C ILE D 25 -23.68 1.21 3.20
N ASP D 26 -23.66 0.43 2.12
CA ASP D 26 -22.38 0.16 1.49
C ASP D 26 -21.74 1.44 0.92
N HIS D 27 -22.58 2.34 0.37
CA HIS D 27 -22.07 3.62 -0.10
C HIS D 27 -21.42 4.41 1.04
N LEU D 28 -22.05 4.50 2.21
CA LEU D 28 -21.50 5.22 3.34
C LEU D 28 -20.19 4.59 3.82
N LEU D 29 -20.17 3.29 4.06
CA LEU D 29 -18.93 2.68 4.51
C LEU D 29 -17.82 2.88 3.47
N THR D 30 -18.13 2.80 2.20
CA THR D 30 -17.07 2.86 1.22
C THR D 30 -16.47 4.26 1.15
N MET D 31 -17.29 5.26 1.28
CA MET D 31 -16.80 6.63 1.21
C MET D 31 -15.89 6.93 2.39
N GLY D 32 -16.35 6.58 3.59
CA GLY D 32 -15.55 6.69 4.80
C GLY D 32 -14.13 6.15 4.64
N VAL D 33 -13.95 5.00 4.03
CA VAL D 33 -12.60 4.48 3.92
C VAL D 33 -11.69 5.44 3.15
N GLY D 34 -12.17 5.98 2.06
CA GLY D 34 -11.28 6.78 1.23
C GLY D 34 -11.09 8.21 1.72
N VAL D 35 -12.08 8.80 2.36
CA VAL D 35 -11.84 10.09 2.99
C VAL D 35 -10.73 9.94 4.03
N HIS D 36 -10.74 8.89 4.86
CA HIS D 36 -9.68 8.78 5.86
C HIS D 36 -8.32 8.58 5.19
N PHE D 37 -8.16 7.69 4.21
CA PHE D 37 -6.86 7.55 3.58
C PHE D 37 -6.48 8.78 2.78
N ALA D 38 -7.43 9.51 2.22
CA ALA D 38 -7.05 10.68 1.47
C ALA D 38 -6.55 11.78 2.42
N ALA D 39 -7.29 12.06 3.47
CA ALA D 39 -6.79 12.94 4.50
C ALA D 39 -5.36 12.55 4.96
N LEU D 40 -5.04 11.29 5.10
CA LEU D 40 -3.66 10.93 5.41
C LEU D 40 -2.66 11.61 4.50
N ILE D 41 -2.76 11.44 3.18
CA ILE D 41 -1.76 12.05 2.30
C ILE D 41 -1.70 13.58 2.56
N PHE D 42 -2.85 14.22 2.69
CA PHE D 42 -2.86 15.65 2.90
C PHE D 42 -2.06 16.04 4.14
N PHE D 43 -2.29 15.37 5.26
CA PHE D 43 -1.55 15.69 6.48
C PHE D 43 -0.05 15.48 6.29
N LEU D 44 0.38 14.47 5.56
CA LEU D 44 1.81 14.32 5.37
C LEU D 44 2.38 15.48 4.56
N VAL D 45 1.76 15.84 3.44
CA VAL D 45 2.24 16.94 2.65
C VAL D 45 2.29 18.28 3.40
N VAL D 46 1.30 18.64 4.22
CA VAL D 46 1.33 19.97 4.83
C VAL D 46 2.09 19.95 6.15
N SER D 47 2.49 18.79 6.66
CA SER D 47 3.25 18.76 7.90
C SER D 47 4.53 19.60 7.81
N GLN D 48 5.10 19.78 6.61
CA GLN D 48 6.31 20.56 6.49
C GLN D 48 6.14 22.05 6.82
N PHE D 49 4.92 22.53 6.78
CA PHE D 49 4.67 23.91 7.17
C PHE D 49 4.39 24.06 8.65
N VAL D 50 4.48 23.02 9.47
CA VAL D 50 4.18 23.22 10.89
C VAL D 50 5.53 23.27 11.60
N ALA D 51 5.71 24.17 12.56
CA ALA D 51 6.98 24.17 13.29
C ALA D 51 7.13 22.90 14.13
N PRO D 52 8.35 22.35 14.28
CA PRO D 52 8.58 21.11 15.01
C PRO D 52 7.93 21.01 16.40
N LYS D 53 7.88 22.13 17.16
CA LYS D 53 7.20 22.13 18.44
C LYS D 53 5.73 21.74 18.36
N TYR D 54 5.09 21.87 17.19
CA TYR D 54 3.70 21.47 16.99
C TYR D 54 3.54 20.29 16.05
N ARG D 55 4.62 19.79 15.44
CA ARG D 55 4.48 18.79 14.42
C ARG D 55 3.96 17.45 14.95
N ILE D 56 4.09 17.19 16.24
CA ILE D 56 3.54 15.96 16.81
C ILE D 56 2.02 16.00 16.58
N ALA D 57 1.38 17.17 16.71
CA ALA D 57 -0.06 17.27 16.55
C ALA D 57 -0.42 16.76 15.17
N THR D 58 0.31 17.17 14.15
CA THR D 58 -0.03 16.71 12.82
C THR D 58 0.25 15.21 12.68
N ALA D 59 1.33 14.72 13.27
CA ALA D 59 1.63 13.28 13.23
C ALA D 59 0.50 12.45 13.86
N LEU D 60 -0.06 12.94 14.96
CA LEU D 60 -1.15 12.26 15.61
C LEU D 60 -2.37 12.15 14.68
N SER D 61 -2.64 13.13 13.84
CA SER D 61 -3.71 12.96 12.86
C SER D 61 -3.38 11.84 11.87
N CYS D 62 -2.14 11.73 11.44
CA CYS D 62 -1.80 10.60 10.59
C CYS D 62 -2.09 9.27 11.30
N ILE D 63 -1.81 9.14 12.59
CA ILE D 63 -2.18 7.91 13.27
C ILE D 63 -3.67 7.64 13.10
N VAL D 64 -4.48 8.60 13.52
CA VAL D 64 -5.93 8.46 13.50
C VAL D 64 -6.40 8.18 12.08
N MET D 65 -5.86 8.81 11.06
CA MET D 65 -6.38 8.50 9.75
C MET D 65 -6.11 7.03 9.38
N VAL D 66 -4.89 6.51 9.58
CA VAL D 66 -4.61 5.12 9.17
C VAL D 66 -5.48 4.13 9.96
N SER D 67 -5.51 4.29 11.25
CA SER D 67 -6.18 3.36 12.15
C SER D 67 -7.68 3.34 11.83
N ALA D 68 -8.35 4.48 11.81
CA ALA D 68 -9.75 4.56 11.45
C ALA D 68 -10.00 4.12 10.00
N GLY D 69 -9.19 4.54 9.07
CA GLY D 69 -9.38 4.04 7.73
C GLY D 69 -9.36 2.52 7.61
N LEU D 70 -8.43 1.82 8.29
CA LEU D 70 -8.45 0.38 8.21
C LEU D 70 -9.64 -0.29 8.94
N ILE D 71 -10.18 0.26 10.00
CA ILE D 71 -11.39 -0.28 10.59
C ILE D 71 -12.51 -0.10 9.59
N LEU D 72 -12.69 1.09 9.06
CA LEU D 72 -13.76 1.24 8.08
C LEU D 72 -13.58 0.22 6.97
N ASN D 73 -12.36 0.00 6.58
CA ASN D 73 -12.22 -0.88 5.44
C ASN D 73 -12.66 -2.30 5.78
N SER D 74 -12.35 -2.73 6.99
CA SER D 74 -12.82 -4.01 7.48
C SER D 74 -14.35 -4.06 7.50
N GLN D 75 -14.98 -3.05 8.11
CA GLN D 75 -16.43 -3.11 8.21
C GLN D 75 -17.03 -3.21 6.81
N ALA D 76 -16.45 -2.49 5.86
CA ALA D 76 -17.06 -2.38 4.56
C ALA D 76 -17.01 -3.72 3.85
N VAL D 77 -15.92 -4.44 4.04
CA VAL D 77 -15.82 -5.79 3.50
C VAL D 77 -16.74 -6.81 4.20
N MET D 78 -16.84 -6.71 5.53
CA MET D 78 -17.71 -7.58 6.27
C MET D 78 -19.16 -7.38 5.81
N TRP D 79 -19.57 -6.15 5.49
CA TRP D 79 -20.96 -5.90 5.18
C TRP D 79 -21.35 -6.66 3.93
N THR D 80 -20.47 -6.64 2.96
CA THR D 80 -20.80 -7.28 1.70
C THR D 80 -20.67 -8.79 1.82
N ASP D 81 -19.85 -9.27 2.77
CA ASP D 81 -19.61 -10.68 3.00
C ASP D 81 -20.67 -11.36 3.86
N ALA D 82 -21.23 -10.64 4.80
CA ALA D 82 -22.24 -11.19 5.68
C ALA D 82 -23.60 -11.37 5.00
N TYR D 83 -23.91 -10.55 3.96
CA TYR D 83 -25.26 -10.62 3.37
C TYR D 83 -25.24 -10.99 1.89
N ALA D 84 -26.34 -11.62 1.43
CA ALA D 84 -26.51 -11.92 0.01
C ALA D 84 -27.91 -11.55 -0.43
N TYR D 85 -28.05 -11.21 -1.72
CA TYR D 85 -29.33 -10.84 -2.26
C TYR D 85 -30.07 -12.13 -2.64
N VAL D 86 -31.25 -12.33 -2.05
CA VAL D 86 -31.96 -13.59 -2.15
C VAL D 86 -33.46 -13.38 -1.98
N ASP D 87 -34.23 -13.65 -3.04
CA ASP D 87 -35.67 -13.40 -3.03
C ASP D 87 -35.94 -11.91 -2.74
N GLY D 88 -35.24 -11.05 -3.49
CA GLY D 88 -35.50 -9.62 -3.50
C GLY D 88 -35.21 -8.90 -2.17
N SER D 89 -34.34 -9.48 -1.34
CA SER D 89 -33.84 -8.79 -0.16
C SER D 89 -32.46 -9.31 0.17
N TYR D 90 -31.69 -8.46 0.83
CA TYR D 90 -30.42 -8.89 1.37
C TYR D 90 -30.68 -9.59 2.69
N GLN D 91 -30.09 -10.75 2.87
CA GLN D 91 -30.30 -11.57 4.05
C GLN D 91 -28.98 -12.13 4.57
N LEU D 92 -28.88 -12.27 5.89
CA LEU D 92 -27.65 -12.75 6.49
C LEU D 92 -27.32 -14.14 5.98
N GLN D 93 -26.02 -14.46 5.96
CA GLN D 93 -25.46 -15.70 5.47
C GLN D 93 -24.17 -16.14 6.18
N ASP D 94 -24.20 -16.91 7.26
CA ASP D 94 -22.96 -17.63 7.66
C ASP D 94 -21.79 -16.80 8.24
N LEU D 95 -21.90 -15.49 8.28
CA LEU D 95 -21.07 -14.63 9.12
C LEU D 95 -22.01 -13.62 9.78
N THR D 96 -21.55 -12.89 10.77
CA THR D 96 -22.39 -11.91 11.45
C THR D 96 -21.69 -10.56 11.37
N PHE D 97 -22.46 -9.49 11.36
CA PHE D 97 -21.92 -8.15 11.31
C PHE D 97 -22.08 -7.53 12.71
N SER D 98 -21.08 -6.73 13.14
CA SER D 98 -21.08 -6.08 14.44
C SER D 98 -20.40 -4.72 14.36
N ASN D 99 -20.67 -3.85 15.33
CA ASN D 99 -20.03 -2.55 15.39
C ASN D 99 -18.84 -2.53 16.33
N GLY D 100 -18.66 -3.60 17.11
CA GLY D 100 -17.64 -3.64 18.12
C GLY D 100 -16.24 -3.33 17.58
N TYR D 101 -15.99 -3.57 16.31
CA TYR D 101 -14.74 -3.16 15.72
C TYR D 101 -14.42 -1.69 16.02
N ARG D 102 -15.41 -0.81 15.86
CA ARG D 102 -15.17 0.58 16.14
C ARG D 102 -14.82 0.73 17.63
N TYR D 103 -15.61 0.12 18.54
CA TYR D 103 -15.40 0.41 19.94
C TYR D 103 -13.96 0.13 20.31
N VAL D 104 -13.43 -1.00 19.87
CA VAL D 104 -12.11 -1.41 20.33
C VAL D 104 -11.08 -0.46 19.73
N ASN D 105 -11.29 -0.06 18.50
CA ASN D 105 -10.41 0.91 17.88
C ASN D 105 -10.34 2.28 18.60
N TRP D 106 -11.44 2.84 19.09
CA TRP D 106 -11.41 4.00 19.94
C TRP D 106 -10.38 3.90 21.09
N MET D 107 -10.05 2.72 21.58
CA MET D 107 -9.06 2.65 22.65
C MET D 107 -7.75 3.30 22.21
N ALA D 108 -7.46 3.28 20.91
CA ALA D 108 -6.22 3.90 20.42
C ALA D 108 -6.46 5.33 19.93
N THR D 109 -7.56 5.58 19.23
CA THR D 109 -7.71 6.85 18.55
C THR D 109 -8.19 7.94 19.49
N ILE D 110 -9.04 7.67 20.50
CA ILE D 110 -9.51 8.78 21.31
C ILE D 110 -8.35 9.45 22.05
N PRO D 111 -7.40 8.71 22.63
CA PRO D 111 -6.18 9.33 23.15
C PRO D 111 -5.42 10.21 22.14
N CYS D 112 -5.20 9.75 20.92
CA CYS D 112 -4.59 10.59 19.89
C CYS D 112 -5.36 11.89 19.62
N LEU D 113 -6.67 11.85 19.43
CA LEU D 113 -7.42 13.08 19.26
C LEU D 113 -7.25 13.99 20.48
N LEU D 114 -7.23 13.42 21.68
CA LEU D 114 -7.17 14.30 22.83
C LEU D 114 -5.77 14.92 22.94
N LEU D 115 -4.73 14.16 22.70
CA LEU D 115 -3.39 14.68 22.87
C LEU D 115 -3.12 15.77 21.85
N GLN D 116 -3.61 15.63 20.60
CA GLN D 116 -3.34 16.69 19.63
C GLN D 116 -3.99 18.02 20.01
N LEU D 117 -5.13 18.01 20.68
CA LEU D 117 -5.64 19.27 21.25
C LEU D 117 -4.71 19.85 22.33
N LEU D 118 -4.26 19.05 23.29
CA LEU D 118 -3.39 19.56 24.33
C LEU D 118 -2.13 20.23 23.74
N ILE D 119 -1.56 19.65 22.67
CA ILE D 119 -0.35 20.22 22.11
C ILE D 119 -0.59 21.62 21.53
N VAL D 120 -1.64 21.84 20.75
CA VAL D 120 -1.84 23.17 20.20
C VAL D 120 -2.37 24.13 21.27
N LEU D 121 -2.89 23.66 22.39
CA LEU D 121 -3.20 24.59 23.48
C LEU D 121 -1.91 25.08 24.14
N ASN D 122 -0.79 24.56 23.70
CA ASN D 122 0.50 24.92 24.26
C ASN D 122 0.70 24.44 25.70
N LEU D 123 0.06 23.34 26.13
CA LEU D 123 0.37 22.83 27.47
C LEU D 123 1.76 22.22 27.36
N LYS D 124 2.50 22.22 28.48
CA LYS D 124 3.84 21.69 28.49
C LYS D 124 4.14 21.02 29.83
N GLY D 125 5.06 20.04 29.79
CA GLY D 125 5.63 19.46 31.00
C GLY D 125 4.64 18.72 31.89
N LYS D 126 4.78 18.90 33.20
CA LYS D 126 3.90 18.28 34.17
C LYS D 126 2.44 18.46 33.74
N GLU D 127 2.05 19.67 33.38
CA GLU D 127 0.67 19.93 33.03
C GLU D 127 0.29 19.07 31.83
N LEU D 128 1.18 19.01 30.83
CA LEU D 128 0.86 18.19 29.67
C LEU D 128 0.66 16.74 30.13
N PHE D 129 1.63 16.17 30.85
CA PHE D 129 1.57 14.75 31.15
C PHE D 129 0.45 14.40 32.12
N SER D 130 0.19 15.23 33.13
CA SER D 130 -0.92 14.99 34.04
C SER D 130 -2.23 14.95 33.27
N THR D 131 -2.49 16.00 32.47
CA THR D 131 -3.78 16.10 31.80
C THR D 131 -3.92 14.90 30.88
N ALA D 132 -2.84 14.56 30.16
CA ALA D 132 -2.90 13.43 29.24
C ALA D 132 -3.31 12.15 29.97
N THR D 133 -2.64 11.84 31.08
CA THR D 133 -3.02 10.67 31.86
C THR D 133 -4.50 10.67 32.24
N TRP D 134 -4.98 11.72 32.90
CA TRP D 134 -6.37 11.67 33.33
C TRP D 134 -7.30 11.52 32.14
N LEU D 135 -6.99 12.17 31.00
CA LEU D 135 -7.90 12.07 29.87
C LEU D 135 -7.91 10.65 29.33
N ILE D 136 -6.74 10.00 29.27
CA ILE D 136 -6.70 8.67 28.71
C ILE D 136 -7.43 7.68 29.62
N LEU D 137 -7.30 7.78 30.93
CA LEU D 137 -8.06 6.87 31.79
C LEU D 137 -9.56 7.18 31.69
N ALA D 138 -9.94 8.46 31.72
CA ALA D 138 -11.36 8.70 31.51
C ALA D 138 -11.83 8.06 30.21
N ALA D 139 -11.04 8.16 29.12
CA ALA D 139 -11.52 7.64 27.83
C ALA D 139 -11.62 6.12 27.84
N TRP D 140 -10.59 5.43 28.34
CA TRP D 140 -10.70 3.97 28.44
C TRP D 140 -11.89 3.56 29.28
N GLY D 141 -12.15 4.30 30.36
CA GLY D 141 -13.35 4.10 31.16
C GLY D 141 -14.61 4.14 30.33
N MET D 142 -14.80 5.26 29.64
CA MET D 142 -15.94 5.42 28.74
C MET D 142 -16.06 4.27 27.72
N ILE D 143 -14.95 3.81 27.14
CA ILE D 143 -15.05 2.95 25.98
C ILE D 143 -15.34 1.52 26.42
N ILE D 144 -14.61 1.04 27.41
CA ILE D 144 -14.82 -0.30 27.92
C ILE D 144 -16.26 -0.43 28.41
N THR D 145 -16.75 0.51 29.21
CA THR D 145 -18.12 0.37 29.67
C THR D 145 -19.08 0.41 28.48
N GLY D 146 -18.80 1.25 27.47
CA GLY D 146 -19.65 1.26 26.29
C GLY D 146 -19.67 -0.11 25.59
N TYR D 147 -18.49 -0.73 25.43
CA TYR D 147 -18.42 -2.00 24.72
C TYR D 147 -19.27 -3.07 25.41
N VAL D 148 -19.08 -3.24 26.70
CA VAL D 148 -19.92 -4.16 27.45
C VAL D 148 -21.41 -3.81 27.28
N GLY D 149 -21.78 -2.57 27.52
CA GLY D 149 -23.16 -2.18 27.28
C GLY D 149 -23.73 -2.68 25.96
N GLN D 150 -22.96 -2.63 24.85
CA GLN D 150 -23.60 -2.82 23.56
C GLN D 150 -23.66 -4.29 23.22
N LEU D 151 -23.18 -5.12 24.14
CA LEU D 151 -23.45 -6.55 24.12
C LEU D 151 -24.89 -6.85 24.49
N TYR D 152 -25.62 -5.90 25.08
CA TYR D 152 -27.00 -6.20 25.47
C TYR D 152 -28.03 -5.59 24.53
N GLU D 153 -27.64 -5.20 23.31
CA GLU D 153 -28.56 -4.43 22.52
C GLU D 153 -29.69 -5.28 21.93
N VAL D 154 -29.51 -6.60 21.86
CA VAL D 154 -30.55 -7.50 21.37
C VAL D 154 -31.26 -8.18 22.54
N ASP D 155 -30.48 -8.53 23.57
CA ASP D 155 -31.00 -9.21 24.74
C ASP D 155 -31.73 -8.25 25.70
N ASP D 156 -31.02 -7.26 26.26
CA ASP D 156 -31.50 -6.56 27.45
C ASP D 156 -31.32 -5.05 27.45
N ILE D 157 -32.30 -4.30 26.91
CA ILE D 157 -32.15 -2.86 26.82
C ILE D 157 -31.88 -2.23 28.20
N ALA D 158 -32.44 -2.80 29.25
CA ALA D 158 -32.18 -2.35 30.59
C ALA D 158 -30.67 -2.25 30.80
N GLN D 159 -29.98 -3.37 30.53
CA GLN D 159 -28.52 -3.43 30.72
C GLN D 159 -27.84 -2.44 29.78
N LEU D 160 -28.32 -2.37 28.52
CA LEU D 160 -27.78 -1.36 27.62
C LEU D 160 -27.76 0.01 28.30
N MET D 161 -28.89 0.42 28.86
CA MET D 161 -29.03 1.74 29.47
C MET D 161 -28.17 1.86 30.73
N ILE D 162 -28.00 0.79 31.47
CA ILE D 162 -27.26 0.96 32.71
C ILE D 162 -25.79 1.19 32.38
N TRP D 163 -25.18 0.31 31.57
CA TRP D 163 -23.80 0.54 31.18
C TRP D 163 -23.65 1.86 30.40
N GLY D 164 -24.67 2.23 29.63
CA GLY D 164 -24.69 3.53 28.99
C GLY D 164 -24.40 4.65 30.00
N ALA D 165 -25.14 4.61 31.11
CA ALA D 165 -25.10 5.66 32.10
C ALA D 165 -23.70 5.77 32.71
N VAL D 166 -23.15 4.65 33.10
CA VAL D 166 -21.77 4.65 33.54
C VAL D 166 -20.82 5.20 32.46
N SER D 167 -20.95 4.75 31.23
CA SER D 167 -20.09 5.29 30.18
C SER D 167 -20.24 6.82 30.14
N THR D 168 -21.49 7.28 30.11
CA THR D 168 -21.75 8.73 30.06
C THR D 168 -21.10 9.48 31.22
N ALA D 169 -21.04 8.87 32.40
CA ALA D 169 -20.32 9.51 33.48
C ALA D 169 -18.89 9.84 33.04
N PHE D 170 -18.13 8.84 32.59
CA PHE D 170 -16.78 9.12 32.11
C PHE D 170 -16.76 10.18 30.97
N PHE D 171 -17.71 10.14 30.06
CA PHE D 171 -17.75 11.15 29.01
C PHE D 171 -17.76 12.54 29.62
N VAL D 172 -18.63 12.75 30.60
CA VAL D 172 -18.84 14.07 31.15
C VAL D 172 -17.56 14.57 31.82
N VAL D 173 -16.95 13.72 32.63
CA VAL D 173 -15.67 14.07 33.20
C VAL D 173 -14.68 14.45 32.10
N MET D 174 -14.60 13.65 31.03
CA MET D 174 -13.62 13.96 30.01
C MET D 174 -13.98 15.30 29.35
N ASN D 175 -15.26 15.56 29.04
CA ASN D 175 -15.61 16.83 28.41
C ASN D 175 -15.29 18.00 29.32
N TRP D 176 -15.39 17.77 30.62
CA TRP D 176 -15.16 18.82 31.58
C TRP D 176 -13.70 19.25 31.57
N ILE D 177 -12.78 18.29 31.78
CA ILE D 177 -11.36 18.56 31.63
C ILE D 177 -11.04 19.29 30.31
N VAL D 178 -11.52 18.77 29.19
CA VAL D 178 -11.18 19.42 27.93
C VAL D 178 -11.70 20.85 27.94
N GLY D 179 -12.98 21.04 28.23
CA GLY D 179 -13.59 22.36 28.13
C GLY D 179 -12.87 23.35 29.04
N THR D 180 -12.49 22.89 30.24
CA THR D 180 -11.71 23.73 31.14
C THR D 180 -10.41 24.16 30.46
N LYS D 181 -9.55 23.20 30.04
CA LYS D 181 -8.25 23.56 29.49
C LYS D 181 -8.41 24.47 28.28
N ILE D 182 -9.41 24.26 27.46
CA ILE D 182 -9.58 25.14 26.31
C ILE D 182 -9.85 26.54 26.81
N PHE D 183 -10.83 26.73 27.68
CA PHE D 183 -11.23 28.10 28.00
C PHE D 183 -10.16 28.77 28.88
N LYS D 184 -9.40 27.99 29.65
CA LYS D 184 -8.29 28.55 30.39
C LYS D 184 -7.13 28.96 29.49
N ASN D 185 -6.92 28.29 28.35
CA ASN D 185 -5.71 28.52 27.58
C ASN D 185 -5.98 29.32 26.30
N ARG D 186 -7.23 29.68 26.07
CA ARG D 186 -7.61 30.30 24.83
C ARG D 186 -6.87 31.62 24.66
N ALA D 187 -6.59 32.32 25.77
CA ALA D 187 -6.12 33.68 25.70
C ALA D 187 -4.66 33.73 25.23
N THR D 188 -3.89 32.72 25.64
CA THR D 188 -2.48 32.61 25.29
C THR D 188 -2.25 32.04 23.88
N MET D 189 -3.30 31.65 23.15
CA MET D 189 -3.15 31.17 21.79
C MET D 189 -2.54 32.26 20.92
N LEU D 190 -1.74 31.87 19.92
CA LEU D 190 -1.07 32.80 19.00
C LEU D 190 -1.79 32.88 17.66
N GLY D 191 -1.45 33.92 16.89
CA GLY D 191 -1.89 34.03 15.50
C GLY D 191 -3.41 34.22 15.32
N GLY D 192 -4.12 34.67 16.35
CA GLY D 192 -5.57 34.82 16.26
C GLY D 192 -6.34 33.50 16.35
N THR D 193 -5.79 32.52 17.06
CA THR D 193 -6.34 31.18 17.05
C THR D 193 -7.26 30.97 18.22
N ASP D 194 -7.33 31.93 19.14
CA ASP D 194 -8.37 31.99 20.18
C ASP D 194 -9.78 31.86 19.56
N SER D 195 -10.04 32.54 18.45
CA SER D 195 -11.29 32.36 17.75
C SER D 195 -11.40 30.93 17.24
N THR D 196 -10.32 30.40 16.66
CA THR D 196 -10.47 29.13 15.98
C THR D 196 -10.67 28.04 17.03
N ILE D 197 -9.99 28.13 18.16
CA ILE D 197 -10.03 27.00 19.08
C ILE D 197 -11.43 26.87 19.64
N THR D 198 -12.17 27.98 19.67
CA THR D 198 -13.51 27.93 20.22
C THR D 198 -14.40 27.13 19.28
N LYS D 199 -14.34 27.43 17.98
CA LYS D 199 -14.98 26.60 16.98
C LYS D 199 -14.61 25.12 17.15
N VAL D 200 -13.36 24.79 17.37
CA VAL D 200 -13.02 23.40 17.60
C VAL D 200 -13.83 22.81 18.76
N PHE D 201 -13.88 23.49 19.91
CA PHE D 201 -14.68 23.02 21.03
C PHE D 201 -16.14 22.74 20.64
N TRP D 202 -16.75 23.62 19.86
CA TRP D 202 -18.13 23.33 19.48
C TRP D 202 -18.20 22.14 18.54
N LEU D 203 -17.26 22.04 17.58
CA LEU D 203 -17.20 20.90 16.68
C LEU D 203 -17.18 19.62 17.49
N MET D 204 -16.28 19.56 18.49
CA MET D 204 -16.20 18.35 19.32
C MET D 204 -17.52 18.08 20.01
N MET D 205 -18.15 19.07 20.67
CA MET D 205 -19.44 18.87 21.34
C MET D 205 -20.49 18.27 20.39
N PHE D 206 -20.64 18.83 19.17
CA PHE D 206 -21.55 18.23 18.22
C PHE D 206 -21.03 16.83 17.78
N ALA D 207 -19.87 16.74 17.19
CA ALA D 207 -19.53 15.44 16.61
C ALA D 207 -19.50 14.35 17.69
N TRP D 208 -18.93 14.62 18.87
CA TRP D 208 -18.73 13.54 19.82
C TRP D 208 -20.07 13.04 20.33
N THR D 209 -21.06 13.90 20.33
CA THR D 209 -22.35 13.52 20.90
C THR D 209 -23.11 12.59 19.95
N LEU D 210 -22.81 12.60 18.66
CA LEU D 210 -23.46 11.66 17.76
C LEU D 210 -23.21 10.22 18.22
N TYR D 211 -22.06 9.92 18.86
CA TYR D 211 -21.79 8.54 19.19
C TYR D 211 -22.83 8.01 20.19
N PRO D 212 -23.03 8.59 21.38
CA PRO D 212 -24.08 8.13 22.27
C PRO D 212 -25.48 8.06 21.65
N ILE D 213 -25.78 8.95 20.72
CA ILE D 213 -27.04 8.79 20.02
C ILE D 213 -27.05 7.48 19.19
N ALA D 214 -26.03 7.24 18.38
CA ALA D 214 -25.96 5.96 17.68
C ALA D 214 -26.09 4.80 18.68
N TYR D 215 -25.51 4.93 19.85
CA TYR D 215 -25.59 3.83 20.81
C TYR D 215 -27.02 3.54 21.22
N LEU D 216 -27.87 4.57 21.27
CA LEU D 216 -29.23 4.39 21.75
C LEU D 216 -30.23 3.92 20.68
N VAL D 217 -29.87 3.90 19.41
CA VAL D 217 -30.83 3.51 18.39
C VAL D 217 -31.58 2.21 18.72
N PRO D 218 -30.94 1.11 19.17
CA PRO D 218 -31.69 -0.08 19.52
C PRO D 218 -32.84 0.17 20.49
N ALA D 219 -32.66 1.19 21.32
CA ALA D 219 -33.63 1.50 22.35
C ALA D 219 -34.80 2.31 21.81
N PHE D 220 -34.66 2.94 20.65
CA PHE D 220 -35.72 3.79 20.11
C PHE D 220 -36.03 3.60 18.62
N MET D 221 -35.28 2.74 17.89
CA MET D 221 -35.64 2.44 16.51
C MET D 221 -35.10 1.07 16.06
N ASN D 222 -35.61 0.02 16.71
CA ASN D 222 -35.19 -1.35 16.49
C ASN D 222 -35.79 -1.89 15.19
N ASN D 223 -35.11 -1.62 14.07
CA ASN D 223 -35.50 -2.09 12.76
C ASN D 223 -34.50 -1.60 11.73
N ALA D 224 -34.68 -2.00 10.47
CA ALA D 224 -33.67 -1.78 9.46
C ALA D 224 -33.49 -0.30 9.17
N ASP D 225 -34.53 0.50 9.40
CA ASP D 225 -34.37 1.94 9.25
C ASP D 225 -33.48 2.50 10.37
N GLY D 226 -33.58 1.98 11.58
CA GLY D 226 -32.68 2.36 12.64
C GLY D 226 -31.23 1.97 12.29
N VAL D 227 -31.04 0.78 11.71
CA VAL D 227 -29.72 0.38 11.32
C VAL D 227 -29.17 1.36 10.29
N VAL D 228 -30.02 1.84 9.39
CA VAL D 228 -29.52 2.79 8.41
C VAL D 228 -29.12 4.08 9.11
N LEU D 229 -29.95 4.54 10.03
CA LEU D 229 -29.67 5.74 10.77
C LEU D 229 -28.35 5.62 11.52
N ARG D 230 -28.18 4.53 12.25
CA ARG D 230 -26.95 4.35 12.98
C ARG D 230 -25.72 4.36 12.07
N GLN D 231 -25.75 3.75 10.90
CA GLN D 231 -24.57 3.80 10.07
C GLN D 231 -24.36 5.21 9.53
N LEU D 232 -25.43 5.95 9.25
CA LEU D 232 -25.25 7.33 8.84
C LEU D 232 -24.63 8.19 9.96
N LEU D 233 -25.14 8.05 11.19
CA LEU D 233 -24.57 8.79 12.31
C LEU D 233 -23.10 8.46 12.46
N PHE D 234 -22.71 7.18 12.47
CA PHE D 234 -21.29 6.88 12.56
C PHE D 234 -20.48 7.51 11.43
N THR D 235 -21.00 7.62 10.23
CA THR D 235 -20.19 8.18 9.16
C THR D 235 -19.95 9.68 9.34
N ILE D 236 -20.99 10.42 9.57
CA ILE D 236 -20.86 11.84 9.83
C ILE D 236 -19.98 12.07 11.05
N ALA D 237 -20.22 11.32 12.12
CA ALA D 237 -19.41 11.50 13.32
C ALA D 237 -17.92 11.20 13.03
N ASP D 238 -17.58 10.23 12.18
CA ASP D 238 -16.17 9.92 11.92
C ASP D 238 -15.52 11.01 11.10
N ILE D 239 -16.22 11.53 10.10
CA ILE D 239 -15.67 12.58 9.26
C ILE D 239 -15.54 13.87 10.07
N SER D 240 -16.56 14.25 10.84
CA SER D 240 -16.48 15.41 11.70
C SER D 240 -15.42 15.24 12.79
N SER D 241 -15.45 14.15 13.52
CA SER D 241 -14.64 14.09 14.72
C SER D 241 -13.16 13.77 14.40
N LYS D 242 -12.85 13.29 13.21
CA LYS D 242 -11.47 12.90 12.97
C LYS D 242 -10.86 13.70 11.84
N VAL D 243 -11.52 13.77 10.68
CA VAL D 243 -10.96 14.43 9.53
C VAL D 243 -11.14 15.94 9.66
N ILE D 244 -12.35 16.44 9.85
CA ILE D 244 -12.51 17.89 9.89
C ILE D 244 -11.82 18.44 11.12
N TYR D 245 -11.99 17.80 12.28
CA TYR D 245 -11.20 18.17 13.46
C TYR D 245 -9.70 18.17 13.17
N GLY D 246 -9.22 17.15 12.50
CA GLY D 246 -7.83 17.16 12.08
C GLY D 246 -7.40 18.38 11.26
N LEU D 247 -8.18 18.75 10.24
CA LEU D 247 -7.88 19.93 9.44
C LEU D 247 -7.92 21.19 10.28
N MET D 248 -8.84 21.30 11.25
CA MET D 248 -8.81 22.47 12.11
C MET D 248 -7.58 22.52 13.01
N ILE D 249 -7.19 21.40 13.63
CA ILE D 249 -5.99 21.41 14.49
C ILE D 249 -4.75 21.75 13.66
N THR D 250 -4.67 21.30 12.40
CA THR D 250 -3.49 21.57 11.61
C THR D 250 -3.47 23.03 11.20
N TYR D 251 -4.63 23.56 10.84
CA TYR D 251 -4.73 24.99 10.56
C TYR D 251 -4.31 25.82 11.78
N ILE D 252 -4.77 25.49 12.98
CA ILE D 252 -4.32 26.21 14.14
C ILE D 252 -2.80 26.08 14.34
N ALA D 253 -2.24 24.87 14.18
CA ALA D 253 -0.78 24.68 14.25
C ALA D 253 0.00 25.58 13.29
N ILE D 254 -0.48 25.72 12.05
CA ILE D 254 0.21 26.54 11.07
C ILE D 254 0.14 28.01 11.46
N GLN D 255 -1.03 28.50 11.83
CA GLN D 255 -1.16 29.89 12.22
C GLN D 255 -0.26 30.24 13.41
N GLN D 256 -0.21 29.38 14.44
CA GLN D 256 0.65 29.63 15.58
C GLN D 256 2.14 29.46 15.22
N SER D 257 2.47 28.55 14.30
CA SER D 257 3.86 28.42 13.87
C SER D 257 4.33 29.72 13.23
N ALA D 258 3.47 30.31 12.41
CA ALA D 258 3.87 31.47 11.67
C ALA D 258 4.05 32.62 12.67
N ALA D 259 3.14 32.69 13.63
CA ALA D 259 3.21 33.72 14.65
C ALA D 259 4.48 33.60 15.49
N ALA D 260 4.96 32.38 15.68
CA ALA D 260 6.18 32.14 16.44
C ALA D 260 7.43 32.31 15.58
N GLY D 261 7.26 32.55 14.28
CA GLY D 261 8.38 32.92 13.44
C GLY D 261 8.94 31.83 12.55
N TYR D 262 8.21 30.72 12.36
CA TYR D 262 8.70 29.65 11.50
C TYR D 262 8.44 30.04 10.06
N VAL D 263 9.48 30.01 9.26
CA VAL D 263 9.38 30.68 7.97
C VAL D 263 8.54 29.87 7.00
N PRO D 264 8.76 28.54 6.87
CA PRO D 264 7.88 27.72 6.07
C PRO D 264 6.38 27.98 6.31
N ALA D 265 6.02 28.16 7.58
CA ALA D 265 4.65 28.50 7.89
C ALA D 265 4.31 29.91 7.39
N GLN D 266 5.22 30.86 7.53
CA GLN D 266 4.93 32.21 7.08
C GLN D 266 4.74 32.21 5.57
N GLN D 267 5.65 31.54 4.85
CA GLN D 267 5.50 31.34 3.42
C GLN D 267 4.16 30.67 3.09
N ALA D 268 3.79 29.60 3.80
CA ALA D 268 2.56 28.91 3.46
C ALA D 268 1.39 29.85 3.55
N LEU D 269 1.47 30.86 4.40
CA LEU D 269 0.36 31.79 4.56
C LEU D 269 0.58 33.06 3.74
N GLY D 270 1.60 33.11 2.89
CA GLY D 270 1.90 34.32 2.12
C GLY D 270 2.91 35.22 2.83
N GLY E 7 -5.26 -34.85 15.57
CA GLY E 7 -4.95 -34.17 14.28
C GLY E 7 -4.41 -32.76 14.50
N MET E 8 -5.17 -31.94 15.23
CA MET E 8 -4.88 -30.52 15.44
C MET E 8 -3.69 -30.29 16.35
N LYS E 9 -3.03 -29.13 16.16
CA LYS E 9 -1.92 -28.74 16.99
C LYS E 9 -2.32 -27.71 18.06
N ASN E 10 -3.31 -26.88 17.79
CA ASN E 10 -3.63 -25.79 18.69
C ASN E 10 -5.07 -25.95 19.15
N ILE E 11 -5.34 -25.51 20.36
CA ILE E 11 -6.66 -25.67 20.92
C ILE E 11 -7.66 -24.69 20.30
N GLU E 12 -7.23 -23.59 19.71
CA GLU E 12 -8.16 -22.75 18.98
C GLU E 12 -9.05 -23.61 18.08
N SER E 13 -8.46 -24.61 17.43
CA SER E 13 -9.16 -25.42 16.44
C SER E 13 -10.03 -26.51 17.06
N LEU E 14 -10.02 -26.67 18.39
CA LEU E 14 -10.85 -27.68 19.01
C LEU E 14 -12.27 -27.21 19.33
N PHE E 15 -12.51 -25.91 19.44
CA PHE E 15 -13.78 -25.44 19.99
C PHE E 15 -14.69 -24.78 18.97
N ASP E 16 -15.96 -24.66 19.40
CA ASP E 16 -16.94 -23.78 18.82
C ASP E 16 -16.98 -22.52 19.64
N TYR E 17 -17.42 -21.43 19.02
CA TYR E 17 -17.43 -20.15 19.70
C TYR E 17 -18.83 -19.57 19.56
N SER E 18 -19.30 -18.93 20.64
CA SER E 18 -20.46 -18.07 20.54
C SER E 18 -20.13 -16.88 19.63
N ALA E 19 -21.16 -16.28 19.04
CA ALA E 19 -21.02 -15.04 18.29
C ALA E 19 -20.25 -13.97 19.05
N GLY E 20 -20.50 -13.86 20.35
CA GLY E 20 -19.82 -12.87 21.16
C GLY E 20 -18.34 -13.19 21.37
N GLN E 21 -18.02 -14.44 21.68
CA GLN E 21 -16.63 -14.82 21.76
C GLN E 21 -15.94 -14.65 20.39
N PHE E 22 -16.56 -15.18 19.36
CA PHE E 22 -15.95 -15.13 18.06
C PHE E 22 -15.76 -13.68 17.65
N GLU E 23 -16.72 -12.80 17.96
CA GLU E 23 -16.61 -11.44 17.48
C GLU E 23 -15.57 -10.67 18.29
N PHE E 24 -15.47 -10.95 19.57
CA PHE E 24 -14.50 -10.28 20.42
C PHE E 24 -13.10 -10.54 19.89
N ILE E 25 -12.81 -11.79 19.57
CA ILE E 25 -11.50 -12.12 19.05
C ILE E 25 -11.26 -11.42 17.71
N ASP E 26 -12.25 -11.34 16.84
CA ASP E 26 -12.06 -10.62 15.61
C ASP E 26 -11.83 -9.12 15.85
N HIS E 27 -12.53 -8.54 16.80
CA HIS E 27 -12.31 -7.16 17.18
C HIS E 27 -10.86 -6.95 17.63
N LEU E 28 -10.33 -7.78 18.51
CA LEU E 28 -8.96 -7.64 18.97
C LEU E 28 -7.96 -7.78 17.83
N LEU E 29 -8.04 -8.86 17.05
CA LEU E 29 -7.12 -9.00 15.93
C LEU E 29 -7.22 -7.82 14.97
N THR E 30 -8.40 -7.29 14.72
CA THR E 30 -8.50 -6.24 13.73
C THR E 30 -7.85 -4.95 14.23
N MET E 31 -8.02 -4.64 15.49
CA MET E 31 -7.47 -3.42 16.05
C MET E 31 -5.93 -3.49 16.03
N GLY E 32 -5.39 -4.61 16.47
CA GLY E 32 -3.95 -4.83 16.43
C GLY E 32 -3.34 -4.51 15.07
N VAL E 33 -3.94 -4.92 13.97
CA VAL E 33 -3.36 -4.60 12.69
C VAL E 33 -3.20 -3.10 12.49
N GLY E 34 -4.19 -2.32 12.85
CA GLY E 34 -4.13 -0.90 12.51
C GLY E 34 -3.30 -0.09 13.49
N VAL E 35 -3.26 -0.47 14.75
CA VAL E 35 -2.31 0.17 15.65
C VAL E 35 -0.90 0.00 15.10
N HIS E 36 -0.52 -1.19 14.62
CA HIS E 36 0.83 -1.36 14.14
C HIS E 36 1.08 -0.51 12.92
N PHE E 37 0.21 -0.51 11.92
CA PHE E 37 0.44 0.33 10.74
C PHE E 37 0.33 1.81 11.05
N ALA E 38 -0.49 2.19 12.02
CA ALA E 38 -0.55 3.59 12.38
C ALA E 38 0.75 4.04 13.05
N ALA E 39 1.19 3.33 14.07
CA ALA E 39 2.49 3.61 14.65
C ALA E 39 3.61 3.72 13.58
N LEU E 40 3.59 2.88 12.57
CA LEU E 40 4.59 3.06 11.53
C LEU E 40 4.64 4.51 10.99
N ILE E 41 3.53 5.09 10.56
CA ILE E 41 3.57 6.44 10.02
C ILE E 41 4.17 7.38 11.07
N PHE E 42 3.75 7.26 12.32
CA PHE E 42 4.23 8.16 13.32
C PHE E 42 5.74 8.10 13.43
N PHE E 43 6.32 6.89 13.52
CA PHE E 43 7.77 6.74 13.60
C PHE E 43 8.46 7.38 12.39
N LEU E 44 7.90 7.26 11.19
CA LEU E 44 8.57 7.91 10.06
C LEU E 44 8.55 9.43 10.19
N VAL E 45 7.40 10.03 10.49
CA VAL E 45 7.33 11.47 10.69
C VAL E 45 8.26 12.01 11.80
N VAL E 46 8.39 11.37 12.96
CA VAL E 46 9.19 11.96 14.02
C VAL E 46 10.66 11.55 13.91
N SER E 47 11.00 10.63 13.02
CA SER E 47 12.40 10.28 12.85
C SER E 47 13.30 11.48 12.56
N GLN E 48 12.76 12.52 11.94
CA GLN E 48 13.59 13.67 11.58
C GLN E 48 14.08 14.45 12.80
N PHE E 49 13.44 14.27 13.95
CA PHE E 49 13.90 14.91 15.15
C PHE E 49 14.93 14.08 15.92
N VAL E 50 15.36 12.93 15.43
CA VAL E 50 16.32 12.14 16.18
C VAL E 50 17.66 12.37 15.53
N ALA E 51 18.73 12.53 16.29
CA ALA E 51 20.04 12.67 15.65
C ALA E 51 20.44 11.38 14.95
N PRO E 52 21.14 11.44 13.80
CA PRO E 52 21.61 10.27 13.08
C PRO E 52 22.28 9.17 13.90
N LYS E 53 23.07 9.53 14.93
CA LYS E 53 23.69 8.49 15.76
C LYS E 53 22.65 7.60 16.47
N TYR E 54 21.41 8.09 16.65
CA TYR E 54 20.34 7.29 17.25
C TYR E 54 19.22 6.93 16.27
N ARG E 55 19.29 7.37 15.02
CA ARG E 55 18.16 7.20 14.13
C ARG E 55 17.94 5.73 13.76
N ILE E 56 18.94 4.89 13.90
CA ILE E 56 18.77 3.46 13.64
C ILE E 56 17.71 2.95 14.61
N ALA E 57 17.71 3.43 15.87
CA ALA E 57 16.77 2.93 16.85
C ALA E 57 15.36 3.19 16.34
N THR E 58 15.09 4.37 15.80
CA THR E 58 13.76 4.63 15.30
C THR E 58 13.46 3.77 14.07
N ALA E 59 14.44 3.56 13.18
CA ALA E 59 14.24 2.71 12.02
C ALA E 59 13.89 1.27 12.42
N LEU E 60 14.51 0.76 13.47
CA LEU E 60 14.22 -0.58 13.95
C LEU E 60 12.76 -0.68 14.41
N SER E 61 12.19 0.35 15.00
CA SER E 61 10.76 0.30 15.28
C SER E 61 9.94 0.19 13.99
N CYS E 62 10.31 0.89 12.93
CA CYS E 62 9.60 0.72 11.68
C CYS E 62 9.66 -0.73 11.22
N ILE E 63 10.80 -1.41 11.33
CA ILE E 63 10.82 -2.82 10.97
C ILE E 63 9.73 -3.58 11.73
N VAL E 64 9.78 -3.51 13.06
CA VAL E 64 8.88 -4.26 13.91
C VAL E 64 7.43 -3.85 13.60
N MET E 65 7.13 -2.59 13.36
CA MET E 65 5.74 -2.29 13.09
C MET E 65 5.29 -3.02 11.81
N VAL E 66 6.01 -2.96 10.71
CA VAL E 66 5.51 -3.55 9.48
C VAL E 66 5.39 -5.08 9.63
N SER E 67 6.41 -5.71 10.16
CA SER E 67 6.47 -7.16 10.27
C SER E 67 5.33 -7.66 11.17
N ALA E 68 5.19 -7.15 12.37
CA ALA E 68 4.08 -7.50 13.25
C ALA E 68 2.71 -7.10 12.67
N GLY E 69 2.60 -5.94 12.08
CA GLY E 69 1.35 -5.57 11.42
C GLY E 69 0.89 -6.58 10.39
N LEU E 70 1.79 -7.05 9.51
CA LEU E 70 1.37 -8.02 8.54
C LEU E 70 1.06 -9.41 9.12
N ILE E 71 1.71 -9.89 10.17
CA ILE E 71 1.32 -11.15 10.80
C ILE E 71 -0.07 -10.96 11.37
N LEU E 72 -0.31 -9.89 12.13
CA LEU E 72 -1.65 -9.72 12.65
C LEU E 72 -2.65 -9.73 11.51
N ASN E 73 -2.29 -9.14 10.39
CA ASN E 73 -3.27 -9.04 9.35
C ASN E 73 -3.60 -10.44 8.81
N SER E 74 -2.60 -11.27 8.67
CA SER E 74 -2.81 -12.66 8.30
C SER E 74 -3.69 -13.38 9.33
N GLN E 75 -3.37 -13.29 10.62
CA GLN E 75 -4.17 -14.02 11.59
C GLN E 75 -5.63 -13.56 11.50
N ALA E 76 -5.84 -12.28 11.28
CA ALA E 76 -7.19 -11.76 11.35
C ALA E 76 -8.00 -12.28 10.18
N VAL E 77 -7.36 -12.43 9.03
CA VAL E 77 -8.02 -13.01 7.88
C VAL E 77 -8.27 -14.53 8.07
N MET E 78 -7.30 -15.24 8.60
CA MET E 78 -7.42 -16.66 8.83
C MET E 78 -8.58 -16.92 9.79
N TRP E 79 -8.81 -16.05 10.77
CA TRP E 79 -9.83 -16.31 11.76
C TRP E 79 -11.20 -16.31 11.12
N THR E 80 -11.42 -15.37 10.24
CA THR E 80 -12.72 -15.25 9.63
C THR E 80 -12.89 -16.31 8.54
N ASP E 81 -11.78 -16.83 7.99
CA ASP E 81 -11.81 -17.85 6.95
C ASP E 81 -11.95 -19.27 7.49
N ALA E 82 -11.38 -19.54 8.64
CA ALA E 82 -11.42 -20.86 9.23
C ALA E 82 -12.78 -21.21 9.82
N TYR E 83 -13.58 -20.20 10.23
CA TYR E 83 -14.86 -20.49 10.88
C TYR E 83 -16.06 -19.93 10.14
N ALA E 84 -17.22 -20.60 10.32
CA ALA E 84 -18.48 -20.13 9.79
C ALA E 84 -19.57 -20.23 10.83
N TYR E 85 -20.55 -19.32 10.74
CA TYR E 85 -21.65 -19.35 11.67
C TYR E 85 -22.67 -20.38 11.18
N VAL E 86 -22.96 -21.37 12.04
CA VAL E 86 -23.76 -22.52 11.63
C VAL E 86 -24.49 -23.12 12.82
N ASP E 87 -25.83 -23.07 12.81
CA ASP E 87 -26.62 -23.54 13.94
C ASP E 87 -26.24 -22.77 15.21
N GLY E 88 -26.20 -21.44 15.08
CA GLY E 88 -26.03 -20.56 16.23
C GLY E 88 -24.67 -20.65 16.93
N SER E 89 -23.63 -21.13 16.23
CA SER E 89 -22.27 -21.08 16.73
C SER E 89 -21.31 -20.99 15.56
N TYR E 90 -20.15 -20.43 15.82
CA TYR E 90 -19.07 -20.47 14.87
C TYR E 90 -18.38 -21.82 15.00
N GLN E 91 -18.15 -22.48 13.87
CA GLN E 91 -17.54 -23.79 13.85
C GLN E 91 -16.47 -23.86 12.77
N LEU E 92 -15.43 -24.65 13.05
CA LEU E 92 -14.34 -24.79 12.11
C LEU E 92 -14.83 -25.37 10.79
N GLN E 93 -14.15 -24.98 9.70
CA GLN E 93 -14.52 -25.32 8.33
C GLN E 93 -13.32 -25.46 7.37
N ASP E 94 -12.71 -26.60 7.20
CA ASP E 94 -11.81 -26.78 6.02
C ASP E 94 -10.47 -26.02 6.02
N LEU E 95 -10.21 -25.19 7.01
CA LEU E 95 -8.89 -24.67 7.30
C LEU E 95 -8.70 -24.76 8.80
N THR E 96 -7.48 -24.61 9.29
CA THR E 96 -7.22 -24.68 10.72
C THR E 96 -6.56 -23.36 11.13
N PHE E 97 -6.74 -22.99 12.38
CA PHE E 97 -6.19 -21.75 12.88
C PHE E 97 -5.06 -22.14 13.83
N SER E 98 -3.97 -21.35 13.83
CA SER E 98 -2.81 -21.62 14.67
C SER E 98 -2.14 -20.33 15.10
N ASN E 99 -1.36 -20.39 16.19
CA ASN E 99 -0.64 -19.22 16.66
C ASN E 99 0.80 -19.23 16.18
N GLY E 100 1.25 -20.33 15.60
CA GLY E 100 2.63 -20.47 15.15
C GLY E 100 3.11 -19.34 14.26
N TYR E 101 2.20 -18.66 13.56
CA TYR E 101 2.60 -17.47 12.83
C TYR E 101 3.37 -16.49 13.71
N ARG E 102 2.88 -16.24 14.92
CA ARG E 102 3.57 -15.32 15.78
C ARG E 102 4.96 -15.87 16.14
N TYR E 103 5.04 -17.13 16.52
CA TYR E 103 6.31 -17.65 16.99
C TYR E 103 7.40 -17.45 15.94
N VAL E 104 7.07 -17.74 14.70
CA VAL E 104 8.10 -17.68 13.66
C VAL E 104 8.49 -16.23 13.43
N ASN E 105 7.52 -15.34 13.48
CA ASN E 105 7.82 -13.94 13.32
C ASN E 105 8.73 -13.35 14.41
N TRP E 106 8.59 -13.73 15.68
CA TRP E 106 9.54 -13.33 16.70
C TRP E 106 11.00 -13.60 16.30
N MET E 107 11.29 -14.58 15.42
CA MET E 107 12.68 -14.76 15.04
C MET E 107 13.28 -13.48 14.45
N ALA E 108 12.45 -12.64 13.84
CA ALA E 108 12.96 -11.40 13.27
C ALA E 108 12.74 -10.21 14.22
N THR E 109 11.60 -10.14 14.87
CA THR E 109 11.30 -8.94 15.62
C THR E 109 11.99 -8.90 16.98
N ILE E 110 12.20 -10.01 17.69
CA ILE E 110 12.80 -9.89 19.02
C ILE E 110 14.20 -9.32 18.92
N PRO E 111 15.03 -9.74 17.96
CA PRO E 111 16.31 -9.05 17.74
C PRO E 111 16.19 -7.54 17.54
N CYS E 112 15.26 -7.08 16.70
CA CYS E 112 15.05 -5.66 16.51
C CYS E 112 14.72 -4.94 17.81
N LEU E 113 13.79 -5.42 18.59
CA LEU E 113 13.50 -4.81 19.87
C LEU E 113 14.76 -4.78 20.75
N LEU E 114 15.57 -5.82 20.73
CA LEU E 114 16.71 -5.80 21.64
C LEU E 114 17.77 -4.83 21.15
N LEU E 115 18.00 -4.78 19.84
CA LEU E 115 19.04 -3.92 19.33
C LEU E 115 18.69 -2.44 19.58
N GLN E 116 17.41 -2.07 19.45
CA GLN E 116 17.05 -0.68 19.66
C GLN E 116 17.32 -0.24 21.08
N LEU E 117 17.17 -1.13 22.07
CA LEU E 117 17.57 -0.78 23.42
C LEU E 117 19.09 -0.55 23.55
N LEU E 118 19.91 -1.42 22.98
CA LEU E 118 21.35 -1.24 23.11
C LEU E 118 21.80 0.10 22.52
N ILE E 119 21.20 0.52 21.39
CA ILE E 119 21.62 1.78 20.77
C ILE E 119 21.35 2.97 21.70
N VAL E 120 20.16 3.09 22.30
CA VAL E 120 19.91 4.23 23.15
C VAL E 120 20.64 4.11 24.50
N LEU E 121 21.09 2.92 24.90
CA LEU E 121 21.94 2.86 26.09
C LEU E 121 23.33 3.39 25.77
N ASN E 122 23.56 3.75 24.51
CA ASN E 122 24.85 4.25 24.08
C ASN E 122 25.95 3.20 24.13
N LEU E 123 25.64 1.92 23.91
CA LEU E 123 26.73 0.95 23.77
C LEU E 123 27.31 1.19 22.39
N LYS E 124 28.61 0.89 22.25
CA LYS E 124 29.31 1.11 20.99
C LYS E 124 30.36 0.03 20.78
N GLY E 125 30.64 -0.25 19.49
CA GLY E 125 31.77 -1.06 19.09
C GLY E 125 31.70 -2.52 19.55
N LYS E 126 32.84 -3.04 20.01
CA LYS E 126 32.93 -4.41 20.46
C LYS E 126 31.79 -4.71 21.43
N GLU E 127 31.55 -3.81 22.39
CA GLU E 127 30.54 -4.06 23.40
C GLU E 127 29.19 -4.18 22.71
N LEU E 128 28.90 -3.26 21.75
CA LEU E 128 27.63 -3.36 21.06
C LEU E 128 27.54 -4.72 20.37
N PHE E 129 28.54 -5.09 19.57
CA PHE E 129 28.42 -6.28 18.74
C PHE E 129 28.40 -7.57 19.57
N SER E 130 29.22 -7.65 20.61
CA SER E 130 29.20 -8.84 21.46
C SER E 130 27.83 -9.00 22.10
N THR E 131 27.32 -7.94 22.73
CA THR E 131 26.06 -8.04 23.45
C THR E 131 24.99 -8.46 22.45
N ALA E 132 24.99 -7.82 21.27
CA ALA E 132 23.98 -8.12 20.28
C ALA E 132 23.99 -9.59 19.93
N THR E 133 25.15 -10.14 19.61
CA THR E 133 25.24 -11.57 19.33
C THR E 133 24.67 -12.44 20.45
N TRP E 134 25.14 -12.29 21.67
CA TRP E 134 24.62 -13.16 22.71
C TRP E 134 23.11 -13.00 22.86
N LEU E 135 22.57 -11.79 22.72
CA LEU E 135 21.14 -11.60 22.90
C LEU E 135 20.38 -12.32 21.79
N ILE E 136 20.88 -12.22 20.56
CA ILE E 136 20.16 -12.83 19.46
C ILE E 136 20.19 -14.36 19.58
N LEU E 137 21.31 -14.96 19.98
CA LEU E 137 21.31 -16.40 20.15
C LEU E 137 20.43 -16.81 21.33
N ALA E 138 20.52 -16.13 22.45
CA ALA E 138 19.60 -16.48 23.49
C ALA E 138 18.15 -16.39 22.97
N ALA E 139 17.79 -15.37 22.19
CA ALA E 139 16.39 -15.24 21.77
C ALA E 139 15.99 -16.36 20.80
N TRP E 140 16.81 -16.66 19.81
CA TRP E 140 16.49 -17.77 18.93
C TRP E 140 16.33 -19.07 19.73
N GLY E 141 17.19 -19.27 20.71
CA GLY E 141 17.05 -20.39 21.61
C GLY E 141 15.68 -20.45 22.27
N MET E 142 15.29 -19.36 22.92
CA MET E 142 13.97 -19.24 23.51
C MET E 142 12.84 -19.55 22.50
N ILE E 143 12.94 -19.06 21.27
CA ILE E 143 11.78 -19.06 20.38
C ILE E 143 11.61 -20.44 19.78
N ILE E 144 12.70 -21.00 19.27
CA ILE E 144 12.63 -22.33 18.68
C ILE E 144 12.12 -23.31 19.71
N THR E 145 12.68 -23.33 20.91
CA THR E 145 12.20 -24.31 21.89
C THR E 145 10.74 -24.03 22.23
N GLY E 146 10.32 -22.77 22.28
CA GLY E 146 8.90 -22.51 22.51
C GLY E 146 8.01 -23.03 21.37
N TYR E 147 8.46 -22.87 20.11
CA TYR E 147 7.65 -23.32 18.99
C TYR E 147 7.41 -24.83 19.10
N VAL E 148 8.49 -25.59 19.24
CA VAL E 148 8.35 -27.01 19.41
C VAL E 148 7.42 -27.34 20.58
N GLY E 149 7.66 -26.77 21.73
CA GLY E 149 6.74 -27.01 22.83
C GLY E 149 5.27 -26.84 22.46
N GLN E 150 4.88 -25.84 21.65
CA GLN E 150 3.46 -25.54 21.53
C GLN E 150 2.82 -26.41 20.46
N LEU E 151 3.63 -27.28 19.86
CA LEU E 151 3.14 -28.40 19.08
C LEU E 151 2.50 -29.46 19.95
N TYR E 152 2.73 -29.45 21.28
CA TYR E 152 2.12 -30.48 22.12
C TYR E 152 0.90 -29.97 22.90
N GLU E 153 0.31 -28.85 22.52
CA GLU E 153 -0.67 -28.26 23.43
C GLU E 153 -2.00 -29.03 23.42
N VAL E 154 -2.27 -29.84 22.39
CA VAL E 154 -3.47 -30.66 22.32
C VAL E 154 -3.16 -32.10 22.71
N ASP E 155 -1.99 -32.59 22.28
CA ASP E 155 -1.56 -33.96 22.55
C ASP E 155 -1.04 -34.11 23.97
N ASP E 156 0.09 -33.45 24.30
CA ASP E 156 0.91 -33.86 25.45
C ASP E 156 1.38 -32.72 26.34
N ILE E 157 0.55 -32.31 27.32
CA ILE E 157 0.91 -31.20 28.18
C ILE E 157 2.26 -31.41 28.87
N ALA E 158 2.59 -32.64 29.19
CA ALA E 158 3.90 -32.96 29.73
C ALA E 158 4.98 -32.33 28.87
N GLN E 159 4.94 -32.64 27.56
CA GLN E 159 5.94 -32.13 26.63
C GLN E 159 5.83 -30.61 26.53
N LEU E 160 4.61 -30.07 26.52
CA LEU E 160 4.46 -28.63 26.55
C LEU E 160 5.32 -28.05 27.68
N MET E 161 5.17 -28.58 28.89
CA MET E 161 5.86 -28.08 30.07
C MET E 161 7.37 -28.29 29.98
N ILE E 162 7.79 -29.37 29.38
CA ILE E 162 9.22 -29.60 29.38
C ILE E 162 9.90 -28.61 28.47
N TRP E 163 9.46 -28.51 27.22
CA TRP E 163 10.03 -27.51 26.31
C TRP E 163 9.83 -26.09 26.86
N GLY E 164 8.69 -25.84 27.53
CA GLY E 164 8.51 -24.57 28.22
C GLY E 164 9.70 -24.22 29.10
N ALA E 165 10.12 -25.20 29.91
CA ALA E 165 11.14 -24.99 30.91
C ALA E 165 12.47 -24.63 30.25
N VAL E 166 12.83 -25.39 29.22
CA VAL E 166 14.00 -25.04 28.43
C VAL E 166 13.88 -23.65 27.85
N SER E 167 12.73 -23.31 27.25
CA SER E 167 12.58 -21.99 26.68
C SER E 167 12.85 -20.97 27.78
N THR E 168 12.18 -21.16 28.92
CA THR E 168 12.32 -20.22 30.03
C THR E 168 13.77 -20.06 30.48
N ALA E 169 14.58 -21.10 30.41
CA ALA E 169 15.98 -20.93 30.71
C ALA E 169 16.59 -19.84 29.83
N PHE E 170 16.46 -19.95 28.50
CA PHE E 170 16.95 -18.88 27.62
C PHE E 170 16.34 -17.51 28.00
N PHE E 171 15.05 -17.46 28.31
CA PHE E 171 14.46 -16.17 28.63
C PHE E 171 15.25 -15.53 29.75
N VAL E 172 15.51 -16.30 30.80
CA VAL E 172 16.13 -15.77 32.00
C VAL E 172 17.52 -15.21 31.69
N VAL E 173 18.30 -15.99 30.95
CA VAL E 173 19.59 -15.48 30.53
C VAL E 173 19.42 -14.16 29.76
N MET E 174 18.46 -14.11 28.84
CA MET E 174 18.33 -12.90 28.06
C MET E 174 17.91 -11.75 28.99
N ASN E 175 16.95 -11.96 29.92
CA ASN E 175 16.57 -10.85 30.80
C ASN E 175 17.73 -10.41 31.68
N TRP E 176 18.62 -11.34 32.00
CA TRP E 176 19.75 -11.02 32.83
C TRP E 176 20.72 -10.08 32.12
N ILE E 177 21.19 -10.48 30.93
CA ILE E 177 21.96 -9.54 30.09
C ILE E 177 21.31 -8.16 29.93
N VAL E 178 20.02 -8.12 29.59
CA VAL E 178 19.40 -6.83 29.39
C VAL E 178 19.49 -6.05 30.69
N GLY E 179 18.99 -6.65 31.78
CA GLY E 179 18.87 -5.93 33.04
C GLY E 179 20.23 -5.40 33.48
N THR E 180 21.27 -6.21 33.30
CA THR E 180 22.61 -5.78 33.63
C THR E 180 22.97 -4.52 32.84
N LYS E 181 22.95 -4.60 31.49
CA LYS E 181 23.36 -3.46 30.65
C LYS E 181 22.54 -2.20 30.99
N ILE E 182 21.26 -2.34 31.27
CA ILE E 182 20.48 -1.17 31.62
C ILE E 182 21.03 -0.57 32.88
N PHE E 183 21.17 -1.36 33.94
CA PHE E 183 21.48 -0.77 35.24
C PHE E 183 22.94 -0.30 35.27
N LYS E 184 23.81 -0.92 34.50
CA LYS E 184 25.18 -0.42 34.37
C LYS E 184 25.26 0.89 33.58
N ASN E 185 24.36 1.11 32.61
CA ASN E 185 24.53 2.22 31.68
C ASN E 185 23.57 3.38 31.97
N ARG E 186 22.73 3.20 32.97
CA ARG E 186 21.70 4.18 33.26
C ARG E 186 22.33 5.53 33.59
N ALA E 187 23.51 5.52 34.21
CA ALA E 187 24.06 6.74 34.78
C ALA E 187 24.60 7.66 33.69
N THR E 188 25.12 7.05 32.62
CA THR E 188 25.66 7.77 31.48
C THR E 188 24.60 8.27 30.50
N MET E 189 23.31 7.97 30.73
CA MET E 189 22.24 8.45 29.86
C MET E 189 22.20 9.97 29.91
N LEU E 190 21.85 10.60 28.78
CA LEU E 190 21.73 12.05 28.66
C LEU E 190 20.28 12.53 28.76
N GLY E 191 20.12 13.83 28.98
CA GLY E 191 18.82 14.48 28.94
C GLY E 191 17.83 14.05 30.02
N GLY E 192 18.33 13.47 31.14
CA GLY E 192 17.43 12.99 32.18
C GLY E 192 16.68 11.69 31.82
N THR E 193 17.32 10.84 31.02
CA THR E 193 16.67 9.67 30.49
C THR E 193 16.99 8.46 31.34
N ASP E 194 17.88 8.59 32.31
CA ASP E 194 18.07 7.61 33.38
C ASP E 194 16.74 7.23 34.05
N SER E 195 15.89 8.22 34.34
CA SER E 195 14.56 7.92 34.85
C SER E 195 13.77 7.15 33.80
N THR E 196 13.85 7.58 32.53
CA THR E 196 12.95 7.00 31.56
C THR E 196 13.35 5.57 31.30
N ILE E 197 14.65 5.29 31.26
CA ILE E 197 15.06 3.97 30.83
C ILE E 197 14.65 2.95 31.89
N THR E 198 14.49 3.38 33.12
CA THR E 198 14.10 2.46 34.17
C THR E 198 12.65 2.01 33.94
N LYS E 199 11.77 2.98 33.70
CA LYS E 199 10.42 2.66 33.25
C LYS E 199 10.43 1.68 32.06
N VAL E 200 11.27 1.88 31.07
CA VAL E 200 11.32 0.93 29.97
C VAL E 200 11.60 -0.49 30.48
N PHE E 201 12.63 -0.66 31.32
CA PHE E 201 12.91 -1.98 31.89
C PHE E 201 11.66 -2.59 32.57
N TRP E 202 10.89 -1.82 33.32
CA TRP E 202 9.72 -2.42 33.93
C TRP E 202 8.70 -2.79 32.89
N LEU E 203 8.47 -1.91 31.90
CA LEU E 203 7.54 -2.19 30.82
C LEU E 203 7.92 -3.54 30.21
N MET E 204 9.19 -3.74 29.88
CA MET E 204 9.61 -5.02 29.30
C MET E 204 9.31 -6.19 30.22
N MET E 205 9.68 -6.12 31.51
CA MET E 205 9.37 -7.20 32.47
C MET E 205 7.89 -7.56 32.48
N PHE E 206 6.98 -6.57 32.56
CA PHE E 206 5.57 -6.85 32.48
C PHE E 206 5.22 -7.36 31.07
N ALA E 207 5.44 -6.59 30.02
CA ALA E 207 4.89 -7.02 28.75
C ALA E 207 5.45 -8.39 28.40
N TRP E 208 6.76 -8.62 28.55
CA TRP E 208 7.35 -9.81 27.95
C TRP E 208 6.83 -11.04 28.69
N THR E 209 6.46 -10.87 29.94
CA THR E 209 6.01 -12.02 30.72
C THR E 209 4.61 -12.48 30.32
N LEU E 210 3.78 -11.61 29.76
CA LEU E 210 2.50 -12.05 29.23
C LEU E 210 2.67 -13.21 28.23
N TYR E 211 3.76 -13.26 27.46
CA TYR E 211 3.86 -14.30 26.46
C TYR E 211 3.88 -15.69 27.09
N PRO E 212 4.81 -16.04 27.99
CA PRO E 212 4.77 -17.34 28.66
C PRO E 212 3.47 -17.64 29.40
N ILE E 213 2.77 -16.62 29.89
CA ILE E 213 1.44 -16.90 30.39
C ILE E 213 0.52 -17.39 29.29
N ALA E 214 0.41 -16.66 28.17
CA ALA E 214 -0.39 -17.15 27.06
C ALA E 214 0.04 -18.59 26.71
N TYR E 215 1.32 -18.88 26.77
CA TYR E 215 1.76 -20.22 26.38
C TYR E 215 1.18 -21.29 27.28
N LEU E 216 0.94 -20.97 28.55
CA LEU E 216 0.46 -21.97 29.50
C LEU E 216 -1.05 -22.12 29.54
N VAL E 217 -1.83 -21.27 28.89
CA VAL E 217 -3.27 -21.40 28.94
C VAL E 217 -3.76 -22.84 28.69
N PRO E 218 -3.32 -23.58 27.67
CA PRO E 218 -3.76 -24.95 27.49
C PRO E 218 -3.61 -25.82 28.73
N ALA E 219 -2.65 -25.48 29.56
CA ALA E 219 -2.35 -26.27 30.75
C ALA E 219 -3.27 -25.90 31.91
N PHE E 220 -3.92 -24.73 31.87
CA PHE E 220 -4.78 -24.32 32.98
C PHE E 220 -6.16 -23.79 32.58
N MET E 221 -6.48 -23.66 31.27
CA MET E 221 -7.79 -23.19 30.85
C MET E 221 -8.15 -23.66 29.43
N ASN E 222 -8.21 -24.99 29.26
CA ASN E 222 -8.46 -25.63 27.98
C ASN E 222 -9.96 -25.56 27.64
N ASN E 223 -10.35 -24.47 26.99
CA ASN E 223 -11.71 -24.26 26.52
C ASN E 223 -11.82 -22.90 25.85
N ALA E 224 -12.98 -22.58 25.31
CA ALA E 224 -13.12 -21.42 24.45
C ALA E 224 -12.87 -20.13 25.23
N ASP E 225 -13.12 -20.15 26.53
CA ASP E 225 -12.81 -18.99 27.35
C ASP E 225 -11.29 -18.80 27.47
N GLY E 226 -10.55 -19.90 27.57
CA GLY E 226 -9.10 -19.81 27.54
C GLY E 226 -8.59 -19.25 26.22
N VAL E 227 -9.20 -19.68 25.12
CA VAL E 227 -8.83 -19.16 23.83
C VAL E 227 -9.08 -17.66 23.79
N VAL E 228 -10.16 -17.20 24.40
CA VAL E 228 -10.39 -15.77 24.39
C VAL E 228 -9.31 -15.05 25.19
N LEU E 229 -9.01 -15.60 26.36
CA LEU E 229 -7.99 -15.05 27.20
C LEU E 229 -6.65 -14.98 26.47
N ARG E 230 -6.25 -16.08 25.86
CA ARG E 230 -4.98 -16.07 25.16
C ARG E 230 -4.94 -15.02 24.04
N GLN E 231 -5.98 -14.82 23.28
CA GLN E 231 -5.88 -13.81 22.25
C GLN E 231 -5.83 -12.42 22.91
N LEU E 232 -6.52 -12.21 24.01
CA LEU E 232 -6.41 -10.91 24.67
C LEU E 232 -5.00 -10.68 25.22
N LEU E 233 -4.39 -11.68 25.86
CA LEU E 233 -3.02 -11.54 26.31
C LEU E 233 -2.08 -11.21 25.18
N PHE E 234 -2.14 -11.94 24.07
CA PHE E 234 -1.31 -11.58 22.94
C PHE E 234 -1.56 -10.14 22.45
N THR E 235 -2.76 -9.63 22.49
CA THR E 235 -2.96 -8.28 21.96
C THR E 235 -2.33 -7.23 22.85
N ILE E 236 -2.61 -7.27 24.13
CA ILE E 236 -2.02 -6.36 25.07
C ILE E 236 -0.50 -6.49 25.02
N ALA E 237 0.01 -7.71 25.01
CA ALA E 237 1.45 -7.87 24.97
C ALA E 237 2.04 -7.31 23.67
N ASP E 238 1.37 -7.39 22.52
CA ASP E 238 1.91 -6.83 21.28
C ASP E 238 1.94 -5.31 21.28
N ILE E 239 0.88 -4.70 21.80
CA ILE E 239 0.83 -3.27 21.86
C ILE E 239 1.85 -2.76 22.90
N SER E 240 1.92 -3.37 24.08
CA SER E 240 2.88 -2.98 25.10
C SER E 240 4.30 -3.22 24.62
N SER E 241 4.59 -4.40 24.11
CA SER E 241 5.98 -4.73 23.91
C SER E 241 6.53 -4.11 22.64
N LYS E 242 5.67 -3.65 21.73
CA LYS E 242 6.20 -3.19 20.45
C LYS E 242 5.90 -1.72 20.23
N VAL E 243 4.65 -1.33 20.35
CA VAL E 243 4.24 0.02 20.04
C VAL E 243 4.61 0.91 21.22
N ILE E 244 4.11 0.64 22.42
CA ILE E 244 4.39 1.55 23.52
C ILE E 244 5.89 1.57 23.82
N TYR E 245 6.52 0.41 23.89
CA TYR E 245 7.97 0.38 23.99
C TYR E 245 8.66 1.19 22.89
N GLY E 246 8.22 1.06 21.66
CA GLY E 246 8.81 1.87 20.63
C GLY E 246 8.66 3.39 20.88
N LEU E 247 7.49 3.87 21.31
CA LEU E 247 7.31 5.28 21.63
C LEU E 247 8.25 5.70 22.76
N MET E 248 8.47 4.85 23.75
CA MET E 248 9.39 5.20 24.79
C MET E 248 10.84 5.25 24.29
N ILE E 249 11.28 4.30 23.46
CA ILE E 249 12.63 4.35 22.91
C ILE E 249 12.82 5.62 22.06
N THR E 250 11.82 6.03 21.30
CA THR E 250 11.98 7.19 20.44
C THR E 250 12.02 8.45 21.29
N TYR E 251 11.18 8.52 22.32
CA TYR E 251 11.25 9.60 23.26
C TYR E 251 12.61 9.71 23.92
N ILE E 252 13.16 8.61 24.38
CA ILE E 252 14.51 8.67 24.91
C ILE E 252 15.53 9.16 23.88
N ALA E 253 15.47 8.65 22.64
CA ALA E 253 16.36 9.11 21.59
C ALA E 253 16.27 10.63 21.32
N ILE E 254 15.07 11.20 21.37
CA ILE E 254 14.90 12.61 21.13
C ILE E 254 15.51 13.42 22.27
N GLN E 255 15.25 13.02 23.51
CA GLN E 255 15.80 13.73 24.66
C GLN E 255 17.32 13.71 24.66
N GLN E 256 17.92 12.57 24.36
CA GLN E 256 19.38 12.49 24.30
C GLN E 256 19.94 13.24 23.08
N SER E 257 19.21 13.24 21.95
CA SER E 257 19.68 13.99 20.81
C SER E 257 19.77 15.48 21.16
N ALA E 258 18.75 15.97 21.86
CA ALA E 258 18.68 17.37 22.16
C ALA E 258 19.82 17.71 23.11
N ALA E 259 20.04 16.82 24.08
CA ALA E 259 21.11 17.02 25.05
C ALA E 259 22.48 17.04 24.38
N ALA E 260 22.63 16.29 23.30
CA ALA E 260 23.88 16.27 22.55
C ALA E 260 24.00 17.44 21.58
N GLY E 261 22.95 18.24 21.44
CA GLY E 261 23.03 19.44 20.65
C GLY E 261 22.46 19.38 19.25
N TYR E 262 21.62 18.38 18.95
CA TYR E 262 21.01 18.30 17.63
C TYR E 262 19.82 19.25 17.61
N VAL E 263 19.82 20.14 16.62
CA VAL E 263 18.92 21.28 16.74
C VAL E 263 17.48 20.89 16.47
N PRO E 264 17.20 20.12 15.39
CA PRO E 264 15.85 19.60 15.19
C PRO E 264 15.24 18.98 16.44
N ALA E 265 16.05 18.27 17.23
CA ALA E 265 15.54 17.74 18.48
C ALA E 265 15.29 18.86 19.47
N GLN E 266 16.16 19.86 19.53
CA GLN E 266 15.94 20.95 20.48
C GLN E 266 14.67 21.72 20.12
N GLN E 267 14.50 22.02 18.82
CA GLN E 267 13.26 22.56 18.30
C GLN E 267 12.06 21.71 18.66
N ALA E 268 12.14 20.38 18.45
CA ALA E 268 10.98 19.55 18.70
C ALA E 268 10.54 19.67 20.14
N LEU E 269 11.50 19.98 21.04
CA LEU E 269 11.16 20.06 22.45
C LEU E 269 10.90 21.49 22.87
N GLY E 270 10.91 22.46 21.95
CA GLY E 270 10.77 23.87 22.33
C GLY E 270 12.12 24.55 22.53
C1 RET F . 19.34 -23.59 -9.68
C2 RET F . 19.18 -24.88 -10.48
C3 RET F . 19.97 -26.01 -9.95
C4 RET F . 21.43 -25.64 -9.91
C5 RET F . 21.73 -24.21 -9.53
C6 RET F . 20.78 -23.31 -9.27
C7 RET F . 21.14 -22.12 -8.51
C8 RET F . 20.31 -21.13 -8.02
C9 RET F . 20.77 -19.99 -7.33
C10 RET F . 19.82 -19.04 -6.88
C11 RET F . 19.96 -17.93 -6.09
C12 RET F . 18.92 -17.12 -5.81
C13 RET F . 18.84 -15.93 -5.03
C14 RET F . 17.61 -15.41 -4.77
C15 RET F . 17.36 -14.33 -3.87
C16 RET F . 18.75 -22.46 -10.54
C17 RET F . 18.49 -23.70 -8.42
C18 RET F . 23.19 -23.93 -9.34
C19 RET F . 22.22 -19.71 -7.07
C20 RET F . 20.08 -15.31 -4.51
C10 A1L4O G . 25.30 -28.53 -5.98
C13 A1L4O G . 26.91 -26.69 -5.82
C15 A1L4O G . 28.74 -25.13 -5.62
C17 A1L4O G . 29.46 -24.27 -6.31
C20 A1L4O G . 32.16 -21.92 -5.71
C21 A1L4O G . 33.09 -21.33 -6.46
C22 A1L4O G . 33.32 -21.55 -7.93
C24 A1L4O G . 34.83 -19.72 -6.38
C26 A1L4O G . 36.66 -18.19 -6.34
C28 A1L4O G . 37.63 -17.38 -5.65
C02 A1L4O G . 23.45 -32.73 -10.36
C03 A1L4O G . 24.89 -32.26 -10.45
C04 A1L4O G . 25.27 -31.60 -9.15
C05 A1L4O G . 25.22 -32.58 -7.98
C06 A1L4O G . 26.69 -31.04 -9.31
C07 A1L4O G . 24.32 -30.42 -9.00
C08 A1L4O G . 24.92 -29.35 -8.22
C09 A1L4O G . 24.68 -29.53 -6.90
C11 A1L4O G . 24.92 -28.44 -4.53
C12 A1L4O G . 26.20 -27.67 -6.55
C14 A1L4O G . 27.97 -26.12 -6.39
C16 A1L4O G . 28.67 -24.99 -4.11
C18 A1L4O G . 30.25 -23.32 -5.56
C19 A1L4O G . 31.22 -22.83 -6.29
C23 A1L4O G . 33.98 -20.44 -5.72
C25 A1L4O G . 35.74 -18.87 -5.64
C27 A1L4O G . 36.82 -18.31 -7.82
C29 A1L4O G . 38.56 -16.76 -6.33
C30 A1L4O G . 39.55 -16.05 -5.55
C31 A1L4O G . 40.62 -15.45 -6.12
C32 A1L4O G . 40.86 -15.47 -7.60
C33 A1L4O G . 41.71 -14.91 -5.29
C34 A1L4O G . 41.98 -15.58 -4.13
C35 A1L4O G . 43.14 -15.24 -3.21
C37 A1L4O G . 44.36 -14.60 -3.92
C39 A1L4O G . 44.28 -13.07 -3.87
C40 A1L4O G . 45.67 -15.07 -3.29
C41 A1L4O G . 23.02 -30.47 -9.30
C42 A1L4O G . 22.10 -29.42 -8.71
C43 A1L4O G . 22.53 -31.50 -10.32
O01 A1L4O G . 23.22 -33.60 -11.48
O36 A1L4O G . 42.69 -14.43 -2.12
O38 A1L4O G . 44.45 -15.02 -5.29
CL CL H . 13.49 -13.73 -5.75
CL CL I . 28.73 10.87 -3.43
O12 PC1 J . 34.22 -7.41 9.84
P PC1 J . 33.41 -6.46 10.68
O14 PC1 J . 33.34 -5.00 10.33
O13 PC1 J . 33.97 -6.48 12.19
C11 PC1 J . 33.08 -6.06 13.27
C12 PC1 J . 32.86 -4.57 13.26
N PC1 J . 33.26 -3.81 14.52
C13 PC1 J . 32.91 -2.37 14.36
C14 PC1 J . 32.53 -4.33 15.71
C15 PC1 J . 34.73 -3.93 14.74
O11 PC1 J . 31.97 -7.10 10.88
C1 PC1 J . 30.80 -6.26 10.74
C2 PC1 J . 29.68 -7.23 10.42
O21 PC1 J . 28.46 -6.58 10.81
C21 PC1 J . 27.70 -6.01 9.88
O22 PC1 J . 27.91 -6.07 8.70
C22 PC1 J . 26.63 -5.23 10.54
C23 PC1 J . 25.37 -5.27 9.85
C24 PC1 J . 25.04 -6.67 9.42
C25 PC1 J . 24.61 -7.54 10.54
C26 PC1 J . 23.26 -8.13 10.31
C27 PC1 J . 23.07 -9.38 11.05
C28 PC1 J . 21.67 -9.66 11.53
C29 PC1 J . 21.52 -11.09 11.94
C2A PC1 J . 20.36 -11.35 12.81
C2B PC1 J . 19.09 -11.49 12.04
C2C PC1 J . 17.90 -11.00 12.79
C2D PC1 J . 17.10 -10.02 12.03
C2E PC1 J . 16.94 -10.34 10.59
C2F PC1 J . 15.73 -9.72 9.98
C2G PC1 J . 15.64 -8.24 10.18
C2H PC1 J . 14.44 -7.72 9.42
C2I PC1 J . 14.78 -6.67 8.38
C3 PC1 J . 29.86 -8.53 11.16
O31 PC1 J . 29.31 -9.60 10.36
C31 PC1 J . 28.04 -9.85 10.64
O32 PC1 J . 27.43 -9.27 11.50
C32 PC1 J . 27.49 -10.93 9.75
C33 PC1 J . 26.56 -11.84 10.46
C34 PC1 J . 25.51 -12.39 9.57
C35 PC1 J . 25.47 -13.89 9.48
C36 PC1 J . 24.20 -14.46 10.01
C37 PC1 J . 23.64 -15.63 9.25
C38 PC1 J . 22.11 -15.74 9.41
C39 PC1 J . 21.53 -17.08 9.11
C3A PC1 J . 20.17 -17.28 9.64
C3B PC1 J . 19.09 -16.90 8.73
C3C PC1 J . 18.06 -16.05 9.36
C3D PC1 J . 17.28 -16.75 10.42
C3E PC1 J . 15.83 -16.87 10.11
C3F PC1 J . 14.91 -16.22 11.10
C3G PC1 J . 14.13 -15.06 10.54
C3H PC1 J . 14.86 -13.75 10.47
C3I PC1 J . 16.21 -13.73 11.13
C1 PLC K . 27.70 4.09 -13.18
C2 PLC K . 26.54 3.79 -12.25
C3 PLC K . 25.99 5.02 -11.57
C4 PLC K . 31.02 6.03 -14.10
C5 PLC K . 32.52 6.02 -14.01
C6 PLC K . 32.71 8.48 -14.04
C7 PLC K . 34.71 7.13 -14.24
C8 PLC K . 33.14 7.22 -16.08
C' PLC K . 25.37 1.81 -13.02
C1' PLC K . 25.49 1.07 -14.35
C2' PLC K . 24.29 0.30 -14.74
C3' PLC K . 24.52 -1.19 -14.76
C4' PLC K . 25.37 -1.64 -15.85
C5' PLC K . 24.59 -2.17 -16.99
C6' PLC K . 24.12 -3.56 -16.85
C7' PLC K . 24.44 -4.40 -18.04
C8' PLC K . 23.34 -4.52 -19.04
C9' PLC K . 23.51 -5.67 -20.02
CA' PLC K . 22.83 -6.96 -19.68
CB' PLC K . 22.22 -7.66 -20.88
CB PLC K . 23.97 6.17 -11.94
C1B PLC K . 22.46 6.17 -11.64
C2B PLC K . 21.69 5.70 -12.84
C3B PLC K . 20.42 4.91 -12.62
C4B PLC K . 20.17 3.85 -13.72
C5B PLC K . 20.91 2.53 -13.51
C6B PLC K . 20.07 1.31 -13.59
C7B PLC K . 20.75 -0.07 -13.34
C8B PLC K . 20.03 -0.85 -12.27
C9B PLC K . 19.40 -2.19 -12.64
CAA PLC K . 20.39 -3.07 -13.34
CBA PLC K . 20.36 -4.55 -12.97
O' PLC K . 25.06 1.31 -11.98
OB PLC K . 24.59 6.99 -12.55
O2 PLC K . 25.58 3.14 -13.14
O3 PLC K . 24.54 5.02 -11.59
O1P PLC K . 30.23 4.38 -11.75
O2P PLC K . 28.97 6.48 -10.86
O3P PLC K . 28.27 5.42 -13.05
O4P PLC K . 30.45 6.58 -12.90
N PLC K . 33.27 7.21 -14.59
P PLC K . 29.48 5.66 -12.02
C27 R16 L . 7.84 -33.19 9.64
C28 R16 L . 9.15 -32.45 9.60
C29 R16 L . 10.04 -32.85 8.45
C30 R16 L . 11.46 -32.36 8.55
C31 R16 L . 11.64 -30.94 8.12
C32 R16 L . 12.80 -30.23 8.78
C33 R16 L . 12.45 -29.43 10.01
C34 R16 L . 13.68 -28.96 10.80
C35 R16 L . 13.48 -27.67 11.58
C36 R16 L . 14.76 -26.97 12.05
C37 R16 L . 14.56 -25.52 12.49
C38 R16 L . 15.83 -24.68 12.59
C39 R16 L . 15.83 -23.39 11.78
C40 R16 L . 16.43 -22.18 12.46
C41 R16 L . 17.11 -21.15 11.58
C42 R16 L . 17.84 -20.03 12.31
C27 R16 M . 30.44 -21.50 5.08
C28 R16 M . 30.04 -21.29 3.66
C29 R16 M . 29.54 -22.52 2.95
C30 R16 M . 30.41 -22.93 1.77
C31 R16 M . 29.78 -23.93 0.84
C32 R16 M . 30.17 -23.72 -0.59
C33 R16 M . 31.66 -23.76 -0.84
C34 R16 M . 32.22 -22.53 -1.53
C35 R16 M . 33.49 -22.80 -2.32
C36 R16 M . 34.75 -22.28 -1.69
C37 R16 M . 35.26 -20.99 -2.27
C38 R16 M . 36.75 -20.97 -2.59
C39 R16 M . 37.61 -20.25 -1.56
C40 R16 M . 38.34 -19.01 -2.09
C41 R16 M . 38.78 -18.04 -1.02
C42 R16 M . 40.17 -17.47 -1.17
C1 8K6 N . 35.77 -12.14 -17.78
C2 8K6 N . 35.00 -12.69 -18.95
C3 8K6 N . 34.12 -13.87 -18.61
C4 8K6 N . 32.93 -14.08 -19.53
C5 8K6 N . 31.97 -15.17 -19.05
C6 8K6 N . 30.61 -15.16 -19.74
C7 8K6 N . 29.70 -16.35 -19.40
C8 8K6 N . 28.22 -16.08 -19.60
C9 8K6 N . 27.67 -16.38 -20.98
C10 8K6 N . 26.31 -17.04 -21.00
C11 8K6 N . 25.40 -16.68 -22.16
C12 8K6 N . 24.00 -17.30 -22.08
C13 8K6 N . 22.87 -16.29 -21.79
C14 8K6 N . 21.47 -16.89 -21.62
C15 8K6 N . 21.44 -18.40 -21.93
C16 8K6 N . 20.08 -18.96 -22.27
C17 8K6 N . 19.93 -20.46 -22.36
C18 8K6 N . 21.19 -21.29 -22.27
C1 D12 O . 17.00 -22.38 -23.56
C2 D12 O . 16.97 -23.82 -23.12
C3 D12 O . 15.70 -24.56 -23.47
C4 D12 O . 14.41 -23.73 -23.55
C5 D12 O . 13.13 -24.55 -23.46
C6 D12 O . 13.25 -26.04 -23.87
C7 D12 O . 12.40 -27.00 -23.05
C8 D12 O . 10.97 -26.51 -22.74
C9 D12 O . 10.27 -27.24 -21.63
C10 D12 O . 9.02 -27.99 -22.05
C11 D12 O . 9.01 -29.50 -21.89
C12 D12 O . 8.16 -30.02 -20.75
C1 PLC P . 27.29 0.59 14.76
C2 PLC P . 26.13 1.09 13.91
C3 PLC P . 26.59 1.89 12.70
C4 PLC P . 30.37 3.61 17.10
C5 PLC P . 31.72 2.98 17.38
C6 PLC P . 32.68 3.34 15.12
C7 PLC P . 33.76 1.82 16.68
C8 PLC P . 31.65 1.21 15.65
C' PLC P . 25.00 -1.03 14.23
C1' PLC P . 25.13 -2.35 13.53
C2' PLC P . 24.44 -3.47 14.18
C3' PLC P . 25.38 -4.37 14.91
C4' PLC P . 24.73 -5.54 15.59
C5' PLC P . 24.73 -6.73 14.75
C6' PLC P . 24.53 -8.00 15.46
C7' PLC P . 25.09 -9.21 14.77
C8' PLC P . 24.25 -10.44 14.99
C9' PLC P . 24.96 -11.76 14.82
CA' PLC P . 24.15 -12.96 15.34
CB' PLC P . 23.77 -13.99 14.32
CB PLC P . 25.13 2.53 10.97
C1B PLC P . 23.96 2.06 10.12
C2B PLC P . 24.06 0.63 9.76
C3B PLC P . 22.88 0.09 9.01
C4B PLC P . 23.02 -1.39 8.81
C5B PLC P . 23.10 -2.17 10.10
C6B PLC P . 22.12 -3.31 10.23
C7B PLC P . 21.37 -3.32 11.56
C8B PLC P . 20.87 -4.71 11.99
C9B PLC P . 19.35 -4.82 11.92
CAA PLC P . 18.76 -6.14 12.32
CBA PLC P . 19.40 -6.78 13.57
O' PLC P . 24.53 -0.82 15.31
OB PLC P . 25.44 3.69 11.11
O2 PLC P . 25.46 -0.09 13.38
O3 PLC P . 25.81 1.54 11.53
O1P PLC P . 26.85 2.69 16.55
O2P PLC P . 28.50 4.03 15.05
O3P PLC P . 28.39 1.55 14.89
O4P PLC P . 29.36 2.58 16.94
N PLC P . 32.44 2.34 16.21
P PLC P . 28.18 2.81 15.86
C27 R16 Q . 4.73 -32.15 13.13
C28 R16 Q . 5.67 -30.97 13.00
C29 R16 Q . 6.12 -30.53 11.63
C30 R16 Q . 7.50 -29.88 11.56
C31 R16 Q . 7.71 -28.72 12.51
C32 R16 Q . 9.14 -28.23 12.65
C33 R16 Q . 9.50 -27.84 14.05
C34 R16 Q . 10.90 -27.23 14.27
C35 R16 Q . 11.11 -25.91 13.59
C36 R16 Q . 11.53 -24.78 14.47
C37 R16 Q . 11.12 -23.40 13.98
C38 R16 Q . 12.23 -22.62 13.31
C39 R16 Q . 11.82 -21.30 12.71
C40 R16 Q . 12.34 -21.12 11.28
C41 R16 Q . 13.50 -20.21 11.03
C42 R16 Q . 13.34 -19.31 9.82
C1 8K6 R . 11.00 -13.76 -18.64
C2 8K6 R . 11.62 -15.09 -19.12
C3 8K6 R . 11.32 -16.32 -18.31
C4 8K6 R . 12.47 -17.31 -18.15
C5 8K6 R . 12.10 -18.79 -18.09
C6 8K6 R . 11.96 -19.47 -19.46
C7 8K6 R . 11.99 -21.00 -19.39
C8 8K6 R . 11.53 -21.78 -20.62
C9 8K6 R . 10.03 -21.89 -20.71
C10 8K6 R . 9.43 -23.26 -20.47
C11 8K6 R . 7.88 -23.23 -20.42
C12 8K6 R . 7.28 -24.51 -20.96
C13 8K6 R . 5.79 -24.61 -21.00
C14 8K6 R . 5.25 -25.85 -20.29
C15 8K6 R . 5.83 -27.19 -20.70
C16 8K6 R . 4.85 -28.32 -20.62
C17 8K6 R . 3.83 -28.36 -21.77
C18 8K6 R . 2.79 -29.47 -21.71
C1 RET S . -1.54 -2.75 -31.81
C2 RET S . -2.52 -3.29 -32.85
C3 RET S . -1.83 -3.92 -34.02
C4 RET S . -1.06 -2.82 -34.73
C5 RET S . -0.16 -2.06 -33.80
C6 RET S . -0.31 -2.09 -32.45
C7 RET S . 0.67 -1.45 -31.63
C8 RET S . 0.77 -1.39 -30.27
C9 RET S . 1.86 -0.73 -29.59
C10 RET S . 1.85 -0.65 -28.18
C11 RET S . 2.84 -0.21 -27.29
C12 RET S . 2.72 -0.29 -25.92
C13 RET S . 3.62 0.05 -24.90
C14 RET S . 3.22 -0.23 -23.59
C15 RET S . 3.96 -0.11 -22.35
C16 RET S . -2.32 -1.80 -30.92
C17 RET S . -1.17 -3.94 -30.93
C18 RET S . 0.85 -1.28 -34.59
C19 RET S . 3.11 -0.16 -30.28
C20 RET S . 4.94 0.70 -25.30
C10 A1L4O T . 4.04 -5.24 -37.83
C13 A1L4O T . 5.64 -3.40 -37.69
C15 A1L4O T . 7.30 -1.65 -38.03
C17 A1L4O T . 7.35 -0.32 -38.06
C20 A1L4O T . 9.85 2.36 -38.28
C21 A1L4O T . 9.90 3.64 -38.67
C22 A1L4O T . 8.74 4.40 -39.23
C24 A1L4O T . 11.36 5.58 -38.73
C26 A1L4O T . 12.98 7.41 -38.86
C28 A1L4O T . 14.35 7.89 -38.81
C02 A1L4O T . -1.54 -6.72 -40.72
C03 A1L4O T . -0.48 -5.98 -41.54
C04 A1L4O T . 0.87 -6.06 -40.85
C05 A1L4O T . 1.43 -7.49 -40.90
C06 A1L4O T . 1.84 -5.16 -41.65
C07 A1L4O T . 0.68 -5.50 -39.44
C08 A1L4O T . 1.89 -4.86 -38.91
C09 A1L4O T . 2.71 -5.73 -38.29
C11 A1L4O T . 5.07 -6.20 -37.27
C12 A1L4O T . 4.32 -3.91 -37.97
C14 A1L4O T . 5.96 -2.24 -38.27
C16 A1L4O T . 8.52 -2.47 -37.64
C18 A1L4O T . 8.60 0.35 -37.87
C19 A1L4O T . 8.63 1.58 -38.34
C23 A1L4O T . 11.21 4.29 -38.54
C25 A1L4O T . 12.71 6.13 -38.60
C27 A1L4O T . 11.95 8.39 -39.30
C29 A1L4O T . 14.58 9.13 -39.23
C30 A1L4O T . 15.96 9.63 -39.26
C31 A1L4O T . 16.21 10.90 -39.64
C32 A1L4O T . 15.11 11.84 -40.07
C33 A1L4O T . 17.59 11.41 -39.77
C34 A1L4O T . 18.63 10.57 -39.83
C35 A1L4O T . 20.07 11.01 -40.08
C37 A1L4O T . 20.61 12.23 -39.29
C39 A1L4O T . 21.33 11.79 -38.01
C40 A1L4O T . 21.61 12.96 -40.17
C41 A1L4O T . -0.38 -5.82 -38.67
C42 A1L4O T . -0.31 -5.83 -37.16
C43 A1L4O T . -1.74 -6.06 -39.34
O01 A1L4O T . -2.75 -6.70 -41.50
O36 A1L4O T . 20.91 9.87 -39.88
O38 A1L4O T . 19.59 13.16 -38.93
CL CL U . 0.26 -0.80 -19.78
CL CL V . 17.07 22.19 -13.23
O12 PC1 W . 26.49 5.43 -22.27
P PC1 W . 26.44 4.32 -23.28
O14 PC1 W . 25.81 4.58 -24.62
O13 PC1 W . 27.93 3.76 -23.41
C11 PC1 W . 28.48 2.82 -22.42
C12 PC1 W . 28.72 3.47 -21.08
N PC1 W . 30.15 3.43 -20.53
C13 PC1 W . 30.19 4.04 -19.17
C14 PC1 W . 30.63 2.02 -20.41
C15 PC1 W . 31.05 4.18 -21.43
O11 PC1 W . 25.64 3.08 -22.66
C1 PC1 W . 24.98 3.23 -21.38
C2 PC1 W . 24.32 1.89 -21.16
O21 PC1 W . 24.00 1.20 -22.41
C21 PC1 W . 23.63 -0.08 -22.21
O22 PC1 W . 24.10 -0.74 -21.33
C22 PC1 W . 22.39 -0.53 -22.88
C23 PC1 W . 21.55 -1.31 -21.93
C24 PC1 W . 20.18 -1.61 -22.47
C25 PC1 W . 20.06 -2.94 -23.14
C26 PC1 W . 19.02 -3.81 -22.54
C27 PC1 W . 18.93 -5.17 -23.12
C28 PC1 W . 17.85 -6.01 -22.55
C29 PC1 W . 16.64 -5.87 -23.34
C2A PC1 W . 15.49 -6.58 -22.75
C2B PC1 W . 15.66 -8.05 -22.69
C2C PC1 W . 15.48 -8.59 -21.33
C2D PC1 W . 14.10 -8.39 -20.81
C2E PC1 W . 13.54 -9.57 -20.14
C2F PC1 W . 14.40 -10.17 -19.07
C2G PC1 W . 13.70 -10.30 -17.74
C2H PC1 W . 14.23 -9.26 -16.76
C2I PC1 W . 13.51 -9.26 -15.43
C3 PC1 W . 22.96 1.92 -20.46
O31 PC1 W . 22.86 3.14 -19.72
C31 PC1 W . 22.61 2.99 -18.45
O32 PC1 W . 23.20 3.52 -17.56
C32 PC1 W . 21.29 2.39 -18.22
C33 PC1 W . 21.38 1.30 -17.35
C34 PC1 W . 21.21 0.00 -18.08
C35 PC1 W . 19.82 -0.40 -18.06
C36 PC1 W . 19.63 -1.79 -18.45
C37 PC1 W . 20.05 -2.66 -17.39
C38 PC1 W . 19.09 -3.73 -17.17
C39 PC1 W . 19.13 -4.79 -18.22
C3A PC1 W . 19.04 -6.15 -17.63
C3B PC1 W . 18.79 -6.14 -16.12
C3C PC1 W . 17.65 -6.97 -15.70
C3D PC1 W . 16.87 -6.38 -14.58
C3E PC1 W . 15.63 -5.73 -15.04
C3F PC1 W . 14.67 -5.45 -13.91
C3G PC1 W . 15.24 -4.61 -12.81
C3H PC1 W . 14.15 -4.34 -11.81
C3I PC1 W . 13.69 -2.91 -11.77
C1 PLC X . 8.11 21.79 -19.43
C2 PLC X . 7.11 21.53 -18.34
C3 PLC X . 6.91 22.69 -17.37
C4 PLC X . 9.89 25.38 -21.92
C5 PLC X . 9.32 26.77 -21.96
C6 PLC X . 11.48 27.91 -21.56
C7 PLC X . 10.64 27.72 -23.83
C8 PLC X . 9.54 29.20 -22.27
C' PLC X . 5.75 20.14 -19.72
C1' PLC X . 4.40 20.18 -20.42
C2' PLC X . 4.11 18.96 -21.19
C3' PLC X . 3.36 19.22 -22.48
C4' PLC X . 1.96 18.79 -22.43
C5' PLC X . 1.48 18.12 -23.66
C6' PLC X . 0.08 18.54 -24.04
C7' PLC X . -0.53 17.76 -25.17
C8' PLC X . -1.95 17.37 -24.91
C9' PLC X . -2.79 17.12 -26.13
CA' PLC X . -4.08 16.36 -25.85
CB' PLC X . -4.57 15.63 -27.06
CB PLC X . 6.86 21.53 -15.32
C1B PLC X . 5.99 20.56 -14.54
C2B PLC X . 4.56 20.87 -14.62
C3B PLC X . 3.62 19.73 -14.40
C4B PLC X . 2.57 19.62 -15.48
C5B PLC X . 2.28 18.17 -15.85
C6B PLC X . 1.92 17.93 -17.27
C7B PLC X . 2.59 16.78 -17.87
C8B PLC X . 1.88 15.48 -17.70
C9B PLC X . 1.35 14.95 -18.95
CAA PLC X . 1.26 13.47 -19.09
CBA PLC X . 1.24 13.21 -20.63
O' PLC X . 6.57 19.27 -19.67
OB PLC X . 8.03 21.69 -15.15
O2 PLC X . 5.89 21.30 -19.07
O3 PLC X . 6.16 22.21 -16.23
O1P PLC X . 7.05 25.31 -20.10
O2P PLC X . 9.34 24.37 -19.25
O3P PLC X . 7.48 22.88 -20.16
O4P PLC X . 8.83 24.40 -21.67
N PLC X . 10.25 27.89 -22.41
P PLC X . 8.18 24.32 -20.20
C01 C14 Y . 5.94 -24.05 -25.09
C02 C14 Y . 4.86 -23.23 -25.75
C03 C14 Y . 5.35 -22.02 -26.53
C04 C14 Y . 6.17 -21.01 -25.73
C05 C14 Y . 7.65 -21.00 -26.03
C06 C14 Y . 8.58 -20.85 -24.82
C07 C14 Y . 9.79 -19.94 -25.08
C08 C14 Y . 10.82 -19.88 -23.96
C09 C14 Y . 11.99 -18.94 -24.22
C10 C14 Y . 12.66 -18.37 -22.97
C11 C14 Y . 12.53 -16.85 -22.83
C12 C14 Y . 13.67 -16.15 -22.14
C13 C14 Y . 13.63 -14.62 -22.20
C14 C14 Y . 14.77 -13.87 -21.46
C27 R16 Z . 16.47 -4.32 -32.76
C28 R16 Z . 15.27 -3.77 -33.47
C29 R16 Z . 14.30 -4.83 -33.99
C30 R16 Z . 13.14 -4.37 -34.89
C31 R16 Z . 13.50 -3.34 -35.95
C32 R16 Z . 12.33 -2.79 -36.72
C33 R16 Z . 12.41 -1.29 -37.02
C34 R16 Z . 13.64 -0.85 -37.83
C35 R16 Z . 13.39 0.31 -38.80
C36 R16 Z . 14.12 1.61 -38.45
C37 R16 Z . 15.07 2.14 -39.50
C38 R16 Z . 15.60 3.54 -39.23
C39 R16 Z . 17.11 3.64 -39.13
C40 R16 Z . 17.64 4.95 -38.55
C41 R16 Z . 18.58 5.71 -39.45
C42 R16 Z . 19.64 6.53 -38.74
C27 R16 AA . -8.06 10.02 -31.74
C28 R16 AA . -7.44 9.79 -33.12
C29 R16 AA . -6.93 11.10 -33.71
C30 R16 AA . -6.52 11.11 -35.18
C31 R16 AA . -5.03 10.97 -35.41
C32 R16 AA . -4.33 12.18 -36.00
C33 R16 AA . -3.05 11.85 -36.75
C34 R16 AA . -1.78 12.28 -36.06
C35 R16 AA . -0.58 12.43 -36.97
C36 R16 AA . -0.52 13.74 -37.75
C37 R16 AA . 0.42 14.79 -37.18
C38 R16 AA . 1.87 14.57 -37.53
C39 R16 AA . 2.47 15.57 -38.48
C40 R16 AA . 2.70 16.95 -37.89
C41 R16 AA . 4.05 17.54 -38.19
C42 R16 AA . 5.18 16.96 -37.36
C27 R16 BA . -18.73 -5.83 -28.66
C28 R16 BA . -19.06 -4.41 -28.28
C29 R16 BA . -18.27 -3.74 -27.18
C30 R16 BA . -18.20 -2.20 -27.26
C31 R16 BA . -16.80 -1.61 -27.08
C32 R16 BA . -16.04 -1.20 -28.34
C33 R16 BA . -15.78 0.31 -28.42
C34 R16 BA . -14.48 0.79 -29.06
C35 R16 BA . -13.32 0.86 -28.11
C36 R16 BA . -12.84 2.22 -27.71
C37 R16 BA . -11.37 2.21 -27.23
C38 R16 BA . -11.16 2.38 -25.74
C39 R16 BA . -10.65 3.71 -25.30
C40 R16 BA . -11.55 4.46 -24.34
C41 R16 BA . -10.98 4.77 -22.97
C42 R16 BA . -11.21 6.18 -22.51
C01 C14 CA . -18.97 -6.77 -32.69
C02 C14 CA . -17.66 -6.27 -32.11
C03 C14 CA . -17.27 -4.87 -32.53
C04 C14 CA . -18.29 -3.79 -32.26
C05 C14 CA . -17.76 -2.55 -31.56
C06 C14 CA . -16.65 -1.81 -32.29
C07 C14 CA . -17.05 -0.52 -32.98
C08 C14 CA . -16.44 0.76 -32.40
C09 C14 CA . -16.07 1.81 -33.45
C10 C14 CA . -15.02 2.86 -33.03
C11 C14 CA . -14.04 3.20 -34.15
C12 C14 CA . -13.41 4.57 -34.09
C13 C14 CA . -12.06 4.72 -34.80
C14 C14 CA . -12.10 4.63 -36.32
C1 RET DA . -26.01 15.11 -10.97
C2 RET DA . -27.51 14.83 -11.04
C3 RET DA . -28.15 15.33 -12.25
C4 RET DA . -27.99 16.83 -12.29
C5 RET DA . -26.57 17.27 -12.06
C6 RET DA . -25.61 16.44 -11.56
C7 RET DA . -24.23 16.85 -11.56
C8 RET DA . -23.12 16.24 -11.01
C9 RET DA . -21.80 16.74 -11.19
C10 RET DA . -20.69 16.03 -10.77
C11 RET DA . -19.33 16.32 -10.91
C12 RET DA . -18.37 15.49 -10.41
C13 RET DA . -17.00 15.56 -10.42
C14 RET DA . -16.35 14.44 -9.85
C15 RET DA . -15.00 13.99 -10.08
C16 RET DA . -25.66 15.02 -9.49
C17 RET DA . -25.28 13.98 -11.71
C18 RET DA . -26.37 18.69 -12.50
C19 RET DA . -21.53 18.06 -11.91
C20 RET DA . -16.41 16.75 -11.05
C10 A1L4O EA . -27.87 18.76 -18.41
C13 A1L4O EA . -26.56 20.88 -18.39
C15 A1L4O EA . -25.33 22.99 -18.15
C17 A1L4O EA . -25.21 24.11 -17.44
C20 A1L4O EA . -23.10 27.17 -17.29
C21 A1L4O EA . -23.02 28.30 -16.58
C22 A1L4O EA . -23.99 28.71 -15.50
C24 A1L4O EA . -21.73 30.35 -16.30
C26 A1L4O EA . -20.43 32.42 -16.24
C28 A1L4O EA . -19.44 33.27 -16.90
C02 A1L4O EA . -33.93 17.36 -16.45
C03 A1L4O EA . -33.66 18.86 -16.56
C04 A1L4O EA . -32.46 19.08 -17.48
C05 A1L4O EA . -32.18 20.59 -17.60
C06 A1L4O EA . -32.71 18.53 -18.91
C07 A1L4O EA . -31.26 18.34 -16.86
C08 A1L4O EA . -29.96 18.88 -17.27
C09 A1L4O EA . -29.06 18.07 -17.84
C11 A1L4O EA . -27.04 18.13 -19.50
C12 A1L4O EA . -27.64 20.01 -17.92
C14 A1L4O EA . -26.41 22.05 -17.78
C16 A1L4O EA . -24.35 22.73 -19.26
C18 A1L4O EA . -24.16 25.08 -17.74
C19 A1L4O EA . -24.11 26.18 -17.02
C23 A1L4O EA . -21.95 29.24 -16.98
C25 A1L4O EA . -20.70 31.23 -16.79
C27 A1L4O EA . -21.17 32.97 -15.05
C29 A1L4O EA . -19.35 34.52 -16.48
C30 A1L4O EA . -18.47 35.46 -17.15
C31 A1L4O EA . -18.41 36.74 -16.74
C32 A1L4O EA . -19.21 37.26 -15.55
C33 A1L4O EA . -17.57 37.73 -17.44
C34 A1L4O EA . -16.86 37.48 -18.55
C35 A1L4O EA . -16.09 38.57 -19.25
C37 A1L4O EA . -15.01 39.36 -18.45
C39 A1L4O EA . -15.27 39.59 -16.96
C40 A1L4O EA . -13.62 38.78 -18.65
C41 A1L4O EA . -31.43 17.22 -16.10
C42 A1L4O EA . -30.32 16.39 -15.49
C43 A1L4O EA . -32.79 16.77 -15.62
O01 A1L4O EA . -35.19 17.10 -15.85
O36 A1L4O EA . -15.48 37.97 -20.41
O38 A1L4O EA . -14.99 40.67 -19.03
CL CL FA . -15.27 10.76 -6.98
CL CL GA . 5.32 30.56 -0.52
O12 PC1 HA . -0.51 28.67 -21.33
P PC1 HA . -1.13 27.69 -22.28
O14 PC1 HA . -2.42 28.04 -22.93
O13 PC1 HA . -0.11 27.47 -23.50
C11 PC1 HA . 1.26 27.04 -23.20
C12 PC1 HA . 2.27 27.82 -24.02
N PC1 HA . 3.43 27.03 -24.59
C13 PC1 HA . 2.92 26.08 -25.63
C14 PC1 HA . 4.40 27.97 -25.22
C15 PC1 HA . 4.13 26.26 -23.53
O11 PC1 HA . -1.16 26.25 -21.57
C1 PC1 HA . -1.29 25.07 -22.42
C2 PC1 HA . -1.81 23.79 -21.80
O21 PC1 HA . -3.09 23.43 -22.41
C21 PC1 HA . -3.28 22.13 -22.65
O22 PC1 HA . -2.40 21.30 -22.63
C22 PC1 HA . -4.71 21.77 -22.83
C23 PC1 HA . -5.16 20.78 -21.87
C24 PC1 HA . -5.56 19.47 -22.52
C25 PC1 HA . -6.94 19.52 -23.03
C26 PC1 HA . -7.82 18.29 -22.78
C27 PC1 HA . -7.12 16.99 -22.76
C28 PC1 HA . -7.95 15.84 -23.24
C29 PC1 HA . -9.35 15.84 -22.71
C2A PC1 HA . -10.06 14.49 -22.74
C2B PC1 HA . -9.20 13.28 -23.01
C2C PC1 HA . -9.81 11.97 -22.57
C2D PC1 HA . -8.89 11.10 -21.77
C2E PC1 HA . -9.25 9.63 -21.74
C2F PC1 HA . -8.11 8.68 -22.08
C2G PC1 HA . -6.73 9.05 -21.54
C2H PC1 HA . -6.28 8.42 -20.24
C2I PC1 HA . -6.73 6.99 -20.03
C3 PC1 HA . -2.16 23.83 -20.33
O31 PC1 HA . -1.37 22.85 -19.62
C31 PC1 HA . -0.09 23.02 -19.82
O32 PC1 HA . 0.36 23.93 -20.47
C32 PC1 HA . 0.65 21.92 -19.18
C33 PC1 HA . -0.25 20.95 -18.60
C34 PC1 HA . -1.02 20.22 -19.63
C35 PC1 HA . -1.32 18.80 -19.22
C36 PC1 HA . -2.48 18.19 -19.92
C37 PC1 HA . -2.14 17.08 -20.86
C38 PC1 HA . -3.08 15.91 -20.78
C39 PC1 HA . -3.73 15.52 -22.07
C3A PC1 HA . -3.71 14.03 -22.41
C3B PC1 HA . -2.47 13.27 -21.96
C3C PC1 HA . -2.71 11.81 -21.59
C3D PC1 HA . -3.74 11.60 -20.50
C3E PC1 HA . -3.34 10.60 -19.47
C3F PC1 HA . -2.46 11.13 -18.37
C3G PC1 HA . -2.12 10.13 -17.30
C3H PC1 HA . -1.69 10.71 -15.99
C3I PC1 HA . -1.60 9.69 -14.89
C1 PLC IA . -4.95 30.21 3.48
C2 PLC IA . -4.84 28.98 4.34
C3 PLC IA . -6.04 28.09 4.17
C4 PLC IA . -3.52 34.95 4.57
C5 PLC IA . -4.36 35.63 5.61
C6 PLC IA . -3.72 37.85 4.71
C7 PLC IA . -5.95 36.99 4.31
C8 PLC IA . -5.31 37.70 6.54
C' PLC IA . -2.86 27.56 4.80
C1' PLC IA . -3.53 26.58 5.64
C2' PLC IA . -2.93 25.23 5.44
C3' PLC IA . -4.01 24.15 5.33
C4' PLC IA . -4.91 23.97 6.53
C5' PLC IA . -5.96 22.94 6.26
C6' PLC IA . -7.24 23.47 5.73
C7' PLC IA . -7.60 22.97 4.34
C8' PLC IA . -8.94 22.37 4.27
C9' PLC IA . -9.43 22.07 2.90
CA' PLC IA . -10.25 20.78 2.65
CB' PLC IA . -11.63 21.20 2.08
CB PLC IA . -7.28 27.06 2.42
C1B PLC IA . -8.33 26.87 3.48
C2B PLC IA . -9.35 27.95 3.42
C3B PLC IA . -10.63 27.59 4.12
C4B PLC IA . -11.46 26.59 3.42
C5B PLC IA . -12.91 26.93 3.47
C6B PLC IA . -13.74 26.33 4.60
C7B PLC IA . -15.11 25.89 4.12
C8B PLC IA . -16.19 25.75 5.18
C9B PLC IA . -17.58 25.51 4.62
CAA PLC IA . -18.31 24.29 5.12
CBA PLC IA . -19.80 24.38 4.95
O' PLC IA . -1.67 27.54 4.89
OB PLC IA . -7.36 26.54 1.34
O2 PLC IA . -3.52 28.43 3.99
O3 PLC IA . -6.24 27.83 2.77
O1P PLC IA . -3.94 32.60 2.32
O2P PLC IA . -6.00 33.60 3.56
O3P PLC IA . -5.02 31.40 4.30
O4P PLC IA . -3.72 33.51 4.63
N PLC IA . -4.84 37.04 5.29
P PLC IA . -4.72 32.82 3.59
C01 C14 JA . -22.11 -0.87 -27.10
C02 C14 JA . -22.07 0.66 -26.98
C03 C14 JA . -20.94 1.24 -27.81
C04 C14 JA . -19.74 1.79 -27.08
C05 C14 JA . -19.33 3.18 -27.53
C06 C14 JA . -17.83 3.40 -27.61
C07 C14 JA . -17.36 4.13 -28.85
C08 C14 JA . -16.47 5.35 -28.58
C09 C14 JA . -15.00 5.04 -28.37
C10 C14 JA . -14.36 5.79 -27.21
C11 C14 JA . -13.49 6.98 -27.56
C12 C14 JA . -12.35 7.23 -26.56
C13 C14 JA . -12.17 8.63 -25.98
C14 C14 JA . -10.79 9.30 -26.17
C01 C14 KA . -17.41 34.25 -21.02
C02 C14 KA . -17.78 32.80 -21.31
C03 C14 KA . -19.22 32.43 -21.03
C04 C14 KA . -19.44 31.00 -20.58
C05 C14 KA . -20.65 30.26 -21.19
C06 C14 KA . -20.94 28.91 -20.56
C07 C14 KA . -21.67 27.90 -21.42
C08 C14 KA . -21.35 26.43 -21.14
C09 C14 KA . -21.60 25.50 -22.33
C10 C14 KA . -21.48 24.00 -22.05
C11 C14 KA . -20.06 23.48 -22.04
C12 C14 KA . -19.57 22.79 -23.31
C13 C14 KA . -18.19 22.14 -23.17
C14 C14 KA . -17.11 22.55 -24.16
C1 D10 LA . -26.79 27.26 -1.19
C2 D10 LA . -26.29 27.71 -2.55
C3 D10 LA . -26.41 29.19 -2.84
C4 D10 LA . -25.32 30.09 -2.27
C5 D10 LA . -25.11 31.41 -3.00
C6 D10 LA . -24.66 32.53 -2.07
C7 D10 LA . -24.33 33.84 -2.75
C8 D10 LA . -23.26 33.75 -3.80
C9 D10 LA . -22.60 35.06 -4.17
C10 D10 LA . -21.14 34.94 -4.53
C1 8K6 MA . -27.38 22.03 1.38
C2 8K6 MA . -28.13 20.71 1.23
C3 8K6 MA . -29.57 20.75 0.65
C4 8K6 MA . -30.22 19.38 0.38
C5 8K6 MA . -31.72 19.39 0.14
C6 8K6 MA . -32.32 18.10 -0.45
C7 8K6 MA . -33.22 17.25 0.47
C8 8K6 MA . -32.49 16.09 1.14
C9 8K6 MA . -33.34 15.07 1.87
C10 8K6 MA . -34.01 14.05 0.98
C11 8K6 MA . -34.17 12.66 1.58
C12 8K6 MA . -35.36 11.88 1.02
C13 8K6 MA . -35.10 10.41 0.75
C14 8K6 MA . -36.15 9.74 -0.12
C15 8K6 MA . -35.75 8.37 -0.67
C16 8K6 MA . -36.87 7.33 -0.66
C17 8K6 MA . -36.86 6.31 -1.79
C18 8K6 MA . -36.45 4.91 -1.37
C27 R16 NA . -33.82 4.00 0.28
C28 R16 NA . -32.71 4.02 1.36
C29 R16 NA . -32.24 5.37 1.90
C30 R16 NA . -31.76 6.38 0.87
C31 R16 NA . -30.98 7.58 1.42
C32 R16 NA . -31.28 8.90 0.71
C33 R16 NA . -30.72 10.19 1.36
C34 R16 NA . -29.64 10.91 0.58
C35 R16 NA . -28.24 10.81 1.19
C36 R16 NA . -27.37 11.98 0.94
C37 R16 NA . -26.12 11.72 0.16
C38 R16 NA . -24.98 11.18 0.97
C39 R16 NA . -24.77 11.78 2.31
C40 R16 NA . -23.59 11.18 3.02
C41 R16 NA . -23.13 11.93 4.25
C42 R16 NA . -21.65 11.82 4.48
C1 RET OA . -20.33 5.20 24.00
C2 RET OA . -21.37 4.43 24.81
C3 RET OA . -22.61 5.23 25.13
C4 RET OA . -22.25 6.44 25.98
C5 RET OA . -21.05 7.16 25.43
C6 RET OA . -20.22 6.64 24.48
C7 RET OA . -19.32 7.55 23.89
C8 RET OA . -18.46 7.39 22.88
C9 RET OA . -17.71 8.46 22.30
C10 RET OA . -16.86 8.11 21.23
C11 RET OA . -16.15 8.91 20.39
C12 RET OA . -15.28 8.44 19.43
C13 RET OA . -14.47 9.17 18.50
C14 RET OA . -13.89 8.43 17.49
C15 RET OA . -13.32 8.86 16.25
C16 RET OA . -19.00 4.45 24.02
C17 RET OA . -20.76 5.11 22.54
C18 RET OA . -20.99 8.57 25.95
C19 RET OA . -17.79 9.92 22.73
C20 RET OA . -14.32 10.65 18.67
C10 A1L4O PA . -26.24 11.24 25.78
C13 A1L4O PA . -24.71 13.19 26.06
C15 A1L4O PA . -23.39 15.18 26.71
C17 A1L4O PA . -22.54 15.67 27.63
C20 A1L4O PA . -20.43 18.67 28.31
C21 A1L4O PA . -19.55 19.15 29.21
C22 A1L4O PA . -19.21 18.48 30.52
C24 A1L4O PA . -18.19 21.07 29.77
C26 A1L4O PA . -16.84 23.05 30.28
C28 A1L4O PA . -16.46 24.41 29.91
C02 A1L4O PA . -28.67 6.32 29.13
C03 A1L4O PA . -28.32 7.55 29.93
C04 A1L4O PA . -28.17 8.73 28.98
C05 A1L4O PA . -29.47 9.01 28.22
C06 A1L4O PA . -27.80 9.93 29.84
C07 A1L4O PA . -27.02 8.36 28.03
C08 A1L4O PA . -26.29 9.53 27.54
C09 A1L4O PA . -26.80 9.99 26.38
C11 A1L4O PA . -26.75 11.71 24.42
C12 A1L4O PA . -25.30 11.92 26.47
C14 A1L4O PA . -24.01 13.87 26.98
C16 A1L4O PA . -23.66 15.98 25.47
C18 A1L4O PA . -21.87 16.96 27.46
C19 A1L4O PA . -21.11 17.41 28.45
C23 A1L4O PA . -18.98 20.48 28.90
C25 A1L4O PA . -17.69 22.40 29.47
C27 A1L4O PA . -16.37 22.47 31.59
C29 A1L4O PA . -15.89 25.16 30.83
C30 A1L4O PA . -15.53 26.54 30.57
C31 A1L4O PA . -14.87 27.26 31.48
C32 A1L4O PA . -14.44 26.69 32.83
C33 A1L4O PA . -14.60 28.65 31.10
C34 A1L4O PA . -14.18 29.55 31.99
C35 A1L4O PA . -13.95 30.99 31.61
C37 A1L4O PA . -12.45 31.25 31.46
C39 A1L4O PA . -11.57 30.16 32.09
C40 A1L4O PA . -12.09 32.58 32.11
C41 A1L4O PA . -26.87 7.11 27.51
C42 A1L4O PA . -26.11 6.89 26.25
C43 A1L4O PA . -27.42 5.92 28.31
O01 A1L4O PA . -29.18 5.34 30.06
O36 A1L4O PA . -14.66 31.35 30.41
O38 A1L4O PA . -12.10 31.32 30.07
CL CL QA . -11.94 4.80 15.22
CL CL RA . 9.66 24.26 16.61
O12 PC1 SA . -9.90 31.42 11.73
P PC1 SA . -11.37 31.26 12.02
O14 PC1 SA . -11.89 31.30 13.44
O13 PC1 SA . -12.10 32.42 11.20
C11 PC1 SA . -12.29 32.26 9.76
C12 PC1 SA . -11.01 32.55 9.00
N PC1 SA . -10.90 33.93 8.37
C13 PC1 SA . -9.69 34.00 7.50
C14 PC1 SA . -12.11 34.22 7.53
C15 PC1 SA . -10.80 34.96 9.44
O11 PC1 SA . -11.82 29.91 11.31
C1 PC1 SA . -10.91 29.27 10.37
C2 PC1 SA . -11.66 28.09 9.80
O21 PC1 SA . -12.98 28.14 10.40
C21 PC1 SA . -13.93 27.52 9.71
O22 PC1 SA . -14.02 27.52 8.51
C22 PC1 SA . -14.64 26.51 10.53
C23 PC1 SA . -14.93 25.24 9.78
C24 PC1 SA . -16.08 24.49 10.45
C25 PC1 SA . -16.35 23.15 9.89
C26 PC1 SA . -17.75 22.72 9.99
C27 PC1 SA . -18.07 21.48 9.19
C28 PC1 SA . -18.51 20.35 10.08
C29 PC1 SA . -19.74 19.68 9.64
C2A PC1 SA . -19.59 19.02 8.33
C2B PC1 SA . -20.32 17.71 8.22
C2C PC1 SA . -19.98 16.97 6.96
C2D PC1 SA . -19.49 15.59 7.17
C2E PC1 SA . -20.09 14.59 6.21
C2F PC1 SA . -19.96 14.95 4.75
C2G PC1 SA . -18.61 15.48 4.36
C2H PC1 SA . -18.15 14.98 3.02
C2I PC1 SA . -17.05 13.99 3.10
C3 PC1 SA . -11.09 26.72 10.12
O31 PC1 SA . -9.77 26.59 9.56
C31 PC1 SA . -9.58 25.90 8.44
O32 PC1 SA . -8.51 25.77 7.93
C32 PC1 SA . -10.76 25.22 7.85
C33 PC1 SA . -10.88 23.82 8.32
C34 PC1 SA . -11.37 22.87 7.26
C35 PC1 SA . -12.73 23.19 6.80
C36 PC1 SA . -13.71 22.13 7.05
C37 PC1 SA . -14.00 21.29 5.86
C38 PC1 SA . -15.04 21.89 4.98
C39 PC1 SA . -16.26 21.07 4.83
C3A PC1 SA . -16.00 19.69 4.35
C3B PC1 SA . -15.14 19.58 3.12
C3C PC1 SA . -15.25 18.23 2.47
C3D PC1 SA . -15.34 17.07 3.46
C3E PC1 SA . -14.15 16.18 3.52
C3F PC1 SA . -12.86 16.88 3.27
C3G PC1 SA . -11.99 16.15 2.34
C3H PC1 SA . -11.31 15.03 3.01
C3I PC1 SA . -9.93 15.45 3.46
C1 PLC TA . 6.56 16.77 24.04
C2 PLC TA . 6.69 15.28 23.93
C3 PLC TA . 5.47 14.69 23.24
C4 PLC TA . 7.84 19.90 27.79
C5 PLC TA . 8.30 21.15 27.06
C6 PLC TA . 9.53 23.28 27.06
C7 PLC TA . 9.07 22.17 29.17
C8 PLC TA . 10.70 21.23 27.63
C' PLC TA . 8.25 15.23 22.04
C1' PLC TA . 8.87 14.15 21.24
C2' PLC TA . 7.90 13.44 20.37
C3' PLC TA . 8.06 11.92 20.33
C4' PLC TA . 7.72 11.25 21.62
C5' PLC TA . 6.72 10.14 21.52
C6' PLC TA . 5.41 10.48 22.20
C7' PLC TA . 4.26 9.55 21.92
C8' PLC TA . 2.91 10.01 22.41
C9' PLC TA . 1.71 9.21 21.80
CA' PLC TA . 0.71 8.95 22.89
CB' PLC TA . -0.67 8.64 22.44
CB PLC TA . 4.09 13.66 24.91
C1B PLC TA . 2.88 13.84 25.74
C2B PLC TA . 2.79 12.86 26.86
C3B PLC TA . 2.30 11.52 26.39
C4B PLC TA . 1.28 10.91 27.32
C5B PLC TA . 1.81 10.60 28.67
C6B PLC TA . 1.42 9.25 29.19
C7B PLC TA . -0.06 9.05 29.34
C8B PLC TA . -0.49 7.63 29.18
C9B PLC TA . -0.63 6.85 30.45
CAA PLC TA . -2.03 6.31 30.67
CBA PLC TA . -2.02 4.84 30.84
O' PLC TA . 8.10 16.35 21.62
OB PLC TA . 4.76 12.68 24.98
O2 PLC TA . 7.91 14.81 23.26
O3 PLC TA . 4.35 14.74 24.15
O1P PLC TA . 8.76 17.14 26.73
O2P PLC TA . 8.33 18.89 24.83
O3P PLC TA . 6.68 17.02 25.43
O4P PLC TA . 7.06 19.06 26.90
N PLC TA . 9.39 21.95 27.73
P PLC TA . 7.82 18.02 25.94
C27 R16 UA . -23.47 22.37 18.39
C28 R16 UA . -23.45 20.97 18.96
C29 R16 UA . -24.26 20.79 20.23
C30 R16 UA . -23.50 20.14 21.37
C31 R16 UA . -24.34 19.35 22.37
C32 R16 UA . -23.67 19.22 23.73
C33 R16 UA . -23.80 20.44 24.61
C34 R16 UA . -22.59 20.78 25.46
C35 R16 UA . -22.72 22.11 26.19
C36 R16 UA . -21.45 22.64 26.82
C37 R16 UA . -21.45 24.15 27.05
C38 R16 UA . -20.34 24.66 27.97
C39 R16 UA . -20.16 26.16 28.00
C40 R16 UA . -18.91 26.69 27.33
C41 R16 UA . -18.07 27.64 28.17
C42 R16 UA . -18.16 29.10 27.77
C27 R16 VA . -9.86 1.83 32.71
C28 R16 VA . -9.70 3.18 33.37
C29 R16 VA . -10.73 3.50 34.43
C30 R16 VA . -10.22 4.49 35.50
C31 R16 VA . -11.02 5.77 35.60
C32 R16 VA . -10.24 7.01 35.99
C33 R16 VA . -11.04 8.29 35.89
C34 R16 VA . -10.27 9.52 35.53
C35 R16 VA . -11.02 10.81 35.79
C36 R16 VA . -10.60 11.59 37.04
C37 R16 VA . -9.69 12.77 36.77
C38 R16 VA . -8.85 13.19 37.95
C39 R16 VA . -8.25 14.58 37.89
C40 R16 VA . -9.09 15.64 37.19
C41 R16 VA . -8.59 17.06 37.37
C42 R16 VA . -7.90 17.64 36.15
C1 D12 WA . -16.39 -4.06 33.52
C2 D12 WA . -15.06 -4.44 32.88
C3 D12 WA . -15.09 -5.69 32.01
C4 D12 WA . -16.14 -6.73 32.38
C5 D12 WA . -16.40 -7.78 31.34
C6 D12 WA . -17.66 -8.58 31.57
C7 D12 WA . -18.80 -8.30 30.61
C8 D12 WA . -19.18 -9.46 29.71
C9 D12 WA . -20.66 -9.71 29.63
C10 D12 WA . -21.04 -11.01 28.97
C11 D12 WA . -22.32 -10.94 28.15
C12 D12 WA . -22.99 -12.28 27.94
C27 R16 XA . -20.54 -12.14 25.55
C28 R16 XA . -19.19 -12.83 25.52
C29 R16 XA . -18.08 -11.90 25.08
C30 R16 XA . -16.79 -11.99 25.84
C31 R16 XA . -15.87 -10.78 25.69
C32 R16 XA . -16.33 -9.51 26.39
C33 R16 XA . -15.16 -8.77 27.02
C34 R16 XA . -15.40 -7.36 27.47
C35 R16 XA . -14.12 -6.57 27.71
C36 R16 XA . -14.02 -5.26 26.95
C37 R16 XA . -12.61 -4.86 26.58
C38 R16 XA . -12.53 -3.90 25.40
C39 R16 XA . -11.14 -3.34 25.17
C40 R16 XA . -10.11 -4.33 24.66
C41 R16 XA . -8.74 -4.19 25.23
C42 R16 XA . -7.57 -4.04 24.25
C1 RET YA . 7.69 -18.65 24.78
C2 RET YA . 7.56 -20.12 25.15
C3 RET YA . 7.24 -20.34 26.58
C4 RET YA . 8.42 -19.80 27.38
C5 RET YA . 8.87 -18.44 26.95
C6 RET YA . 8.45 -17.83 25.81
C7 RET YA . 8.71 -16.41 25.58
C8 RET YA . 8.36 -15.59 24.56
C9 RET YA . 8.67 -14.21 24.49
C10 RET YA . 8.34 -13.48 23.34
C11 RET YA . 8.37 -12.09 23.11
C12 RET YA . 7.94 -11.47 21.97
C13 RET YA . 7.82 -10.12 21.64
C14 RET YA . 7.20 -9.89 20.41
C15 RET YA . 6.66 -8.63 19.96
C16 RET YA . 8.38 -18.67 23.43
C17 RET YA . 6.26 -18.10 24.62
C18 RET YA . 9.83 -17.86 27.99
C19 RET YA . 9.29 -13.45 25.64
C20 RET YA . 8.37 -9.09 22.56
C10 A1L4O ZA . 6.85 -18.09 33.45
C13 A1L4O ZA . 8.47 -16.29 33.67
C15 A1L4O ZA . 10.08 -14.60 34.32
C17 A1L4O ZA . 11.36 -14.30 34.34
C20 A1L4O ZA . 13.75 -11.69 35.29
C21 A1L4O ZA . 15.09 -11.60 35.36
C22 A1L4O ZA . 16.06 -12.72 35.09
C24 A1L4O ZA . 16.85 -10.05 35.90
C26 A1L4O ZA . 18.54 -8.43 36.51
C28 A1L4O ZA . 18.92 -7.15 37.03
C02 A1L4O ZA . 7.01 -24.46 32.64
C03 A1L4O ZA . 7.75 -23.77 33.78
C04 A1L4O ZA . 7.11 -22.43 34.07
C05 A1L4O ZA . 5.66 -22.62 34.53
C06 A1L4O ZA . 7.88 -21.75 35.20
C07 A1L4O ZA . 7.31 -21.67 32.76
C08 A1L4O ZA . 7.70 -20.28 32.93
C09 A1L4O ZA . 6.63 -19.53 33.24
C11 A1L4O ZA . 5.67 -17.18 33.74
C12 A1L4O ZA . 8.13 -17.65 33.38
C14 A1L4O ZA . 9.73 -15.99 33.96
C16 A1L4O ZA . 9.07 -13.51 34.64
C18 A1L4O ZA . 11.81 -12.97 34.71
C19 A1L4O ZA . 13.12 -12.91 34.88
C23 A1L4O ZA . 15.57 -10.28 35.80
C25 A1L4O ZA . 17.24 -8.73 36.38
C27 A1L4O ZA . 19.66 -9.37 36.21
C29 A1L4O ZA . 20.21 -6.84 37.16
C30 A1L4O ZA . 20.43 -5.53 37.72
C31 A1L4O ZA . 21.64 -4.98 37.83
C32 A1L4O ZA . 22.93 -5.69 37.49
C33 A1L4O ZA . 21.70 -3.72 38.57
C34 A1L4O ZA . 20.99 -3.70 39.73
C35 A1L4O ZA . 20.99 -2.54 40.72
C37 A1L4O ZA . 22.14 -1.51 40.68
C39 A1L4O ZA . 23.51 -1.93 40.10
C40 A1L4O ZA . 21.71 -0.20 40.02
C41 A1L4O ZA . 6.93 -22.17 31.57
C42 A1L4O ZA . 6.42 -21.32 30.44
C43 A1L4O ZA . 7.12 -23.66 31.34
O01 A1L4O ZA . 7.59 -25.76 32.48
O36 A1L4O ZA . 19.71 -1.89 40.58
O38 A1L4O ZA . 22.42 -1.16 42.04
CL CL AB . 5.87 -10.27 16.01
CL CL BB . 24.22 12.13 14.94
O12 PC1 CB . 10.73 11.12 31.34
P PC1 CB . 9.77 10.34 32.19
O14 PC1 CB . 10.38 9.49 33.25
O13 PC1 CB . 8.85 11.46 32.89
C11 PC1 CB . 8.65 12.73 32.17
C12 PC1 CB . 7.56 13.58 32.77
N PC1 CB . 7.77 15.08 32.73
C13 PC1 CB . 8.84 15.47 33.69
C14 PC1 CB . 8.16 15.53 31.36
C15 PC1 CB . 6.51 15.77 33.11
O11 PC1 CB . 8.68 9.58 31.26
C1 PC1 CB . 8.24 10.15 29.95
C2 PC1 CB . 8.34 9.28 28.69
O21 PC1 CB . 7.75 10.02 27.61
C21 PC1 CB . 6.78 9.44 26.88
O22 PC1 CB . 5.85 10.10 26.53
C22 PC1 CB . 7.04 8.19 26.16
C23 PC1 CB . 5.90 7.83 25.29
C24 PC1 CB . 4.61 7.97 26.03
C25 PC1 CB . 3.96 6.70 26.33
C26 PC1 CB . 3.05 6.25 25.25
C27 PC1 CB . 1.62 6.29 25.60
C28 PC1 CB . 1.18 5.18 26.49
C29 PC1 CB . -0.26 4.75 26.30
C2A PC1 CB . -1.15 5.75 25.63
C2B PC1 CB . -2.26 5.15 24.87
C2C PC1 CB . -1.81 4.07 23.93
C2D PC1 CB . -2.62 4.00 22.69
C2E PC1 CB . -2.03 4.73 21.55
C2F PC1 CB . -1.24 3.83 20.64
C2G PC1 CB . -1.31 4.25 19.20
C2H PC1 CB . -0.01 4.55 18.59
C2I PC1 CB . -0.05 4.32 17.09
C3 PC1 CB . 7.46 8.07 28.62
O31 PC1 CB . 6.23 8.38 29.29
C31 PC1 CB . 6.34 8.26 30.60
O32 PC1 CB . 7.35 8.50 31.21
C32 PC1 CB . 5.23 7.41 31.10
C33 PC1 CB . 5.48 6.00 30.81
C34 PC1 CB . 4.49 5.43 29.81
C35 PC1 CB . 4.15 3.98 30.10
C36 PC1 CB . 2.72 3.62 29.81
C37 PC1 CB . 2.41 2.18 29.94
C38 PC1 CB . 1.09 1.80 29.30
C39 PC1 CB . 0.50 0.54 29.83
C3A PC1 CB . 0.05 -0.43 28.80
C3B PC1 CB . -1.41 -0.40 28.49
C3C PC1 CB . -1.83 -1.45 27.46
C3D PC1 CB . -2.51 -0.90 26.21
C3E PC1 CB . -3.86 -1.53 25.94
C3F PC1 CB . -4.45 -1.29 24.57
C3G PC1 CB . -4.89 0.12 24.34
C3H PC1 CB . -4.14 0.83 23.24
C3I PC1 CB . -4.68 0.54 21.86
C1 D12 DB . -7.35 -3.04 28.61
C2 D12 DB . -7.84 -4.49 28.65
C3 D12 DB . -9.34 -4.75 28.80
C4 D12 DB . -9.61 -6.09 29.45
C5 D12 DB . -11.04 -6.54 29.51
C6 D12 DB . -11.21 -7.92 30.15
C7 D12 DB . -11.60 -9.04 29.19
C8 D12 DB . -12.25 -10.23 29.86
C9 D12 DB . -12.62 -11.35 28.91
C10 D12 DB . -11.49 -12.30 28.62
C11 D12 DB . -11.28 -13.36 29.66
C12 D12 DB . -12.20 -14.55 29.50
C01 C14 EB . 16.13 -4.50 40.14
C02 C14 EB . 15.91 -5.53 39.05
C03 C14 EB . 15.41 -6.90 39.49
C04 C14 EB . 13.92 -7.18 39.25
C05 C14 EB . 13.58 -8.56 38.68
C06 C14 EB . 12.50 -8.54 37.60
C07 C14 EB . 11.31 -9.48 37.82
C08 C14 EB . 10.00 -9.00 37.20
C09 C14 EB . 8.87 -10.01 37.18
C10 C14 EB . 7.80 -9.80 36.10
C11 C14 EB . 6.48 -9.21 36.58
C12 C14 EB . 6.55 -7.71 36.91
C13 C14 EB . 5.92 -6.75 35.92
C14 C14 EB . 5.75 -5.34 36.45
C27 R16 FB . 20.44 -21.16 17.23
C28 R16 FB . 20.23 -20.70 18.65
C29 R16 FB . 20.48 -21.77 19.69
C30 R16 FB . 21.02 -21.26 21.01
C31 R16 FB . 22.49 -20.88 21.01
C32 R16 FB . 23.17 -20.88 22.38
C33 R16 FB . 23.67 -19.52 22.87
C34 R16 FB . 22.68 -18.72 23.69
C35 R16 FB . 23.17 -18.31 25.05
C36 R16 FB . 24.07 -17.10 25.04
C37 R16 FB . 24.56 -16.63 26.41
C38 R16 FB . 26.02 -16.19 26.44
C39 R16 FB . 26.28 -14.92 27.21
C40 R16 FB . 27.68 -14.78 27.76
C41 R16 FB . 28.22 -13.37 27.81
C42 R16 FB . 27.48 -12.42 28.74
C01 C14 GB . 17.96 -25.12 20.19
C02 C14 GB . 17.11 -26.42 20.18
C03 C14 GB . 16.57 -26.75 18.79
C04 C14 GB . 15.65 -27.96 18.55
C05 C14 GB . 15.53 -28.29 17.04
C06 C14 GB . 14.14 -28.56 16.50
C07 C14 GB . 13.61 -29.96 16.77
C08 C14 GB . 12.44 -30.37 15.90
C09 C14 GB . 11.41 -31.27 16.58
C10 C14 GB . 10.08 -31.37 15.85
C11 C14 GB . 9.04 -32.22 16.56
C12 C14 GB . 7.95 -32.77 15.66
C13 C14 GB . 6.55 -32.73 16.23
C14 C14 GB . 5.64 -33.84 15.75
#